data_2BQ1
#
_entry.id   2BQ1
#
_cell.length_a   270.372
_cell.length_b   270.372
_cell.length_c   270.372
_cell.angle_alpha   90.00
_cell.angle_beta   90.00
_cell.angle_gamma   90.00
#
_symmetry.space_group_name_H-M   'P 41 3 2'
#
loop_
_entity.id
_entity.type
_entity.pdbx_description
1 polymer 'RIBONUCLEOSIDE-DIPHOSPHATE REDUCTASE 2 ALPHA SUBUNIT'
2 polymer 'RIBONUCLEOSIDE-DIPHOSPHATE REDUCTASE 2 BETA SUBUNIT'
3 non-polymer "2'-DEOXYGUANOSINE-5'-TRIPHOSPHATE"
4 non-polymer 'MAGNESIUM ION'
5 non-polymer 'FE (III) ION'
#
loop_
_entity_poly.entity_id
_entity_poly.type
_entity_poly.pdbx_seq_one_letter_code
_entity_poly.pdbx_strand_id
1 'polypeptide(L)'
;MATTTPERVMQETMDYHALNAMLNLYDKAGHIQFDKDQQAIDAFFATHVRPHSVTFASQHERLGTLVREGYYDDAVLARY
DRAFVLRLFEHAHASGFRFQTFLGAWKFYTSYTLKTFDGKRYLEHFEDRVTMVALTLAQGDETLATQLTDEMLSGRFQPA
TPTFLNCGKQQRGELVSCFLLRIEDNMESIGRAVNSALQLSKRGGGVAFLLSNLREAGAPIKRIENQSSGVIPVMKMLED
AFSYANQLGARQGAGAVYLHAHHPDILRFLDTKRENADEKIRIKTLSLGVVIPDITFRLAKENAQMALFSPYDIQRRYGK
PFGDIAISERYDELIADPHVRKTYINARDFFQTLAEIQFESGYPYIMFEDTVNRANPIAGRINMSNLCSEILQVNSASRY
DDNLDYTHIGHDISCNLGSLNIAHVMDSPDIGRTVETAIRGLTAVSDMSHIRSVPSIAAGNAASHAIGLGQMNLHGYLAR
EGIAYGSPEALDFTNLYFYTITWHAVHTSMRLARERGKTFAGFAQSRYASGDYFTQYLQDDWQPKTAKVRALFARSGITL
PTREMWLKLRDDVMRYGIYNQNLQAVPPTGSISYINHATSSIHPIVAKIEIRKEGKTGRVYYPAPFMTNENLDMYQDAYD
IGPEKIIDTYAEATRHVDQGLSLTLFFPDTATTRDINKAQIYAWRKGIKSLYYIRLRQLALEGTEIEGCVSCAL
;
E,F
2 'polypeptide(L)'
;MKLSRISAINWNKIQDDKDLEVWNRLTSNFWLPEKVPLSNDIPAWQTLSAAEQQLTIRVFTGLTLLDTIQNIAGAPSLMA
DAITPHEEAVLSNISFMEAVHARSYSSIFSTLCQTKEVDAAYAWSEENPPLQRKAQIILAHYVSDEPLKKKIASVFLESF
LFYSGFWLPMYFSSRGKLTNTADLIRLIIRDEAVHGYYIGYKYQIALQKLSAIEREELKLFALDLLMELYDNEIRYTEAL
YAETGWVNDVKAFLCYNANKALMNLGYEALFPPEMADVNPAILAALSPNADENHDFFSGSGSSYVMGKTVETEDEDWNF
;
I,J
#
loop_
_chem_comp.id
_chem_comp.type
_chem_comp.name
_chem_comp.formula
DGT non-polymer 2'-DEOXYGUANOSINE-5'-TRIPHOSPHATE 'C10 H16 N5 O13 P3'
FE non-polymer 'FE (III) ION' 'Fe 3'
MG non-polymer 'MAGNESIUM ION' 'Mg 2'
#
# COMPACT_ATOMS: atom_id res chain seq x y z
N GLU A 12 -3.56 -46.67 10.53
CA GLU A 12 -2.72 -46.01 11.57
C GLU A 12 -2.98 -44.49 11.62
N THR A 13 -1.90 -43.70 11.65
CA THR A 13 -1.88 -42.26 11.38
C THR A 13 -2.81 -41.38 12.18
N MET A 14 -2.32 -40.76 13.25
CA MET A 14 -3.08 -39.70 13.90
C MET A 14 -2.18 -38.54 14.31
N ASP A 15 -1.75 -37.79 13.30
CA ASP A 15 -0.92 -36.60 13.48
C ASP A 15 -1.63 -35.61 14.37
N TYR A 16 -0.89 -35.08 15.35
CA TYR A 16 -1.48 -34.18 16.34
C TYR A 16 -2.38 -33.12 15.71
N HIS A 17 -2.10 -32.77 14.46
CA HIS A 17 -2.87 -31.76 13.78
C HIS A 17 -4.25 -32.25 13.31
N ALA A 18 -4.34 -33.53 12.96
CA ALA A 18 -5.62 -34.17 12.67
C ALA A 18 -6.33 -34.50 13.98
N LEU A 19 -5.54 -34.70 15.02
CA LEU A 19 -6.04 -34.99 16.36
C LEU A 19 -6.67 -33.77 17.00
N ASN A 20 -6.04 -32.62 16.82
CA ASN A 20 -6.58 -31.36 17.29
C ASN A 20 -7.87 -31.01 16.56
N ALA A 21 -7.90 -31.32 15.27
CA ALA A 21 -9.06 -31.03 14.45
C ALA A 21 -10.32 -31.69 14.98
N MET A 22 -10.15 -32.74 15.77
CA MET A 22 -11.28 -33.50 16.30
C MET A 22 -12.12 -32.70 17.29
N LEU A 23 -11.70 -31.48 17.59
CA LEU A 23 -12.43 -30.62 18.51
C LEU A 23 -13.63 -29.95 17.86
N ASN A 24 -13.73 -30.08 16.53
CA ASN A 24 -14.84 -29.53 15.77
C ASN A 24 -15.98 -30.52 15.59
N LEU A 25 -15.90 -31.67 16.26
CA LEU A 25 -16.86 -32.75 16.04
C LEU A 25 -17.48 -33.34 17.31
N TYR A 26 -18.63 -34.00 17.15
CA TYR A 26 -19.57 -34.29 18.25
C TYR A 26 -19.94 -35.78 18.44
N ASP A 27 -20.68 -36.06 19.51
CA ASP A 27 -21.35 -37.36 19.71
C ASP A 27 -22.87 -37.20 19.91
N LYS A 28 -23.59 -38.33 19.98
CA LYS A 28 -25.06 -38.41 19.93
C LYS A 28 -25.88 -37.49 20.84
N ALA A 29 -25.38 -37.22 22.06
CA ALA A 29 -26.06 -36.30 22.98
C ALA A 29 -25.74 -34.83 22.69
N GLY A 30 -24.60 -34.60 22.02
CA GLY A 30 -24.12 -33.26 21.70
C GLY A 30 -22.79 -32.96 22.37
N HIS A 31 -21.85 -33.89 22.23
CA HIS A 31 -20.61 -33.89 23.00
C HIS A 31 -19.44 -33.18 22.32
N ILE A 32 -18.42 -32.82 23.11
CA ILE A 32 -17.17 -32.32 22.57
C ILE A 32 -16.04 -33.27 22.95
N GLN A 33 -15.13 -33.50 22.01
CA GLN A 33 -14.06 -34.47 22.20
C GLN A 33 -12.80 -33.86 22.81
N PHE A 34 -12.93 -33.26 24.00
CA PHE A 34 -11.77 -32.74 24.73
C PHE A 34 -10.64 -33.76 24.74
N ASP A 35 -11.04 -35.02 24.95
CA ASP A 35 -10.14 -36.17 24.97
C ASP A 35 -9.06 -36.06 23.90
N LYS A 36 -9.46 -35.72 22.69
CA LYS A 36 -8.55 -35.71 21.55
C LYS A 36 -7.57 -34.54 21.55
N ASP A 37 -7.82 -33.53 22.37
CA ASP A 37 -6.85 -32.45 22.50
C ASP A 37 -5.66 -32.86 23.34
N GLN A 38 -5.89 -33.17 24.62
CA GLN A 38 -4.82 -33.63 25.52
C GLN A 38 -4.07 -34.80 24.87
N GLN A 39 -4.79 -35.58 24.06
CA GLN A 39 -4.19 -36.68 23.30
C GLN A 39 -3.25 -36.16 22.21
N ALA A 40 -3.61 -35.02 21.61
CA ALA A 40 -2.78 -34.39 20.59
C ALA A 40 -1.49 -33.82 21.17
N ILE A 41 -1.59 -33.23 22.36
CA ILE A 41 -0.42 -32.71 23.06
C ILE A 41 0.58 -33.85 23.22
N ASP A 42 0.11 -34.93 23.83
CA ASP A 42 0.89 -36.13 24.01
C ASP A 42 1.51 -36.57 22.71
N ALA A 43 0.79 -36.33 21.62
CA ALA A 43 1.29 -36.62 20.29
C ALA A 43 2.34 -35.59 19.85
N PHE A 44 2.07 -34.31 20.09
CA PHE A 44 2.97 -33.23 19.69
C PHE A 44 4.38 -33.33 20.30
N PHE A 45 4.46 -33.80 21.55
CA PHE A 45 5.73 -33.98 22.24
C PHE A 45 6.57 -35.13 21.67
N ALA A 46 5.95 -35.99 20.87
CA ALA A 46 6.58 -37.22 20.39
C ALA A 46 6.60 -37.36 18.86
N THR A 47 6.07 -36.36 18.19
CA THR A 47 6.05 -36.32 16.73
C THR A 47 6.86 -35.10 16.28
N HIS A 48 7.10 -34.21 17.25
CA HIS A 48 7.77 -32.95 16.98
C HIS A 48 8.84 -32.62 18.02
N VAL A 49 8.43 -32.45 19.29
CA VAL A 49 9.30 -31.83 20.29
C VAL A 49 10.52 -32.63 20.70
N ARG A 50 10.33 -33.76 21.39
CA ARG A 50 11.45 -34.52 21.94
C ARG A 50 12.39 -35.21 20.91
N PRO A 51 11.90 -35.56 19.72
CA PRO A 51 12.78 -35.96 18.62
C PRO A 51 13.54 -34.78 18.00
N HIS A 52 13.17 -33.56 18.35
CA HIS A 52 13.83 -32.38 17.79
C HIS A 52 14.68 -31.61 18.79
N SER A 53 14.47 -31.88 20.08
CA SER A 53 15.28 -31.26 21.13
C SER A 53 16.63 -31.93 21.26
N VAL A 54 17.57 -31.26 21.91
CA VAL A 54 18.90 -31.83 22.12
C VAL A 54 19.16 -32.11 23.60
N THR A 55 19.73 -33.29 23.86
CA THR A 55 19.92 -33.79 25.22
C THR A 55 21.24 -33.32 25.86
N PHE A 56 21.17 -32.98 27.13
CA PHE A 56 22.32 -32.50 27.88
C PHE A 56 22.46 -33.34 29.15
N ALA A 57 23.70 -33.73 29.47
CA ALA A 57 23.98 -34.55 30.63
C ALA A 57 23.56 -33.84 31.92
N SER A 58 23.99 -32.58 32.07
CA SER A 58 23.65 -31.75 33.21
C SER A 58 23.41 -30.32 32.76
N GLN A 59 22.71 -29.56 33.60
CA GLN A 59 22.49 -28.14 33.32
C GLN A 59 23.82 -27.42 33.17
N HIS A 60 24.87 -27.94 33.81
CA HIS A 60 26.20 -27.33 33.77
C HIS A 60 26.71 -27.14 32.33
N GLU A 61 26.60 -28.17 31.51
CA GLU A 61 26.93 -28.04 30.09
C GLU A 61 25.86 -27.18 29.42
N ARG A 62 24.60 -27.51 29.70
CA ARG A 62 23.48 -26.77 29.14
C ARG A 62 23.76 -25.28 29.24
N LEU A 63 24.07 -24.81 30.44
CA LEU A 63 24.40 -23.41 30.65
C LEU A 63 25.68 -23.01 29.92
N GLY A 64 26.72 -23.81 30.07
CA GLY A 64 28.04 -23.52 29.52
C GLY A 64 28.07 -23.43 28.02
N THR A 65 27.63 -24.50 27.36
CA THR A 65 27.61 -24.57 25.90
C THR A 65 26.70 -23.49 25.30
N LEU A 66 25.56 -23.22 25.94
CA LEU A 66 24.61 -22.22 25.45
C LEU A 66 25.11 -20.80 25.63
N VAL A 67 26.06 -20.61 26.55
CA VAL A 67 26.76 -19.33 26.68
C VAL A 67 27.82 -19.23 25.58
N ARG A 68 28.70 -20.22 25.51
CA ARG A 68 29.84 -20.20 24.59
C ARG A 68 29.42 -20.21 23.12
N GLU A 69 28.29 -20.82 22.81
CA GLU A 69 27.83 -20.95 21.43
C GLU A 69 27.16 -19.67 20.92
N GLY A 70 26.75 -18.82 21.86
CA GLY A 70 26.23 -17.50 21.54
C GLY A 70 24.72 -17.38 21.49
N TYR A 71 24.04 -18.11 22.35
CA TYR A 71 22.57 -18.10 22.40
C TYR A 71 22.07 -17.35 23.63
N TYR A 72 22.40 -17.86 24.81
CA TYR A 72 22.08 -17.22 26.08
C TYR A 72 23.01 -16.05 26.37
N ASP A 73 22.65 -15.24 27.37
CA ASP A 73 23.48 -14.10 27.75
C ASP A 73 24.09 -14.29 29.12
N ASP A 74 25.41 -14.15 29.18
CA ASP A 74 26.13 -14.25 30.45
C ASP A 74 25.91 -13.03 31.32
N ALA A 75 25.63 -11.90 30.65
CA ALA A 75 25.36 -10.63 31.31
C ALA A 75 24.37 -10.77 32.46
N VAL A 76 23.56 -11.81 32.39
CA VAL A 76 22.52 -12.05 33.39
C VAL A 76 22.99 -12.96 34.54
N LEU A 77 23.36 -14.19 34.21
CA LEU A 77 23.69 -15.20 35.21
C LEU A 77 24.77 -14.75 36.20
N ALA A 78 25.82 -14.12 35.68
CA ALA A 78 26.99 -13.72 36.46
C ALA A 78 26.64 -12.91 37.71
N ARG A 79 25.37 -12.52 37.82
CA ARG A 79 24.89 -11.77 38.97
C ARG A 79 24.41 -12.69 40.11
N TYR A 80 24.43 -14.01 39.86
CA TYR A 80 24.14 -15.02 40.88
C TYR A 80 25.33 -15.99 41.00
N ASP A 81 25.49 -16.62 42.17
CA ASP A 81 26.43 -17.74 42.32
C ASP A 81 26.03 -18.80 41.32
N ARG A 82 26.91 -19.13 40.39
CA ARG A 82 26.56 -20.09 39.34
C ARG A 82 25.96 -21.35 39.95
N ALA A 83 26.24 -21.56 41.24
CA ALA A 83 25.62 -22.62 42.02
C ALA A 83 24.09 -22.49 42.06
N PHE A 84 23.63 -21.26 42.35
CA PHE A 84 22.21 -20.98 42.54
C PHE A 84 21.41 -21.06 41.25
N VAL A 85 22.08 -20.86 40.11
CA VAL A 85 21.40 -20.95 38.82
C VAL A 85 20.91 -22.39 38.56
N LEU A 86 21.79 -23.36 38.75
CA LEU A 86 21.42 -24.76 38.57
C LEU A 86 20.57 -25.23 39.74
N ARG A 87 20.61 -24.46 40.82
CA ARG A 87 19.74 -24.69 41.97
C ARG A 87 18.31 -24.33 41.59
N LEU A 88 18.15 -23.23 40.87
CA LEU A 88 16.83 -22.77 40.45
C LEU A 88 16.29 -23.59 39.28
N PHE A 89 17.12 -23.84 38.28
CA PHE A 89 16.74 -24.65 37.12
C PHE A 89 16.13 -25.98 37.55
N GLU A 90 16.78 -26.67 38.48
CA GLU A 90 16.27 -27.93 39.02
C GLU A 90 14.89 -27.75 39.65
N HIS A 91 14.73 -26.66 40.40
CA HIS A 91 13.46 -26.31 41.04
C HIS A 91 12.33 -26.17 40.02
N ALA A 92 12.65 -25.67 38.84
CA ALA A 92 11.66 -25.53 37.79
C ALA A 92 11.30 -26.88 37.19
N HIS A 93 12.28 -27.58 36.61
CA HIS A 93 12.05 -28.85 35.95
C HIS A 93 11.50 -29.91 36.90
N ALA A 94 11.32 -29.53 38.16
CA ALA A 94 10.71 -30.39 39.16
C ALA A 94 9.42 -29.79 39.74
N SER A 95 9.09 -28.56 39.30
CA SER A 95 7.83 -27.91 39.64
C SER A 95 6.61 -28.73 39.21
N GLY A 96 6.83 -29.62 38.25
CA GLY A 96 5.83 -30.57 37.78
C GLY A 96 4.95 -30.02 36.66
N PHE A 97 5.48 -29.05 35.91
CA PHE A 97 4.70 -28.43 34.84
C PHE A 97 4.42 -29.40 33.71
N ARG A 98 3.13 -29.58 33.41
CA ARG A 98 2.70 -30.21 32.18
C ARG A 98 1.91 -29.17 31.40
N PHE A 99 1.51 -29.50 30.18
CA PHE A 99 0.79 -28.56 29.34
C PHE A 99 -0.74 -28.73 29.38
N GLN A 100 -1.43 -27.67 29.01
CA GLN A 100 -2.89 -27.59 29.09
C GLN A 100 -3.56 -27.81 27.74
N THR A 101 -3.25 -26.95 26.77
CA THR A 101 -3.87 -26.98 25.45
C THR A 101 -2.87 -27.42 24.42
N PHE A 102 -3.34 -27.93 23.30
CA PHE A 102 -2.44 -28.26 22.21
C PHE A 102 -1.85 -26.97 21.68
N LEU A 103 -2.71 -25.98 21.44
CA LEU A 103 -2.27 -24.70 20.91
C LEU A 103 -1.19 -24.11 21.81
N GLY A 104 -1.40 -24.20 23.11
CA GLY A 104 -0.43 -23.74 24.10
C GLY A 104 0.98 -24.14 23.72
N ALA A 105 1.27 -25.44 23.84
CA ALA A 105 2.58 -25.98 23.51
C ALA A 105 2.98 -25.68 22.08
N TRP A 106 2.01 -25.60 21.18
CA TRP A 106 2.29 -25.26 19.78
C TRP A 106 2.79 -23.83 19.73
N LYS A 107 2.04 -22.93 20.34
CA LYS A 107 2.40 -21.52 20.31
C LYS A 107 3.73 -21.30 21.02
N PHE A 108 3.90 -21.92 22.19
CA PHE A 108 5.14 -21.76 22.92
C PHE A 108 6.31 -22.18 22.02
N TYR A 109 6.29 -23.43 21.56
CA TYR A 109 7.45 -23.96 20.83
C TYR A 109 7.78 -23.23 19.53
N THR A 110 6.78 -22.93 18.72
CA THR A 110 7.04 -22.33 17.42
C THR A 110 7.43 -20.86 17.54
N SER A 111 6.82 -20.15 18.47
CA SER A 111 6.99 -18.70 18.53
C SER A 111 7.87 -18.19 19.67
N TYR A 112 7.82 -18.88 20.81
CA TYR A 112 8.43 -18.37 22.04
C TYR A 112 9.79 -18.98 22.38
N THR A 113 9.85 -20.30 22.41
CA THR A 113 11.03 -21.02 22.89
C THR A 113 12.27 -20.79 22.03
N LEU A 114 13.43 -20.97 22.65
CA LEU A 114 14.70 -20.73 21.99
C LEU A 114 15.11 -21.92 21.13
N LYS A 115 15.20 -21.69 19.83
CA LYS A 115 15.72 -22.71 18.93
C LYS A 115 17.05 -22.27 18.32
N THR A 116 17.76 -23.22 17.72
CA THR A 116 19.09 -22.98 17.15
C THR A 116 19.08 -21.98 16.04
N PHE A 117 20.25 -21.41 15.77
CA PHE A 117 20.41 -20.39 14.74
C PHE A 117 19.91 -20.85 13.38
N ASP A 118 20.19 -22.09 13.01
CA ASP A 118 19.69 -22.60 11.74
C ASP A 118 18.20 -22.98 11.82
N GLY A 119 17.75 -23.34 13.02
CA GLY A 119 16.34 -23.63 13.27
C GLY A 119 15.85 -25.02 12.88
N LYS A 120 16.38 -26.04 13.55
CA LYS A 120 15.99 -27.42 13.33
C LYS A 120 15.85 -28.17 14.65
N ARG A 121 16.47 -27.62 15.69
CA ARG A 121 16.49 -28.23 17.02
C ARG A 121 16.01 -27.25 18.09
N TYR A 122 15.38 -27.78 19.13
CA TYR A 122 14.92 -26.96 20.26
C TYR A 122 15.96 -26.94 21.37
N LEU A 123 16.17 -25.76 21.96
CA LEU A 123 17.17 -25.61 23.01
C LEU A 123 16.59 -25.32 24.39
N GLU A 124 15.30 -24.96 24.42
CA GLU A 124 14.60 -24.66 25.66
C GLU A 124 13.31 -25.46 25.78
N HIS A 125 12.77 -25.51 26.99
CA HIS A 125 11.43 -26.01 27.22
C HIS A 125 10.72 -24.99 28.12
N PHE A 126 9.41 -25.14 28.33
CA PHE A 126 8.68 -24.13 29.07
C PHE A 126 9.37 -23.75 30.37
N GLU A 127 9.52 -24.72 31.25
CA GLU A 127 10.15 -24.51 32.54
C GLU A 127 11.51 -23.82 32.42
N ASP A 128 12.15 -23.95 31.25
CA ASP A 128 13.45 -23.32 30.99
C ASP A 128 13.27 -21.82 30.78
N ARG A 129 12.29 -21.44 29.96
CA ARG A 129 12.04 -20.05 29.57
C ARG A 129 11.70 -19.20 30.78
N VAL A 130 10.93 -19.78 31.69
CA VAL A 130 10.58 -19.14 32.94
C VAL A 130 11.84 -18.80 33.71
N THR A 131 12.63 -19.83 34.03
CA THR A 131 13.89 -19.66 34.75
C THR A 131 14.66 -18.46 34.20
N MET A 132 14.87 -18.45 32.89
CA MET A 132 15.62 -17.39 32.24
C MET A 132 15.01 -16.01 32.50
N VAL A 133 13.69 -15.89 32.37
CA VAL A 133 13.02 -14.63 32.64
C VAL A 133 13.14 -14.28 34.11
N ALA A 134 12.87 -15.26 34.96
CA ALA A 134 12.97 -15.09 36.40
C ALA A 134 14.34 -14.55 36.82
N LEU A 135 15.38 -14.97 36.10
CA LEU A 135 16.75 -14.53 36.40
C LEU A 135 17.06 -13.17 35.81
N THR A 136 16.42 -12.86 34.68
CA THR A 136 16.60 -11.59 34.01
C THR A 136 15.95 -10.48 34.82
N LEU A 137 14.69 -10.70 35.22
CA LEU A 137 13.92 -9.67 35.90
C LEU A 137 14.44 -9.38 37.30
N ALA A 138 14.94 -10.41 37.98
CA ALA A 138 15.37 -10.29 39.37
C ALA A 138 16.74 -9.60 39.57
N GLN A 139 17.41 -9.32 38.46
CA GLN A 139 18.68 -8.59 38.45
C GLN A 139 19.73 -9.17 39.40
N GLY A 140 19.44 -10.34 39.95
CA GLY A 140 20.37 -10.99 40.86
C GLY A 140 19.78 -11.36 42.20
N ASP A 141 18.57 -10.87 42.51
CA ASP A 141 17.94 -11.14 43.80
C ASP A 141 17.51 -12.59 43.99
N GLU A 142 18.38 -13.37 44.64
CA GLU A 142 18.18 -14.79 44.92
C GLU A 142 16.75 -15.09 45.37
N THR A 143 16.30 -14.34 46.38
CA THR A 143 14.98 -14.51 46.99
C THR A 143 13.81 -14.18 46.05
N LEU A 144 14.08 -13.32 45.06
CA LEU A 144 13.07 -12.89 44.10
C LEU A 144 13.09 -13.74 42.83
N ALA A 145 14.30 -14.11 42.39
CA ALA A 145 14.48 -14.96 41.23
C ALA A 145 13.65 -16.21 41.38
N THR A 146 13.67 -16.78 42.59
CA THR A 146 12.87 -17.95 42.93
C THR A 146 11.38 -17.67 42.77
N GLN A 147 10.91 -16.55 43.33
CA GLN A 147 9.49 -16.25 43.40
C GLN A 147 8.81 -16.14 42.04
N LEU A 148 9.48 -15.50 41.10
CA LEU A 148 8.95 -15.35 39.75
C LEU A 148 8.85 -16.70 39.05
N THR A 149 9.89 -17.51 39.19
CA THR A 149 9.89 -18.85 38.61
C THR A 149 8.64 -19.60 39.04
N ASP A 150 8.36 -19.58 40.34
CA ASP A 150 7.19 -20.25 40.89
C ASP A 150 5.90 -19.63 40.37
N GLU A 151 5.86 -18.30 40.30
CA GLU A 151 4.63 -17.57 39.94
C GLU A 151 4.21 -17.69 38.47
N MET A 152 5.18 -17.78 37.56
CA MET A 152 4.89 -18.02 36.15
C MET A 152 4.60 -19.48 35.88
N LEU A 153 5.24 -20.35 36.65
CA LEU A 153 5.12 -21.79 36.50
C LEU A 153 3.79 -22.30 37.00
N SER A 154 3.39 -21.88 38.21
CA SER A 154 2.07 -22.19 38.74
C SER A 154 0.99 -21.59 37.86
N GLY A 155 1.41 -20.68 36.97
CA GLY A 155 0.56 -20.14 35.94
C GLY A 155 -0.17 -18.86 36.33
N ARG A 156 0.31 -18.21 37.39
CA ARG A 156 -0.35 -17.01 37.92
C ARG A 156 0.08 -15.79 37.14
N PHE A 157 1.33 -15.35 37.33
CA PHE A 157 1.87 -14.22 36.61
C PHE A 157 2.34 -14.65 35.23
N GLN A 158 2.02 -13.82 34.23
CA GLN A 158 2.42 -14.11 32.85
C GLN A 158 2.89 -12.84 32.14
N PRO A 159 4.21 -12.70 31.98
CA PRO A 159 4.78 -11.56 31.27
C PRO A 159 4.25 -11.44 29.86
N ALA A 160 4.16 -10.21 29.36
CA ALA A 160 3.71 -9.92 28.00
C ALA A 160 4.57 -10.65 26.96
N THR A 161 4.03 -10.76 25.75
CA THR A 161 4.68 -11.44 24.63
C THR A 161 6.18 -11.12 24.44
N PRO A 162 6.56 -9.84 24.34
CA PRO A 162 7.97 -9.49 24.14
C PRO A 162 8.86 -9.81 25.32
N THR A 163 8.37 -9.57 26.54
CA THR A 163 9.18 -9.77 27.73
C THR A 163 9.49 -11.25 27.91
N PHE A 164 8.44 -12.07 27.99
CA PHE A 164 8.60 -13.51 28.08
C PHE A 164 9.59 -14.01 27.03
N LEU A 165 9.29 -13.75 25.77
CA LEU A 165 10.09 -14.20 24.65
C LEU A 165 11.58 -13.86 24.78
N ASN A 166 11.87 -12.58 25.02
CA ASN A 166 13.24 -12.10 24.84
C ASN A 166 14.21 -12.33 26.00
N CYS A 167 13.70 -12.31 27.23
CA CYS A 167 14.55 -12.32 28.42
C CYS A 167 15.60 -13.42 28.42
N GLY A 168 16.82 -13.06 28.85
CA GLY A 168 17.89 -14.03 29.02
C GLY A 168 18.65 -14.41 27.77
N LYS A 169 18.01 -14.25 26.61
CA LYS A 169 18.64 -14.52 25.32
C LYS A 169 19.69 -13.46 25.02
N GLN A 170 20.81 -13.86 24.41
CA GLN A 170 21.82 -12.90 23.95
C GLN A 170 21.42 -12.37 22.59
N GLN A 171 21.03 -13.28 21.71
CA GLN A 171 20.51 -12.91 20.40
C GLN A 171 19.02 -12.61 20.51
N ARG A 172 18.73 -11.42 21.01
CA ARG A 172 17.38 -11.02 21.40
C ARG A 172 16.92 -9.74 20.71
N GLY A 173 15.62 -9.43 20.85
CA GLY A 173 15.04 -8.18 20.37
C GLY A 173 14.88 -7.15 21.48
N GLU A 174 13.67 -6.64 21.63
CA GLU A 174 13.35 -5.68 22.70
C GLU A 174 12.48 -6.33 23.78
N LEU A 175 12.63 -5.87 25.01
CA LEU A 175 11.84 -6.37 26.14
C LEU A 175 10.36 -5.99 26.07
N VAL A 176 10.06 -4.78 25.63
CA VAL A 176 8.68 -4.34 25.47
C VAL A 176 8.41 -3.65 24.15
N SER A 177 7.47 -4.22 23.40
CA SER A 177 6.88 -3.52 22.26
C SER A 177 5.64 -2.80 22.77
N CYS A 178 5.38 -1.62 22.20
CA CYS A 178 4.24 -0.75 22.55
C CYS A 178 4.71 0.66 22.94
N PHE A 179 4.37 1.66 22.11
CA PHE A 179 4.85 3.03 22.31
C PHE A 179 3.83 4.09 21.98
N LEU A 180 3.83 5.14 22.80
CA LEU A 180 2.90 6.25 22.63
C LEU A 180 3.66 7.57 22.57
N LEU A 181 3.99 7.98 21.35
CA LEU A 181 4.68 9.25 21.13
C LEU A 181 3.87 10.24 20.31
N ARG A 182 3.80 11.46 20.80
CA ARG A 182 3.02 12.52 20.18
C ARG A 182 3.81 13.23 19.11
N ILE A 183 3.10 13.76 18.12
CA ILE A 183 3.70 14.61 17.10
C ILE A 183 3.36 16.05 17.43
N GLU A 184 4.34 16.95 17.31
CA GLU A 184 4.08 18.37 17.51
C GLU A 184 3.92 19.12 16.19
N ASP A 185 3.30 20.30 16.26
CA ASP A 185 2.94 21.06 15.08
C ASP A 185 4.11 21.84 14.48
N ASN A 186 5.19 21.12 14.19
CA ASN A 186 6.31 21.68 13.45
C ASN A 186 6.97 20.59 12.62
N MET A 187 7.77 21.00 11.63
CA MET A 187 8.43 20.05 10.74
C MET A 187 9.50 19.21 11.45
N GLU A 188 10.16 19.78 12.45
CA GLU A 188 11.14 19.04 13.23
C GLU A 188 10.48 17.79 13.81
N SER A 189 9.46 18.00 14.64
CA SER A 189 8.77 16.92 15.33
C SER A 189 8.12 15.92 14.37
N ILE A 190 7.51 16.42 13.28
CA ILE A 190 6.97 15.52 12.28
C ILE A 190 8.10 14.62 11.81
N GLY A 191 9.19 15.23 11.36
CA GLY A 191 10.36 14.50 10.91
C GLY A 191 10.75 13.45 11.93
N ARG A 192 11.13 13.94 13.11
CA ARG A 192 11.52 13.07 14.22
C ARG A 192 10.56 11.90 14.38
N ALA A 193 9.26 12.19 14.31
CA ALA A 193 8.25 11.16 14.48
C ALA A 193 8.29 10.15 13.35
N VAL A 194 8.52 10.61 12.12
CA VAL A 194 8.59 9.69 10.99
C VAL A 194 9.81 8.81 11.13
N ASN A 195 10.88 9.37 11.70
CA ASN A 195 12.04 8.56 12.05
C ASN A 195 11.72 7.63 13.21
N SER A 196 11.14 8.21 14.27
CA SER A 196 10.78 7.46 15.47
C SER A 196 10.11 6.14 15.09
N ALA A 197 9.20 6.19 14.12
CA ALA A 197 8.63 4.97 13.57
C ALA A 197 9.73 4.03 13.09
N LEU A 198 10.58 4.51 12.20
CA LEU A 198 11.65 3.72 11.61
C LEU A 198 12.52 2.97 12.62
N GLN A 199 12.92 3.65 13.69
CA GLN A 199 13.79 3.04 14.71
C GLN A 199 13.03 2.11 15.64
N LEU A 200 11.76 2.41 15.85
CA LEU A 200 10.93 1.64 16.77
C LEU A 200 10.27 0.44 16.11
N SER A 201 9.84 0.62 14.86
CA SER A 201 9.19 -0.45 14.12
C SER A 201 10.18 -1.53 13.69
N LYS A 202 11.42 -1.13 13.46
CA LYS A 202 12.48 -2.07 13.07
C LYS A 202 12.90 -2.99 14.21
N ARG A 203 12.82 -2.49 15.45
CA ARG A 203 13.03 -3.30 16.64
C ARG A 203 11.77 -4.16 16.93
N GLY A 204 10.69 -3.87 16.20
CA GLY A 204 9.47 -4.66 16.25
C GLY A 204 8.33 -3.99 17.01
N GLY A 205 8.38 -2.68 17.14
CA GLY A 205 7.46 -1.93 17.99
C GLY A 205 6.07 -1.67 17.46
N GLY A 206 5.15 -1.42 18.39
CA GLY A 206 3.78 -1.06 18.09
C GLY A 206 3.53 0.36 18.54
N VAL A 207 3.67 1.30 17.61
CA VAL A 207 3.66 2.72 17.94
C VAL A 207 2.34 3.41 17.56
N ALA A 208 1.90 4.29 18.45
CA ALA A 208 0.76 5.15 18.17
C ALA A 208 1.22 6.59 18.19
N PHE A 209 0.58 7.42 17.36
CA PHE A 209 0.97 8.82 17.23
C PHE A 209 -0.20 9.77 17.52
N LEU A 210 0.10 10.92 18.12
CA LEU A 210 -0.94 11.92 18.41
C LEU A 210 -1.00 13.00 17.33
N LEU A 211 -1.87 12.80 16.36
CA LEU A 211 -2.03 13.74 15.26
C LEU A 211 -2.77 15.00 15.68
N SER A 212 -3.46 14.92 16.82
CA SER A 212 -4.33 15.98 17.32
C SER A 212 -3.75 17.39 17.16
N ASN A 213 -2.44 17.51 17.30
CA ASN A 213 -1.79 18.82 17.34
C ASN A 213 -1.61 19.54 16.00
N LEU A 214 -1.48 18.77 14.92
CA LEU A 214 -1.08 19.31 13.62
C LEU A 214 -2.09 20.27 13.00
N ARG A 215 -1.63 21.03 12.00
CA ARG A 215 -2.46 22.03 11.32
C ARG A 215 -3.56 21.34 10.56
N GLU A 216 -4.75 21.94 10.58
CA GLU A 216 -5.87 21.41 9.79
C GLU A 216 -5.58 21.54 8.30
N ALA A 217 -6.44 20.94 7.48
CA ALA A 217 -6.42 21.20 6.06
C ALA A 217 -6.80 22.67 5.85
N GLY A 218 -6.21 23.29 4.84
CA GLY A 218 -6.50 24.69 4.50
C GLY A 218 -5.95 25.73 5.46
N ALA A 219 -5.16 25.27 6.42
CA ALA A 219 -4.50 26.14 7.36
C ALA A 219 -3.32 26.83 6.70
N PRO A 220 -3.00 28.04 7.13
CA PRO A 220 -1.86 28.78 6.59
C PRO A 220 -0.55 28.40 7.26
N ILE A 221 0.52 28.31 6.48
CA ILE A 221 1.87 28.14 7.03
C ILE A 221 2.75 29.32 6.69
N LYS A 222 3.56 29.73 7.67
CA LYS A 222 4.44 30.90 7.58
C LYS A 222 3.67 32.18 7.30
N ARG A 223 2.62 32.42 8.09
CA ARG A 223 1.76 33.60 7.96
C ARG A 223 0.92 33.65 6.67
N ILE A 224 1.40 33.01 5.59
CA ILE A 224 0.73 33.01 4.29
C ILE A 224 -0.37 31.92 4.18
N GLU A 225 -1.54 32.34 3.73
CA GLU A 225 -2.81 31.61 3.93
C GLU A 225 -3.04 30.38 3.06
N ASN A 226 -4.00 29.55 3.49
CA ASN A 226 -4.36 28.29 2.84
C ASN A 226 -3.18 27.50 2.29
N GLN A 227 -2.56 26.69 3.12
CA GLN A 227 -1.35 25.99 2.73
C GLN A 227 -1.29 24.54 3.19
N SER A 228 -1.39 24.32 4.50
CA SER A 228 -1.16 23.00 5.09
C SER A 228 -1.98 21.85 4.51
N SER A 229 -1.36 20.68 4.50
CA SER A 229 -1.90 19.49 3.85
C SER A 229 -3.01 18.80 4.65
N GLY A 230 -3.00 18.96 5.96
CA GLY A 230 -3.91 18.26 6.85
C GLY A 230 -3.20 17.18 7.65
N VAL A 231 -3.96 16.36 8.34
CA VAL A 231 -3.39 15.26 9.12
C VAL A 231 -3.18 14.01 8.27
N ILE A 232 -3.88 13.93 7.15
CA ILE A 232 -3.83 12.75 6.28
C ILE A 232 -2.44 12.43 5.70
N PRO A 233 -1.75 13.40 5.09
CA PRO A 233 -0.50 13.11 4.40
C PRO A 233 0.64 12.81 5.34
N VAL A 234 0.52 13.23 6.60
CA VAL A 234 1.49 12.86 7.63
C VAL A 234 1.35 11.37 7.92
N MET A 235 0.11 10.90 7.91
CA MET A 235 -0.16 9.48 8.05
C MET A 235 0.57 8.74 6.96
N LYS A 236 0.26 9.08 5.70
CA LYS A 236 0.87 8.43 4.55
C LYS A 236 2.32 8.06 4.82
N MET A 237 3.13 9.03 5.24
CA MET A 237 4.55 8.79 5.56
C MET A 237 4.71 7.73 6.64
N LEU A 238 3.98 7.87 7.74
CA LEU A 238 4.04 6.93 8.86
C LEU A 238 3.66 5.53 8.43
N GLU A 239 2.60 5.44 7.62
CA GLU A 239 2.17 4.18 7.05
C GLU A 239 3.34 3.53 6.32
N ASP A 240 3.99 4.29 5.45
CA ASP A 240 5.10 3.80 4.63
C ASP A 240 6.27 3.37 5.49
N ALA A 241 6.50 4.11 6.58
CA ALA A 241 7.57 3.80 7.55
C ALA A 241 7.32 2.49 8.28
N PHE A 242 6.08 2.28 8.69
CA PHE A 242 5.65 1.01 9.28
C PHE A 242 5.70 -0.12 8.23
N SER A 243 5.30 0.22 7.01
CA SER A 243 5.35 -0.71 5.87
C SER A 243 6.77 -1.19 5.62
N TYR A 244 7.72 -0.34 5.96
CA TYR A 244 9.12 -0.60 5.76
C TYR A 244 9.69 -1.49 6.87
N ALA A 245 9.51 -1.04 8.12
CA ALA A 245 10.17 -1.66 9.26
C ALA A 245 9.42 -2.85 9.89
N ASN A 246 9.73 -4.04 9.41
CA ASN A 246 9.20 -5.28 9.95
C ASN A 246 10.28 -6.04 10.70
N GLN A 252 5.09 -8.05 14.49
CA GLN A 252 6.03 -7.25 13.69
C GLN A 252 5.31 -6.18 12.83
N GLY A 253 5.85 -4.96 12.89
CA GLY A 253 5.49 -3.84 12.02
C GLY A 253 4.02 -3.45 11.88
N ALA A 254 3.49 -2.70 12.85
CA ALA A 254 2.10 -2.19 12.81
C ALA A 254 1.95 -0.91 13.62
N GLY A 255 1.15 0.02 13.10
CA GLY A 255 0.97 1.32 13.75
C GLY A 255 -0.46 1.81 13.88
N ALA A 256 -0.64 2.75 14.79
CA ALA A 256 -1.93 3.43 14.98
C ALA A 256 -1.81 4.96 15.08
N VAL A 257 -2.84 5.65 14.59
CA VAL A 257 -2.90 7.11 14.66
C VAL A 257 -4.15 7.55 15.40
N TYR A 258 -3.96 8.41 16.41
CA TYR A 258 -5.08 8.94 17.18
C TYR A 258 -5.40 10.36 16.79
N LEU A 259 -6.69 10.66 16.71
CA LEU A 259 -7.14 12.01 16.43
C LEU A 259 -8.27 12.43 17.34
N HIS A 260 -8.32 13.73 17.65
CA HIS A 260 -9.40 14.27 18.45
C HIS A 260 -10.66 14.42 17.60
N ALA A 261 -11.80 14.03 18.15
CA ALA A 261 -13.07 14.14 17.43
C ALA A 261 -13.39 15.57 17.00
N HIS A 262 -12.72 16.55 17.61
CA HIS A 262 -12.99 17.95 17.33
C HIS A 262 -11.88 18.68 16.56
N HIS A 263 -11.09 17.91 15.82
CA HIS A 263 -10.09 18.42 14.90
C HIS A 263 -10.73 18.50 13.52
N PRO A 264 -10.57 19.64 12.83
CA PRO A 264 -11.34 19.95 11.61
C PRO A 264 -11.27 18.93 10.48
N ASP A 265 -10.31 18.03 10.53
CA ASP A 265 -10.14 17.02 9.50
C ASP A 265 -10.96 15.77 9.76
N ILE A 266 -11.31 15.54 11.03
CA ILE A 266 -11.89 14.28 11.50
C ILE A 266 -12.65 13.44 10.47
N LEU A 267 -13.50 14.09 9.68
CA LEU A 267 -14.27 13.38 8.66
C LEU A 267 -13.38 12.83 7.53
N ARG A 268 -12.47 13.65 7.00
CA ARG A 268 -11.50 13.19 6.00
C ARG A 268 -10.37 12.37 6.62
N PHE A 269 -10.32 12.36 7.96
CA PHE A 269 -9.46 11.44 8.66
C PHE A 269 -10.18 10.10 8.77
N LEU A 270 -11.48 10.15 9.01
CA LEU A 270 -12.26 8.93 9.06
C LEU A 270 -12.37 8.34 7.66
N ASP A 271 -12.43 9.21 6.66
CA ASP A 271 -12.65 8.83 5.27
C ASP A 271 -11.56 7.94 4.65
N THR A 272 -10.40 7.88 5.28
CA THR A 272 -9.26 7.14 4.74
C THR A 272 -9.49 5.64 4.69
N LYS A 273 -10.37 5.16 5.56
CA LYS A 273 -10.70 3.75 5.60
C LYS A 273 -12.12 3.49 5.08
N ARG A 274 -12.58 4.34 4.17
CA ARG A 274 -13.97 4.30 3.70
C ARG A 274 -14.25 3.16 2.72
N ILE A 283 -3.43 4.10 2.22
CA ILE A 283 -3.90 4.21 3.61
C ILE A 283 -4.64 2.94 4.01
N LYS A 284 -3.88 1.88 4.23
CA LYS A 284 -4.41 0.54 4.46
C LYS A 284 -4.05 -0.03 5.84
N THR A 285 -2.77 0.05 6.20
CA THR A 285 -2.24 -0.68 7.36
C THR A 285 -2.24 0.08 8.68
N LEU A 286 -2.72 1.31 8.68
CA LEU A 286 -2.74 2.11 9.89
C LEU A 286 -4.02 1.88 10.67
N SER A 287 -3.98 2.18 11.96
CA SER A 287 -5.15 2.04 12.82
C SER A 287 -5.62 3.39 13.31
N LEU A 288 -6.93 3.62 13.20
CA LEU A 288 -7.51 4.89 13.61
C LEU A 288 -8.11 4.80 15.00
N GLY A 289 -7.88 5.82 15.80
CA GLY A 289 -8.45 5.92 17.13
C GLY A 289 -8.93 7.33 17.37
N VAL A 290 -10.20 7.47 17.75
CA VAL A 290 -10.81 8.80 17.89
C VAL A 290 -11.13 9.12 19.35
N VAL A 291 -10.61 10.25 19.83
CA VAL A 291 -10.86 10.67 21.18
C VAL A 291 -12.11 11.53 21.22
N ILE A 292 -13.17 11.00 21.84
CA ILE A 292 -14.47 11.68 21.92
C ILE A 292 -14.77 12.32 23.29
N PRO A 293 -14.84 13.64 23.33
CA PRO A 293 -15.13 14.38 24.57
C PRO A 293 -16.61 14.35 24.91
N ASP A 294 -16.94 14.60 26.18
CA ASP A 294 -18.33 14.57 26.64
C ASP A 294 -19.28 15.47 25.85
N ILE A 295 -18.81 16.66 25.51
CA ILE A 295 -19.61 17.64 24.79
C ILE A 295 -20.07 17.16 23.41
N THR A 296 -19.40 16.15 22.87
CA THR A 296 -19.80 15.60 21.57
C THR A 296 -21.10 14.85 21.72
N PHE A 297 -21.21 14.06 22.79
CA PHE A 297 -22.45 13.36 23.09
C PHE A 297 -23.58 14.34 23.32
N ARG A 298 -23.31 15.36 24.13
CA ARG A 298 -24.29 16.40 24.49
C ARG A 298 -24.85 17.11 23.26
N LEU A 299 -23.98 17.34 22.28
CA LEU A 299 -24.38 17.89 21.00
C LEU A 299 -25.16 16.88 20.19
N ALA A 300 -24.78 15.62 20.36
CA ALA A 300 -25.41 14.52 19.62
C ALA A 300 -26.78 14.17 20.18
N LYS A 301 -27.01 14.54 21.45
CA LYS A 301 -28.32 14.43 22.08
C LYS A 301 -29.39 15.25 21.33
N GLU A 302 -29.28 16.57 21.40
CA GLU A 302 -30.28 17.46 20.80
C GLU A 302 -30.13 17.62 19.28
N ASN A 303 -29.68 16.57 18.59
CA ASN A 303 -29.51 16.58 17.13
C ASN A 303 -28.73 17.79 16.59
N ALA A 304 -27.85 18.36 17.42
CA ALA A 304 -27.17 19.59 17.05
C ALA A 304 -25.97 19.36 16.14
N GLN A 305 -25.29 20.45 15.78
CA GLN A 305 -24.04 20.36 15.06
C GLN A 305 -22.87 20.28 16.04
N MET A 306 -21.69 19.93 15.51
CA MET A 306 -20.47 19.93 16.27
C MET A 306 -19.64 21.14 15.90
N ALA A 307 -18.62 21.42 16.70
CA ALA A 307 -17.67 22.44 16.33
C ALA A 307 -16.31 21.81 16.27
N LEU A 308 -15.62 22.02 15.16
CA LEU A 308 -14.24 21.58 15.03
C LEU A 308 -13.36 22.82 14.97
N PHE A 309 -12.50 22.97 15.97
CA PHE A 309 -11.71 24.16 16.12
C PHE A 309 -10.37 23.99 15.42
N SER A 310 -9.89 25.05 14.78
CA SER A 310 -8.58 25.06 14.14
C SER A 310 -7.47 24.90 15.17
N PRO A 311 -6.66 23.85 15.03
CA PRO A 311 -5.53 23.65 15.93
C PRO A 311 -4.54 24.81 15.86
N TYR A 312 -4.51 25.50 14.71
CA TYR A 312 -3.64 26.65 14.51
C TYR A 312 -4.11 27.84 15.33
N ASP A 313 -5.40 28.17 15.20
CA ASP A 313 -5.96 29.35 15.82
C ASP A 313 -6.09 29.23 17.35
N ILE A 314 -5.94 28.02 17.86
CA ILE A 314 -5.87 27.79 19.31
C ILE A 314 -4.49 28.15 19.79
N GLN A 315 -3.48 27.65 19.07
CA GLN A 315 -2.07 27.89 19.39
C GLN A 315 -1.79 29.37 19.55
N ARG A 316 -2.19 30.15 18.53
CA ARG A 316 -1.98 31.58 18.50
C ARG A 316 -2.61 32.25 19.70
N ARG A 317 -3.93 32.05 19.83
CA ARG A 317 -4.77 32.78 20.78
C ARG A 317 -4.70 32.28 22.22
N TYR A 318 -4.67 30.97 22.42
CA TYR A 318 -4.66 30.41 23.78
C TYR A 318 -3.30 29.85 24.19
N GLY A 319 -2.30 30.03 23.33
CA GLY A 319 -0.91 29.70 23.62
C GLY A 319 -0.68 28.27 24.10
N LYS A 320 -1.41 27.34 23.51
CA LYS A 320 -1.36 25.94 23.92
C LYS A 320 -1.66 25.08 22.71
N PRO A 321 -1.05 23.90 22.61
CA PRO A 321 -1.32 23.01 21.47
C PRO A 321 -2.72 22.38 21.60
N PHE A 322 -3.41 22.19 20.48
CA PHE A 322 -4.79 21.68 20.50
C PHE A 322 -4.96 20.53 21.48
N GLY A 323 -4.19 19.47 21.29
CA GLY A 323 -4.35 18.26 22.08
C GLY A 323 -4.20 18.45 23.57
N ASP A 324 -3.88 19.67 24.00
CA ASP A 324 -3.56 19.93 25.40
C ASP A 324 -4.55 20.84 26.12
N ILE A 325 -5.71 21.09 25.53
CA ILE A 325 -6.73 21.90 26.19
C ILE A 325 -8.03 21.15 26.43
N ALA A 326 -8.72 21.52 27.50
CA ALA A 326 -9.98 20.89 27.88
C ALA A 326 -11.08 21.29 26.91
N ILE A 327 -11.18 20.55 25.82
CA ILE A 327 -12.10 20.89 24.73
C ILE A 327 -13.53 20.94 25.24
N SER A 328 -13.90 19.99 26.09
CA SER A 328 -15.22 19.98 26.68
C SER A 328 -15.46 21.25 27.51
N GLU A 329 -14.52 21.58 28.39
CA GLU A 329 -14.69 22.69 29.32
C GLU A 329 -14.71 24.07 28.64
N ARG A 330 -13.82 24.27 27.69
CA ARG A 330 -13.70 25.54 27.00
C ARG A 330 -14.87 25.76 26.05
N TYR A 331 -15.16 24.73 25.25
CA TYR A 331 -16.16 24.75 24.17
C TYR A 331 -17.00 26.02 23.96
N ASP A 332 -17.83 26.40 24.93
CA ASP A 332 -18.62 27.63 24.83
C ASP A 332 -17.71 28.78 24.45
N GLU A 333 -16.75 29.07 25.33
CA GLU A 333 -15.77 30.14 25.14
C GLU A 333 -15.10 30.08 23.78
N LEU A 334 -14.67 28.88 23.39
CA LEU A 334 -14.02 28.65 22.10
C LEU A 334 -14.92 29.09 20.95
N ILE A 335 -16.19 28.69 21.03
CA ILE A 335 -17.18 29.03 20.02
C ILE A 335 -17.43 30.54 20.00
N ALA A 336 -17.24 31.19 21.14
CA ALA A 336 -17.44 32.63 21.24
C ALA A 336 -16.27 33.42 20.67
N ASP A 337 -15.06 32.88 20.83
CA ASP A 337 -13.84 33.52 20.31
C ASP A 337 -13.85 33.56 18.79
N PRO A 338 -13.81 34.75 18.23
CA PRO A 338 -13.93 34.94 16.79
C PRO A 338 -12.63 34.64 16.05
N HIS A 339 -11.50 34.70 16.77
CA HIS A 339 -10.18 34.44 16.21
C HIS A 339 -9.96 32.95 15.92
N VAL A 340 -10.58 32.10 16.72
CA VAL A 340 -10.58 30.65 16.50
C VAL A 340 -11.62 30.32 15.43
N ARG A 341 -11.17 29.76 14.31
CA ARG A 341 -12.10 29.40 13.24
C ARG A 341 -12.79 28.08 13.55
N LYS A 342 -14.11 28.14 13.66
CA LYS A 342 -14.95 26.99 13.95
C LYS A 342 -15.43 26.35 12.65
N THR A 343 -15.33 25.02 12.57
CA THR A 343 -15.87 24.25 11.44
C THR A 343 -16.98 23.34 11.93
N TYR A 344 -18.11 23.36 11.23
CA TYR A 344 -19.31 22.70 11.72
C TYR A 344 -19.64 21.42 10.96
N ILE A 345 -19.93 20.36 11.72
CA ILE A 345 -20.36 19.05 11.18
C ILE A 345 -21.52 18.48 12.02
N ASN A 346 -22.15 17.41 11.54
CA ASN A 346 -23.28 16.80 12.26
C ASN A 346 -22.92 15.77 13.33
N ALA A 347 -23.36 16.04 14.55
CA ALA A 347 -23.08 15.20 15.71
C ALA A 347 -23.67 13.81 15.55
N ARG A 348 -24.96 13.75 15.25
CA ARG A 348 -25.66 12.48 15.00
C ARG A 348 -25.02 11.67 13.88
N ASP A 349 -24.62 12.36 12.82
CA ASP A 349 -24.02 11.72 11.67
C ASP A 349 -22.55 11.42 11.88
N PHE A 350 -21.91 12.09 12.85
CA PHE A 350 -20.54 11.75 13.21
C PHE A 350 -20.54 10.34 13.79
N PHE A 351 -21.27 10.17 14.89
CA PHE A 351 -21.37 8.87 15.53
C PHE A 351 -21.80 7.81 14.54
N GLN A 352 -22.63 8.20 13.58
CA GLN A 352 -23.02 7.33 12.48
C GLN A 352 -21.81 6.87 11.65
N THR A 353 -21.08 7.82 11.07
CA THR A 353 -19.95 7.51 10.21
C THR A 353 -18.91 6.69 10.98
N LEU A 354 -18.71 7.03 12.24
CA LEU A 354 -17.85 6.26 13.12
C LEU A 354 -18.28 4.79 13.11
N ALA A 355 -19.57 4.55 13.30
CA ALA A 355 -20.12 3.20 13.31
C ALA A 355 -19.91 2.55 11.97
N GLU A 356 -20.28 3.26 10.91
CA GLU A 356 -20.16 2.77 9.55
C GLU A 356 -18.80 2.12 9.30
N ILE A 357 -17.74 2.82 9.71
CA ILE A 357 -16.36 2.39 9.42
C ILE A 357 -15.91 1.24 10.32
N GLN A 358 -16.41 1.24 11.55
CA GLN A 358 -16.17 0.15 12.51
C GLN A 358 -16.78 -1.17 12.01
N PHE A 359 -17.99 -1.06 11.47
CA PHE A 359 -18.71 -2.17 10.85
C PHE A 359 -17.80 -2.92 9.89
N GLU A 360 -17.14 -2.13 9.03
CA GLU A 360 -16.26 -2.64 8.00
C GLU A 360 -14.88 -3.00 8.55
N SER A 361 -14.10 -1.98 8.87
CA SER A 361 -12.66 -2.16 9.05
C SER A 361 -12.16 -2.19 10.49
N GLY A 362 -13.07 -2.41 11.44
CA GLY A 362 -12.70 -2.54 12.85
C GLY A 362 -12.76 -1.24 13.64
N TYR A 363 -11.67 -0.48 13.60
CA TYR A 363 -11.61 0.86 14.17
C TYR A 363 -12.60 1.79 13.43
N PRO A 364 -12.78 3.04 13.87
CA PRO A 364 -11.95 3.71 14.88
C PRO A 364 -12.11 3.19 16.31
N TYR A 365 -10.99 3.01 16.97
CA TYR A 365 -10.99 2.78 18.41
C TYR A 365 -11.50 4.06 19.02
N ILE A 366 -12.08 3.96 20.21
CA ILE A 366 -12.53 5.14 20.92
C ILE A 366 -11.91 5.23 22.30
N MET A 367 -11.62 6.46 22.70
CA MET A 367 -11.27 6.76 24.08
C MET A 367 -11.99 8.05 24.44
N PHE A 368 -12.65 8.03 25.59
CA PHE A 368 -13.49 9.16 26.00
C PHE A 368 -12.72 10.15 26.87
N GLU A 369 -12.06 11.10 26.21
CA GLU A 369 -11.21 12.12 26.83
C GLU A 369 -11.52 12.40 28.30
N ASP A 370 -12.62 13.12 28.53
CA ASP A 370 -12.96 13.61 29.87
C ASP A 370 -13.18 12.47 30.86
N THR A 371 -13.95 11.46 30.46
CA THR A 371 -14.14 10.29 31.30
C THR A 371 -12.78 9.90 31.90
N VAL A 372 -11.77 9.81 31.05
CA VAL A 372 -10.44 9.39 31.46
C VAL A 372 -9.82 10.37 32.45
N ASN A 373 -9.69 11.61 32.02
CA ASN A 373 -9.13 12.66 32.88
C ASN A 373 -9.79 12.66 34.25
N ARG A 374 -11.11 12.75 34.26
CA ARG A 374 -11.89 12.78 35.49
C ARG A 374 -11.27 11.89 36.55
N ALA A 375 -11.10 10.61 36.23
CA ALA A 375 -10.57 9.66 37.22
C ALA A 375 -9.09 9.35 37.00
N ASN A 376 -8.39 10.24 36.31
CA ASN A 376 -6.94 10.18 36.26
C ASN A 376 -6.38 10.77 37.56
N PRO A 377 -5.42 10.08 38.18
CA PRO A 377 -4.80 10.57 39.41
C PRO A 377 -3.56 11.43 39.15
N ILE A 378 -2.88 11.21 38.02
CA ILE A 378 -1.64 11.91 37.72
C ILE A 378 -1.87 13.34 37.23
N ALA A 379 -0.91 14.20 37.55
CA ALA A 379 -0.92 15.59 37.13
C ALA A 379 -0.98 15.71 35.61
N GLY A 380 -1.96 16.49 35.15
CA GLY A 380 -2.01 16.85 33.74
C GLY A 380 -3.23 16.32 33.02
N ARG A 381 -3.04 16.09 31.72
CA ARG A 381 -4.13 15.75 30.82
C ARG A 381 -3.62 14.70 29.84
N ILE A 382 -4.35 13.59 29.75
CA ILE A 382 -4.08 12.56 28.75
C ILE A 382 -4.79 12.92 27.45
N ASN A 383 -4.23 12.48 26.33
CA ASN A 383 -4.73 12.89 25.02
C ASN A 383 -4.92 11.74 24.03
N MET A 384 -4.23 10.63 24.27
CA MET A 384 -4.23 9.53 23.31
C MET A 384 -4.00 8.16 23.94
N SER A 385 -4.19 7.13 23.13
CA SER A 385 -4.00 5.76 23.59
C SER A 385 -3.13 4.94 22.64
N ASN A 386 -2.78 3.73 23.07
CA ASN A 386 -1.93 2.84 22.31
C ASN A 386 -2.69 2.23 21.15
N LEU A 387 -2.08 1.22 20.54
CA LEU A 387 -2.64 0.50 19.40
C LEU A 387 -3.85 -0.36 19.75
N CYS A 388 -4.05 -0.59 21.04
CA CYS A 388 -5.09 -1.49 21.50
C CYS A 388 -6.03 -0.80 22.51
N SER A 389 -5.96 0.53 22.55
CA SER A 389 -6.86 1.36 23.36
C SER A 389 -6.71 1.20 24.87
N GLU A 390 -5.72 0.42 25.29
CA GLU A 390 -5.59 0.05 26.70
C GLU A 390 -4.65 0.93 27.52
N ILE A 391 -3.58 1.42 26.89
CA ILE A 391 -2.62 2.23 27.62
C ILE A 391 -3.07 3.68 27.64
N LEU A 392 -3.19 4.24 28.85
CA LEU A 392 -3.69 5.60 29.01
C LEU A 392 -2.82 6.41 29.96
N GLN A 393 -1.94 7.24 29.40
CA GLN A 393 -0.99 8.00 30.20
C GLN A 393 -0.74 9.44 29.73
N VAL A 394 -0.31 10.25 30.69
CA VAL A 394 -0.01 11.66 30.46
C VAL A 394 1.36 11.84 29.82
N ASN A 395 1.47 12.84 28.95
CA ASN A 395 2.71 13.15 28.24
C ASN A 395 2.95 14.63 28.03
N SER A 396 4.21 14.99 27.80
CA SER A 396 4.62 16.37 27.58
C SER A 396 5.33 16.52 26.26
N ALA A 397 5.09 17.65 25.59
CA ALA A 397 5.64 17.94 24.27
C ALA A 397 7.16 18.10 24.30
N SER A 398 7.82 17.69 23.22
CA SER A 398 9.26 17.74 23.13
C SER A 398 9.69 18.80 22.13
N ARG A 399 10.76 19.53 22.45
CA ARG A 399 11.18 20.67 21.64
C ARG A 399 12.53 20.42 20.99
N TYR A 400 12.63 20.75 19.71
CA TYR A 400 13.81 20.43 18.93
C TYR A 400 14.51 21.63 18.29
N ASP A 401 15.84 21.57 18.28
CA ASP A 401 16.68 22.46 17.47
C ASP A 401 16.48 22.05 16.01
N ASP A 402 17.02 22.85 15.09
CA ASP A 402 16.81 22.62 13.65
C ASP A 402 17.56 21.39 13.11
N ASN A 403 18.51 20.91 13.89
CA ASN A 403 19.27 19.70 13.56
C ASN A 403 18.68 18.44 14.21
N LEU A 404 17.41 18.52 14.60
CA LEU A 404 16.67 17.39 15.15
C LEU A 404 17.19 16.83 16.47
N ASP A 405 17.90 17.66 17.22
CA ASP A 405 18.35 17.30 18.55
C ASP A 405 17.43 17.94 19.56
N TYR A 406 17.35 17.36 20.75
CA TYR A 406 16.38 17.79 21.74
C TYR A 406 16.83 19.00 22.54
N THR A 407 16.21 20.16 22.30
CA THR A 407 16.46 21.32 23.16
C THR A 407 15.74 21.13 24.47
N HIS A 408 14.54 20.54 24.40
CA HIS A 408 13.82 20.07 25.60
C HIS A 408 13.25 18.67 25.40
N ILE A 409 13.85 17.70 26.09
CA ILE A 409 13.36 16.32 26.08
C ILE A 409 12.00 16.25 26.77
N GLY A 410 10.98 16.02 25.96
CA GLY A 410 9.63 15.86 26.47
C GLY A 410 9.46 14.48 27.08
N HIS A 411 8.22 14.15 27.39
CA HIS A 411 7.89 12.82 27.89
C HIS A 411 6.85 12.18 26.98
N ASP A 412 7.18 10.97 26.50
CA ASP A 412 6.23 10.14 25.76
C ASP A 412 6.07 8.81 26.49
N ILE A 413 5.19 7.94 26.01
CA ILE A 413 4.82 6.77 26.80
C ILE A 413 5.22 5.42 26.23
N SER A 414 5.87 4.62 27.08
CA SER A 414 6.15 3.22 26.79
C SER A 414 5.44 2.34 27.83
N CYS A 415 4.99 1.17 27.37
CA CYS A 415 4.11 0.31 28.15
C CYS A 415 4.75 -1.03 28.46
N ASN A 416 5.14 -1.19 29.71
CA ASN A 416 5.63 -2.46 30.21
C ASN A 416 4.40 -3.25 30.64
N LEU A 417 4.24 -4.47 30.12
CA LEU A 417 3.03 -5.24 30.43
C LEU A 417 3.28 -6.61 31.03
N GLY A 418 2.26 -7.11 31.72
CA GLY A 418 2.23 -8.45 32.28
C GLY A 418 0.87 -8.68 32.89
N SER A 419 0.36 -9.91 32.78
CA SER A 419 -0.98 -10.21 33.27
C SER A 419 -1.06 -11.36 34.28
N LEU A 420 -2.20 -11.44 34.94
CA LEU A 420 -2.46 -12.44 35.98
C LEU A 420 -3.60 -13.37 35.57
N ASN A 421 -3.49 -14.64 35.94
CA ASN A 421 -4.57 -15.59 35.70
C ASN A 421 -5.56 -15.51 36.85
N ILE A 422 -6.64 -14.76 36.65
CA ILE A 422 -7.64 -14.53 37.71
C ILE A 422 -7.86 -15.80 38.54
N ALA A 423 -8.13 -16.90 37.85
CA ALA A 423 -8.37 -18.19 38.48
C ALA A 423 -7.17 -18.63 39.30
N HIS A 424 -6.01 -18.74 38.66
CA HIS A 424 -4.79 -19.21 39.33
C HIS A 424 -4.38 -18.32 40.52
N VAL A 425 -4.71 -17.04 40.43
CA VAL A 425 -4.48 -16.10 41.52
C VAL A 425 -5.41 -16.46 42.68
N MET A 426 -6.68 -16.65 42.37
CA MET A 426 -7.70 -16.94 43.37
C MET A 426 -7.46 -18.22 44.17
N ASP A 427 -6.60 -19.10 43.66
CA ASP A 427 -6.35 -20.38 44.32
C ASP A 427 -5.34 -20.26 45.46
N SER A 428 -4.15 -19.75 45.15
CA SER A 428 -3.11 -19.54 46.17
C SER A 428 -3.47 -18.41 47.13
N PRO A 429 -3.24 -18.61 48.43
CA PRO A 429 -3.73 -17.68 49.47
C PRO A 429 -2.93 -16.38 49.59
N ASP A 430 -1.62 -16.42 49.35
CA ASP A 430 -0.79 -15.21 49.43
C ASP A 430 -0.95 -14.33 48.18
N ILE A 431 -2.19 -13.98 47.86
CA ILE A 431 -2.49 -13.09 46.75
C ILE A 431 -1.56 -11.88 46.78
N GLY A 432 -1.21 -11.45 47.98
CA GLY A 432 -0.21 -10.41 48.18
C GLY A 432 1.07 -10.76 47.45
N ARG A 433 1.70 -11.88 47.84
CA ARG A 433 2.95 -12.35 47.23
C ARG A 433 2.78 -12.49 45.72
N THR A 434 1.68 -13.12 45.32
CA THR A 434 1.33 -13.25 43.92
C THR A 434 1.38 -11.89 43.22
N VAL A 435 0.95 -10.83 43.90
CA VAL A 435 0.90 -9.48 43.33
C VAL A 435 2.26 -8.77 43.33
N GLU A 436 2.92 -8.74 44.50
CA GLU A 436 4.21 -8.06 44.63
C GLU A 436 5.18 -8.57 43.58
N THR A 437 5.51 -9.85 43.68
CA THR A 437 6.33 -10.55 42.72
C THR A 437 6.05 -10.11 41.28
N ALA A 438 4.77 -9.89 40.98
CA ALA A 438 4.33 -9.49 39.65
C ALA A 438 4.59 -8.01 39.39
N ILE A 439 4.22 -7.16 40.35
CA ILE A 439 4.42 -5.73 40.21
C ILE A 439 5.91 -5.37 40.19
N ARG A 440 6.69 -6.04 41.04
CA ARG A 440 8.13 -5.90 41.09
C ARG A 440 8.78 -6.38 39.79
N GLY A 441 8.35 -7.55 39.33
CA GLY A 441 8.81 -8.11 38.07
C GLY A 441 8.52 -7.16 36.92
N LEU A 442 7.31 -6.61 36.92
CA LEU A 442 6.90 -5.61 35.94
C LEU A 442 7.74 -4.34 36.01
N THR A 443 7.91 -3.83 37.22
CA THR A 443 8.72 -2.66 37.46
C THR A 443 10.13 -2.89 36.93
N ALA A 444 10.72 -4.02 37.29
CA ALA A 444 12.06 -4.37 36.80
C ALA A 444 12.22 -4.14 35.30
N VAL A 445 11.14 -4.29 34.55
CA VAL A 445 11.18 -4.15 33.09
C VAL A 445 11.47 -2.71 32.67
N SER A 446 10.81 -1.75 33.32
CA SER A 446 11.07 -0.32 33.07
C SER A 446 12.51 0.08 33.42
N ASP A 447 13.03 -0.45 34.52
CA ASP A 447 14.39 -0.16 34.96
C ASP A 447 15.43 -0.72 34.00
N MET A 448 14.98 -1.47 33.00
CA MET A 448 15.85 -2.08 32.01
C MET A 448 15.50 -1.62 30.59
N SER A 449 14.37 -0.92 30.48
CA SER A 449 13.90 -0.38 29.20
C SER A 449 14.54 0.98 28.92
N HIS A 450 15.56 0.96 28.06
CA HIS A 450 16.25 2.18 27.62
C HIS A 450 16.21 2.29 26.11
N ILE A 451 15.05 2.68 25.58
CA ILE A 451 14.92 2.92 24.15
C ILE A 451 15.66 4.21 23.81
N ARG A 452 16.91 4.07 23.40
CA ARG A 452 17.76 5.21 23.08
C ARG A 452 17.36 5.83 21.74
N SER A 453 16.66 5.06 20.91
CA SER A 453 16.24 5.50 19.59
C SER A 453 15.33 6.72 19.60
N VAL A 454 14.59 6.90 20.70
CA VAL A 454 13.73 8.06 20.92
C VAL A 454 13.80 8.44 22.40
N PRO A 455 14.50 9.52 22.72
CA PRO A 455 14.82 9.86 24.10
C PRO A 455 13.62 10.25 24.97
N SER A 456 12.62 10.91 24.42
CA SER A 456 11.46 11.36 25.22
C SER A 456 10.83 10.17 25.95
N ILE A 457 10.58 9.11 25.19
CA ILE A 457 10.13 7.82 25.73
C ILE A 457 11.06 7.37 26.87
N ALA A 458 12.34 7.21 26.56
CA ALA A 458 13.34 6.71 27.50
C ALA A 458 13.40 7.58 28.75
N ALA A 459 13.47 8.90 28.58
CA ALA A 459 13.55 9.83 29.69
C ALA A 459 12.22 9.95 30.45
N GLY A 460 11.12 9.68 29.75
CA GLY A 460 9.80 9.63 30.36
C GLY A 460 9.65 8.38 31.21
N ASN A 461 9.97 7.24 30.61
CA ASN A 461 10.04 5.96 31.30
C ASN A 461 11.10 5.96 32.41
N ALA A 462 11.96 6.98 32.41
CA ALA A 462 13.01 7.12 33.42
C ALA A 462 12.53 7.90 34.63
N ALA A 463 11.40 8.58 34.49
CA ALA A 463 10.86 9.39 35.56
C ALA A 463 9.50 8.88 36.02
N SER A 464 8.84 8.09 35.17
CA SER A 464 7.48 7.60 35.42
C SER A 464 7.41 6.20 36.03
N HIS A 465 8.24 5.30 35.51
CA HIS A 465 8.22 3.89 35.91
C HIS A 465 6.88 3.23 35.56
N ALA A 466 6.30 3.73 34.48
CA ALA A 466 5.03 3.26 33.93
C ALA A 466 4.98 1.76 33.80
N ILE A 467 3.99 1.13 34.44
CA ILE A 467 3.70 -0.28 34.22
C ILE A 467 2.21 -0.53 33.98
N GLY A 468 1.88 -1.78 33.64
CA GLY A 468 0.51 -2.16 33.34
C GLY A 468 0.22 -3.60 33.69
N LEU A 469 -0.23 -3.80 34.92
CA LEU A 469 -0.55 -5.13 35.40
C LEU A 469 -1.94 -5.53 34.92
N GLY A 470 -2.00 -6.61 34.16
CA GLY A 470 -3.24 -7.05 33.54
C GLY A 470 -3.85 -8.26 34.18
N GLN A 471 -5.06 -8.59 33.74
CA GLN A 471 -5.80 -9.76 34.22
C GLN A 471 -6.21 -10.60 33.02
N MET A 472 -6.64 -11.83 33.31
CA MET A 472 -7.17 -12.72 32.29
C MET A 472 -7.72 -13.99 32.93
N ASN A 473 -8.66 -14.60 32.23
CA ASN A 473 -9.35 -15.82 32.65
C ASN A 473 -10.63 -15.58 33.45
N LEU A 474 -10.99 -14.30 33.64
CA LEU A 474 -12.20 -13.91 34.36
C LEU A 474 -13.37 -14.80 34.00
N HIS A 475 -13.61 -14.95 32.70
CA HIS A 475 -14.72 -15.78 32.22
C HIS A 475 -14.52 -17.22 32.61
N GLY A 476 -13.30 -17.72 32.41
CA GLY A 476 -12.96 -19.07 32.80
C GLY A 476 -13.29 -19.26 34.26
N TYR A 477 -12.76 -18.36 35.10
CA TYR A 477 -12.94 -18.44 36.55
C TYR A 477 -14.39 -18.34 37.00
N LEU A 478 -15.11 -17.32 36.54
CA LEU A 478 -16.50 -17.15 36.90
C LEU A 478 -17.27 -18.43 36.61
N ALA A 479 -17.17 -18.87 35.37
CA ALA A 479 -17.84 -20.08 34.92
C ALA A 479 -17.32 -21.33 35.63
N ARG A 480 -16.06 -21.29 36.08
CA ARG A 480 -15.50 -22.40 36.84
C ARG A 480 -16.14 -22.47 38.21
N GLU A 481 -16.22 -21.34 38.90
CA GLU A 481 -16.89 -21.28 40.19
C GLU A 481 -18.40 -21.33 40.02
N GLY A 482 -18.83 -21.26 38.76
CA GLY A 482 -20.21 -21.54 38.40
C GLY A 482 -21.05 -20.33 38.05
N ILE A 483 -20.46 -19.14 38.09
CA ILE A 483 -21.23 -17.92 37.86
C ILE A 483 -21.42 -17.61 36.37
N ALA A 484 -22.67 -17.32 36.01
CA ALA A 484 -23.02 -16.84 34.68
C ALA A 484 -22.42 -15.47 34.44
N TYR A 485 -21.99 -15.18 33.21
CA TYR A 485 -21.35 -13.90 32.91
C TYR A 485 -22.35 -12.75 32.89
N GLY A 486 -21.87 -11.57 33.27
CA GLY A 486 -22.69 -10.36 33.29
C GLY A 486 -23.74 -10.34 34.38
N SER A 487 -23.80 -11.44 35.13
CA SER A 487 -24.78 -11.64 36.19
C SER A 487 -24.55 -10.69 37.35
N PRO A 488 -25.62 -10.35 38.09
CA PRO A 488 -25.50 -9.55 39.31
C PRO A 488 -24.43 -10.05 40.30
N GLU A 489 -24.13 -11.35 40.26
CA GLU A 489 -23.08 -11.94 41.10
C GLU A 489 -21.73 -11.97 40.40
N ALA A 490 -21.76 -11.99 39.07
CA ALA A 490 -20.54 -11.89 38.27
C ALA A 490 -19.88 -10.54 38.54
N LEU A 491 -20.50 -9.47 38.05
CA LEU A 491 -20.02 -8.10 38.29
C LEU A 491 -19.57 -7.96 39.73
N ASP A 492 -20.38 -8.45 40.66
CA ASP A 492 -20.08 -8.39 42.08
C ASP A 492 -18.71 -8.98 42.45
N PHE A 493 -18.34 -10.10 41.83
CA PHE A 493 -16.99 -10.60 42.04
C PHE A 493 -15.97 -9.70 41.40
N THR A 494 -16.08 -9.51 40.09
CA THR A 494 -15.05 -8.81 39.32
C THR A 494 -14.78 -7.40 39.86
N ASN A 495 -15.75 -6.85 40.58
CA ASN A 495 -15.59 -5.56 41.24
C ASN A 495 -14.75 -5.66 42.51
N LEU A 496 -15.13 -6.58 43.38
CA LEU A 496 -14.44 -6.79 44.66
C LEU A 496 -13.11 -7.50 44.43
N TYR A 497 -12.89 -7.97 43.20
CA TYR A 497 -11.62 -8.56 42.83
C TYR A 497 -10.62 -7.46 42.55
N PHE A 498 -10.90 -6.67 41.52
CA PHE A 498 -10.01 -5.57 41.11
C PHE A 498 -9.67 -4.69 42.31
N TYR A 499 -10.69 -4.33 43.07
CA TYR A 499 -10.54 -3.66 44.35
C TYR A 499 -9.35 -4.20 45.12
N THR A 500 -9.31 -5.52 45.29
CA THR A 500 -8.29 -6.14 46.13
C THR A 500 -6.93 -6.32 45.45
N ILE A 501 -6.92 -6.42 44.13
CA ILE A 501 -5.66 -6.41 43.38
C ILE A 501 -5.05 -5.01 43.54
N THR A 502 -5.87 -4.00 43.29
CA THR A 502 -5.47 -2.60 43.40
C THR A 502 -4.73 -2.32 44.69
N TRP A 503 -5.32 -2.69 45.82
CA TRP A 503 -4.71 -2.45 47.11
C TRP A 503 -3.29 -3.00 47.16
N HIS A 504 -3.11 -4.23 46.67
CA HIS A 504 -1.82 -4.89 46.75
C HIS A 504 -0.77 -4.28 45.83
N ALA A 505 -1.19 -3.82 44.65
CA ALA A 505 -0.31 -3.12 43.73
C ALA A 505 0.21 -1.83 44.34
N VAL A 506 -0.73 -0.99 44.80
CA VAL A 506 -0.41 0.28 45.46
C VAL A 506 0.52 0.05 46.66
N HIS A 507 0.27 -1.00 47.43
CA HIS A 507 1.14 -1.36 48.55
C HIS A 507 2.52 -1.70 48.04
N THR A 508 2.58 -2.62 47.07
CA THR A 508 3.84 -3.01 46.46
C THR A 508 4.58 -1.79 45.94
N SER A 509 3.84 -0.87 45.34
CA SER A 509 4.41 0.36 44.79
C SER A 509 4.90 1.32 45.88
N MET A 510 4.15 1.42 46.98
CA MET A 510 4.53 2.26 48.11
C MET A 510 5.80 1.72 48.75
N ARG A 511 5.81 0.41 48.98
CA ARG A 511 6.97 -0.27 49.54
C ARG A 511 8.18 0.03 48.69
N LEU A 512 8.08 -0.23 47.39
CA LEU A 512 9.17 0.00 46.45
C LEU A 512 9.83 1.38 46.61
N ALA A 513 9.00 2.42 46.68
CA ALA A 513 9.47 3.77 46.88
C ALA A 513 10.25 3.88 48.19
N ARG A 514 9.75 3.21 49.22
CA ARG A 514 10.41 3.19 50.52
C ARG A 514 11.79 2.55 50.40
N GLU A 515 11.92 1.55 49.54
CA GLU A 515 13.20 0.85 49.39
C GLU A 515 14.19 1.58 48.49
N ARG A 516 13.68 2.24 47.45
CA ARG A 516 14.55 2.93 46.51
C ARG A 516 14.87 4.35 46.97
N GLY A 517 14.03 4.88 47.85
CA GLY A 517 14.17 6.24 48.34
C GLY A 517 13.95 7.26 47.23
N LYS A 518 12.89 7.07 46.45
CA LYS A 518 12.53 7.95 45.34
C LYS A 518 11.14 7.60 44.79
N THR A 519 10.30 8.61 44.56
CA THR A 519 9.00 8.40 43.93
C THR A 519 9.13 8.76 42.47
N PHE A 520 8.18 8.32 41.66
CA PHE A 520 8.09 8.80 40.29
C PHE A 520 7.96 10.32 40.30
N ALA A 521 8.65 10.98 39.38
CA ALA A 521 8.61 12.43 39.32
C ALA A 521 7.22 12.88 38.92
N GLY A 522 6.80 14.03 39.44
CA GLY A 522 5.46 14.53 39.19
C GLY A 522 4.46 14.00 40.21
N PHE A 523 4.99 13.32 41.22
CA PHE A 523 4.18 12.74 42.27
C PHE A 523 3.58 13.81 43.16
N ALA A 524 4.38 14.80 43.52
CA ALA A 524 3.95 15.89 44.41
C ALA A 524 2.63 16.53 43.95
N GLN A 525 2.19 16.16 42.76
CA GLN A 525 0.98 16.70 42.18
C GLN A 525 -0.08 15.63 41.97
N SER A 526 0.32 14.36 42.10
CA SER A 526 -0.61 13.23 42.00
C SER A 526 -1.72 13.34 43.02
N ARG A 527 -2.85 12.69 42.72
CA ARG A 527 -3.95 12.58 43.66
C ARG A 527 -3.64 11.59 44.78
N TYR A 528 -2.64 10.73 44.55
CA TYR A 528 -2.12 9.84 45.59
C TYR A 528 -1.44 10.67 46.68
N ALA A 529 -0.76 11.73 46.25
CA ALA A 529 -0.09 12.65 47.18
C ALA A 529 -1.12 13.50 47.93
N SER A 530 -2.07 14.04 47.19
CA SER A 530 -3.18 14.78 47.78
C SER A 530 -4.03 13.87 48.67
N GLY A 531 -4.20 12.63 48.24
CA GLY A 531 -4.98 11.67 48.99
C GLY A 531 -6.45 11.70 48.60
N ASP A 532 -6.74 12.26 47.43
CA ASP A 532 -8.10 12.27 46.93
C ASP A 532 -8.36 11.04 46.05
N TYR A 533 -7.34 10.21 45.90
CA TYR A 533 -7.45 8.91 45.26
C TYR A 533 -7.93 7.91 46.30
N PHE A 534 -7.45 8.07 47.52
CA PHE A 534 -7.83 7.22 48.63
C PHE A 534 -9.22 7.54 49.14
N THR A 535 -9.78 8.65 48.67
CA THR A 535 -11.13 9.06 49.02
C THR A 535 -12.19 7.98 48.74
N GLN A 536 -12.11 7.37 47.56
CA GLN A 536 -13.06 6.33 47.14
C GLN A 536 -13.06 5.13 48.07
N TYR A 537 -11.86 4.63 48.35
CA TYR A 537 -11.67 3.39 49.08
C TYR A 537 -11.77 3.57 50.60
N LEU A 538 -12.21 4.74 51.04
CA LEU A 538 -12.44 4.98 52.44
C LEU A 538 -13.93 5.07 52.76
N GLN A 539 -14.76 4.86 51.74
CA GLN A 539 -16.23 4.78 51.91
C GLN A 539 -16.66 3.30 51.92
N ASP A 540 -17.87 3.00 51.45
CA ASP A 540 -18.28 1.60 51.37
C ASP A 540 -18.76 1.11 49.99
N ASP A 541 -19.71 0.17 50.00
CA ASP A 541 -20.01 -0.72 48.85
C ASP A 541 -18.92 -1.80 48.75
N TRP A 542 -17.94 -1.72 49.66
CA TRP A 542 -16.75 -2.57 49.62
C TRP A 542 -16.89 -3.83 50.46
N GLN A 543 -18.11 -4.33 50.52
CA GLN A 543 -18.42 -5.62 51.12
C GLN A 543 -19.38 -6.34 50.16
N PRO A 544 -19.22 -7.66 50.03
CA PRO A 544 -19.88 -8.42 48.95
C PRO A 544 -21.39 -8.26 48.88
N LYS A 545 -21.88 -8.01 47.67
CA LYS A 545 -23.30 -7.78 47.42
C LYS A 545 -24.04 -9.11 47.20
N THR A 546 -23.29 -10.19 47.01
CA THR A 546 -23.86 -11.53 46.86
C THR A 546 -23.13 -12.50 47.79
N ALA A 547 -23.88 -13.47 48.32
CA ALA A 547 -23.32 -14.50 49.19
C ALA A 547 -22.37 -15.42 48.45
N LYS A 548 -22.69 -15.72 47.19
CA LYS A 548 -21.88 -16.59 46.33
C LYS A 548 -20.45 -16.04 46.19
N VAL A 549 -20.38 -14.73 46.03
CA VAL A 549 -19.11 -14.02 45.93
C VAL A 549 -18.31 -14.16 47.23
N ARG A 550 -18.91 -13.76 48.35
CA ARG A 550 -18.28 -13.83 49.68
C ARG A 550 -17.71 -15.20 49.95
N ALA A 551 -18.43 -16.23 49.50
CA ALA A 551 -17.99 -17.61 49.60
C ALA A 551 -16.62 -17.77 48.96
N LEU A 552 -16.46 -17.22 47.77
CA LEU A 552 -15.23 -17.40 46.99
C LEU A 552 -14.03 -16.92 47.78
N PHE A 553 -14.12 -15.70 48.30
CA PHE A 553 -13.01 -15.08 49.02
C PHE A 553 -12.76 -15.72 50.38
N ALA A 554 -13.83 -16.16 51.03
CA ALA A 554 -13.72 -16.98 52.23
C ALA A 554 -12.94 -18.24 51.86
N ARG A 555 -13.51 -19.02 50.93
CA ARG A 555 -12.95 -20.29 50.50
C ARG A 555 -11.54 -20.18 49.92
N SER A 556 -11.25 -19.07 49.26
CA SER A 556 -10.00 -18.91 48.54
C SER A 556 -8.83 -18.53 49.44
N GLY A 557 -9.15 -18.06 50.65
CA GLY A 557 -8.14 -17.65 51.61
C GLY A 557 -7.65 -16.24 51.35
N ILE A 558 -8.53 -15.40 50.79
CA ILE A 558 -8.20 -14.04 50.46
C ILE A 558 -8.88 -13.10 51.43
N THR A 559 -8.08 -12.31 52.13
CA THR A 559 -8.61 -11.27 53.02
C THR A 559 -8.87 -10.02 52.20
N LEU A 560 -10.14 -9.71 51.98
CA LEU A 560 -10.55 -8.49 51.32
C LEU A 560 -10.10 -7.30 52.18
N PRO A 561 -9.43 -6.32 51.58
CA PRO A 561 -8.86 -5.19 52.33
C PRO A 561 -9.92 -4.42 53.10
N THR A 562 -9.63 -4.15 54.37
CA THR A 562 -10.57 -3.46 55.27
C THR A 562 -10.16 -2.00 55.45
N ARG A 563 -11.15 -1.13 55.64
CA ARG A 563 -10.94 0.32 55.69
C ARG A 563 -9.60 0.80 56.30
N GLU A 564 -9.17 0.19 57.42
CA GLU A 564 -7.92 0.57 58.10
C GLU A 564 -6.65 -0.01 57.50
N MET A 565 -6.79 -0.73 56.39
CA MET A 565 -5.65 -1.16 55.60
C MET A 565 -5.38 -0.06 54.60
N TRP A 566 -6.43 0.39 53.92
CA TRP A 566 -6.37 1.59 53.08
C TRP A 566 -5.91 2.76 53.93
N LEU A 567 -6.56 2.93 55.08
CA LEU A 567 -6.26 4.04 56.00
C LEU A 567 -4.81 4.03 56.48
N LYS A 568 -4.24 2.84 56.64
CA LYS A 568 -2.83 2.69 56.98
C LYS A 568 -1.99 3.00 55.75
N LEU A 569 -2.51 2.61 54.58
CA LEU A 569 -1.80 2.76 53.32
C LEU A 569 -1.82 4.19 52.81
N ARG A 570 -2.92 4.90 53.08
CA ARG A 570 -3.03 6.29 52.69
C ARG A 570 -1.85 7.07 53.24
N ASP A 571 -1.66 6.97 54.55
CA ASP A 571 -0.61 7.72 55.25
C ASP A 571 0.80 7.21 54.93
N ASP A 572 0.89 5.99 54.41
CA ASP A 572 2.16 5.40 54.00
C ASP A 572 2.65 6.08 52.73
N VAL A 573 1.77 6.15 51.73
CA VAL A 573 2.03 6.85 50.49
C VAL A 573 2.37 8.32 50.78
N MET A 574 1.52 8.97 51.59
CA MET A 574 1.70 10.38 51.96
C MET A 574 2.93 10.60 52.82
N ARG A 575 3.93 9.75 52.64
CA ARG A 575 5.22 9.90 53.29
C ARG A 575 6.32 9.51 52.32
N TYR A 576 6.27 8.25 51.88
CA TYR A 576 7.32 7.69 51.02
C TYR A 576 6.95 7.77 49.54
N GLY A 577 5.66 7.96 49.27
CA GLY A 577 5.13 8.01 47.92
C GLY A 577 4.91 6.65 47.31
N ILE A 578 4.74 6.61 45.99
CA ILE A 578 4.82 5.38 45.21
C ILE A 578 5.87 5.55 44.12
N TYR A 579 6.53 4.46 43.77
CA TYR A 579 7.64 4.49 42.83
C TYR A 579 7.14 4.43 41.40
N ASN A 580 5.93 3.93 41.23
CA ASN A 580 5.31 3.82 39.92
C ASN A 580 4.23 4.88 39.71
N GLN A 581 4.19 5.43 38.50
CA GLN A 581 3.18 6.43 38.13
C GLN A 581 1.81 5.78 37.93
N ASN A 582 1.72 4.95 36.91
CA ASN A 582 0.51 4.19 36.64
C ASN A 582 0.81 2.70 36.85
N LEU A 583 -0.08 2.01 37.57
CA LEU A 583 0.17 0.63 38.02
C LEU A 583 -0.42 -0.47 37.11
N GLN A 584 -1.74 -0.48 36.93
CA GLN A 584 -2.40 -1.52 36.14
C GLN A 584 -2.83 -1.06 34.77
N ALA A 585 -3.01 -2.03 33.87
CA ALA A 585 -3.70 -1.86 32.58
C ALA A 585 -4.03 -3.24 32.05
N VAL A 586 -5.26 -3.42 31.59
CA VAL A 586 -5.68 -4.72 31.09
C VAL A 586 -5.75 -4.71 29.57
N PRO A 587 -4.79 -5.40 28.95
CA PRO A 587 -4.68 -5.45 27.49
C PRO A 587 -5.58 -6.53 26.90
N PRO A 588 -5.76 -6.51 25.59
CA PRO A 588 -6.46 -7.59 24.92
C PRO A 588 -5.40 -8.64 24.68
N THR A 589 -5.16 -9.46 25.69
CA THR A 589 -4.07 -10.43 25.62
C THR A 589 -4.06 -11.17 24.28
N GLY A 590 -2.94 -11.03 23.57
CA GLY A 590 -2.74 -11.67 22.29
C GLY A 590 -2.55 -13.16 22.46
N SER A 591 -1.33 -13.63 22.20
CA SER A 591 -1.09 -15.05 22.25
C SER A 591 -0.84 -15.54 23.67
N ILE A 592 -0.43 -14.62 24.54
CA ILE A 592 -0.07 -14.96 25.92
C ILE A 592 -1.15 -15.72 26.68
N SER A 593 -2.40 -15.45 26.32
CA SER A 593 -3.54 -16.14 26.91
C SER A 593 -3.53 -17.63 26.58
N TYR A 594 -3.06 -17.97 25.38
CA TYR A 594 -3.06 -19.35 24.91
C TYR A 594 -1.87 -20.12 25.47
N ILE A 595 -0.88 -19.41 25.99
CA ILE A 595 0.23 -20.05 26.68
C ILE A 595 -0.13 -20.33 28.15
N ASN A 596 -0.88 -19.40 28.74
CA ASN A 596 -1.27 -19.48 30.16
C ASN A 596 -2.67 -20.04 30.40
N HIS A 597 -3.28 -20.56 29.32
CA HIS A 597 -4.65 -21.06 29.37
C HIS A 597 -5.59 -20.08 30.07
N ALA A 598 -6.15 -19.16 29.31
CA ALA A 598 -7.03 -18.13 29.86
C ALA A 598 -8.09 -17.71 28.87
N THR A 599 -9.28 -17.42 29.38
CA THR A 599 -10.33 -16.84 28.54
C THR A 599 -9.93 -15.39 28.24
N SER A 600 -9.36 -15.18 27.05
CA SER A 600 -8.88 -13.88 26.58
C SER A 600 -8.72 -12.81 27.67
N SER A 601 -9.45 -11.72 27.54
CA SER A 601 -9.31 -10.61 28.49
C SER A 601 -10.24 -10.81 29.69
N ILE A 602 -10.73 -9.70 30.24
CA ILE A 602 -11.75 -9.76 31.27
C ILE A 602 -13.14 -9.76 30.62
N HIS A 603 -13.22 -10.38 29.44
CA HIS A 603 -14.48 -10.49 28.71
C HIS A 603 -14.80 -11.93 28.30
N PRO A 604 -16.01 -12.17 27.80
CA PRO A 604 -16.45 -13.53 27.45
C PRO A 604 -15.68 -14.13 26.27
N ILE A 605 -15.62 -15.46 26.17
CA ILE A 605 -14.95 -16.12 25.06
C ILE A 605 -15.66 -15.84 23.75
N VAL A 606 -14.87 -15.63 22.71
CA VAL A 606 -15.37 -15.33 21.39
C VAL A 606 -16.22 -16.48 20.85
N ALA A 607 -15.84 -17.69 21.22
CA ALA A 607 -16.63 -18.90 20.94
C ALA A 607 -16.21 -20.01 21.88
N LYS A 608 -16.95 -21.13 21.87
CA LYS A 608 -16.62 -22.26 22.73
C LYS A 608 -15.27 -22.87 22.38
N ILE A 609 -15.02 -23.05 21.08
CA ILE A 609 -13.71 -23.49 20.58
C ILE A 609 -13.18 -22.51 19.56
N GLU A 610 -12.22 -21.69 19.98
CA GLU A 610 -11.64 -20.69 19.10
C GLU A 610 -10.94 -21.33 17.89
N ILE A 611 -11.40 -20.94 16.70
CA ILE A 611 -10.75 -21.34 15.46
C ILE A 611 -9.73 -20.27 15.06
N ARG A 612 -8.45 -20.65 14.99
CA ARG A 612 -7.38 -19.68 14.76
C ARG A 612 -6.54 -20.05 13.56
N LYS A 613 -6.29 -19.07 12.67
CA LYS A 613 -5.55 -19.32 11.43
C LYS A 613 -4.04 -19.39 11.66
N GLU A 614 -3.52 -20.61 11.79
CA GLU A 614 -2.13 -20.84 12.17
C GLU A 614 -1.47 -22.05 11.52
N GLY A 615 -0.18 -21.91 11.23
CA GLY A 615 0.67 -23.03 10.85
C GLY A 615 0.24 -23.86 9.67
N LYS A 616 0.66 -25.13 9.70
CA LYS A 616 0.55 -26.07 8.57
C LYS A 616 -0.85 -26.21 7.97
N THR A 617 -1.83 -26.53 8.81
CA THR A 617 -3.17 -26.86 8.35
C THR A 617 -4.04 -25.62 8.16
N GLY A 618 -3.52 -24.48 8.60
CA GLY A 618 -4.17 -23.19 8.41
C GLY A 618 -5.14 -22.82 9.52
N ARG A 619 -5.33 -23.74 10.47
CA ARG A 619 -6.19 -23.53 11.62
C ARG A 619 -5.82 -24.45 12.78
N VAL A 620 -5.76 -23.87 13.98
CA VAL A 620 -5.60 -24.64 15.20
C VAL A 620 -6.75 -24.26 16.12
N TYR A 621 -7.28 -25.27 16.80
CA TYR A 621 -8.45 -25.10 17.64
C TYR A 621 -8.10 -25.02 19.14
N TYR A 622 -8.81 -24.13 19.83
CA TYR A 622 -8.54 -23.82 21.22
C TYR A 622 -9.81 -23.96 22.03
N PRO A 623 -9.82 -24.93 22.95
CA PRO A 623 -10.96 -25.12 23.84
C PRO A 623 -10.82 -24.21 25.05
N ALA A 624 -11.94 -23.67 25.54
CA ALA A 624 -11.90 -22.79 26.69
C ALA A 624 -11.47 -23.57 27.92
N PRO A 625 -10.79 -22.88 28.83
CA PRO A 625 -10.29 -23.51 30.07
C PRO A 625 -11.40 -23.86 31.05
N PHE A 626 -11.21 -24.97 31.76
CA PHE A 626 -12.19 -25.49 32.72
C PHE A 626 -13.52 -25.90 32.08
N MET A 627 -13.48 -26.24 30.79
CA MET A 627 -14.68 -26.65 30.05
C MET A 627 -14.80 -28.16 29.96
N THR A 628 -15.98 -28.67 30.34
CA THR A 628 -16.34 -30.06 30.18
C THR A 628 -17.73 -30.14 29.58
N ASN A 629 -18.15 -31.35 29.19
CA ASN A 629 -19.50 -31.59 28.67
C ASN A 629 -20.63 -31.25 29.66
N GLU A 630 -20.25 -30.86 30.87
CA GLU A 630 -21.21 -30.64 31.95
C GLU A 630 -21.56 -29.17 32.17
N ASN A 631 -20.56 -28.29 32.15
CA ASN A 631 -20.76 -26.88 32.44
C ASN A 631 -20.91 -26.04 31.19
N LEU A 632 -21.36 -26.67 30.11
CA LEU A 632 -21.45 -26.01 28.81
C LEU A 632 -22.47 -24.86 28.73
N ASP A 633 -23.31 -24.75 29.75
CA ASP A 633 -24.24 -23.62 29.84
C ASP A 633 -23.58 -22.37 30.46
N MET A 634 -22.35 -22.51 30.92
CA MET A 634 -21.58 -21.37 31.43
C MET A 634 -20.85 -20.64 30.30
N TYR A 635 -20.29 -21.41 29.38
CA TYR A 635 -19.48 -20.86 28.31
C TYR A 635 -20.30 -20.30 27.14
N GLN A 636 -21.28 -19.46 27.44
CA GLN A 636 -22.03 -18.83 26.38
C GLN A 636 -21.07 -17.93 25.62
N ASP A 637 -21.10 -18.01 24.29
CA ASP A 637 -20.18 -17.23 23.47
C ASP A 637 -20.51 -15.76 23.46
N ALA A 638 -19.45 -14.94 23.48
CA ALA A 638 -19.57 -13.48 23.54
C ALA A 638 -20.68 -12.90 22.66
N TYR A 639 -20.58 -13.14 21.37
CA TYR A 639 -21.52 -12.60 20.39
C TYR A 639 -22.94 -12.48 20.94
N ASP A 640 -23.47 -13.58 21.47
CA ASP A 640 -24.87 -13.61 21.94
C ASP A 640 -25.09 -13.39 23.45
N ILE A 641 -24.01 -13.30 24.21
CA ILE A 641 -24.13 -12.82 25.60
C ILE A 641 -24.62 -11.38 25.55
N GLY A 642 -24.15 -10.65 24.54
CA GLY A 642 -24.60 -9.31 24.26
C GLY A 642 -23.59 -8.23 24.63
N PRO A 643 -23.76 -7.04 24.06
CA PRO A 643 -22.87 -5.90 24.32
C PRO A 643 -22.95 -5.46 25.77
N GLU A 644 -24.14 -5.05 26.20
CA GLU A 644 -24.37 -4.48 27.53
C GLU A 644 -23.60 -5.19 28.65
N LYS A 645 -23.75 -6.52 28.68
CA LYS A 645 -23.16 -7.34 29.73
C LYS A 645 -21.66 -7.11 29.84
N ILE A 646 -20.97 -7.14 28.70
CA ILE A 646 -19.52 -6.94 28.67
C ILE A 646 -19.15 -5.61 29.33
N ILE A 647 -19.80 -4.53 28.90
CA ILE A 647 -19.55 -3.19 29.43
C ILE A 647 -19.74 -3.22 30.94
N ASP A 648 -20.88 -3.77 31.34
CA ASP A 648 -21.28 -3.90 32.74
C ASP A 648 -20.13 -4.38 33.62
N THR A 649 -19.51 -5.48 33.18
CA THR A 649 -18.36 -6.06 33.87
C THR A 649 -17.21 -5.07 33.82
N TYR A 650 -16.90 -4.61 32.61
CA TYR A 650 -15.77 -3.73 32.37
C TYR A 650 -15.90 -2.47 33.20
N ALA A 651 -17.14 -2.00 33.35
CA ALA A 651 -17.42 -0.87 34.23
C ALA A 651 -16.72 -1.09 35.57
N GLU A 652 -17.00 -2.24 36.19
CA GLU A 652 -16.49 -2.56 37.52
C GLU A 652 -14.98 -2.56 37.58
N ALA A 653 -14.34 -2.88 36.46
CA ALA A 653 -12.90 -2.81 36.38
C ALA A 653 -12.45 -1.37 36.18
N THR A 654 -13.09 -0.70 35.23
CA THR A 654 -12.81 0.69 34.92
C THR A 654 -12.78 1.50 36.22
N ARG A 655 -13.61 1.07 37.17
CA ARG A 655 -13.62 1.66 38.50
C ARG A 655 -12.24 1.74 39.11
N HIS A 656 -11.52 0.61 39.14
CA HIS A 656 -10.29 0.52 39.92
C HIS A 656 -9.01 0.75 39.13
N VAL A 657 -8.96 0.25 37.89
CA VAL A 657 -7.73 0.34 37.08
C VAL A 657 -7.46 1.76 36.57
N ASP A 658 -6.28 2.27 36.90
CA ASP A 658 -5.92 3.66 36.62
C ASP A 658 -5.77 3.96 35.15
N GLN A 659 -5.28 2.99 34.39
CA GLN A 659 -5.21 3.12 32.93
C GLN A 659 -6.53 2.66 32.33
N GLY A 660 -6.56 2.42 31.03
CA GLY A 660 -7.75 1.94 30.34
C GLY A 660 -7.88 0.43 30.30
N LEU A 661 -8.99 -0.03 29.77
CA LEU A 661 -9.21 -1.45 29.58
C LEU A 661 -9.73 -1.70 28.19
N SER A 662 -9.11 -2.66 27.51
CA SER A 662 -9.35 -2.90 26.10
C SER A 662 -10.66 -3.63 25.87
N LEU A 663 -11.67 -2.85 25.48
CA LEU A 663 -13.05 -3.31 25.42
C LEU A 663 -13.50 -3.58 23.99
N THR A 664 -13.70 -4.86 23.68
CA THR A 664 -14.11 -5.31 22.36
C THR A 664 -15.58 -5.73 22.40
N LEU A 665 -16.41 -5.10 21.58
CA LEU A 665 -17.84 -5.42 21.56
C LEU A 665 -18.13 -6.43 20.45
N PHE A 666 -19.04 -7.37 20.72
CA PHE A 666 -19.28 -8.47 19.80
C PHE A 666 -20.73 -8.54 19.30
N PHE A 667 -20.94 -8.08 18.07
CA PHE A 667 -22.29 -7.98 17.46
C PHE A 667 -22.55 -9.06 16.42
N PRO A 668 -23.81 -9.44 16.24
CA PRO A 668 -24.20 -10.34 15.15
C PRO A 668 -24.17 -9.64 13.80
N ASP A 669 -23.79 -10.36 12.75
CA ASP A 669 -23.63 -9.81 11.39
C ASP A 669 -24.86 -9.03 10.87
N THR A 670 -26.00 -9.23 11.53
CA THR A 670 -27.28 -8.64 11.16
C THR A 670 -27.52 -7.31 11.85
N ALA A 671 -26.77 -7.08 12.93
CA ALA A 671 -26.86 -5.83 13.70
C ALA A 671 -26.61 -4.59 12.83
N THR A 672 -27.14 -3.45 13.25
CA THR A 672 -27.14 -2.24 12.45
C THR A 672 -26.47 -1.08 13.19
N THR A 673 -26.11 -0.03 12.45
CA THR A 673 -25.41 1.12 13.01
C THR A 673 -25.90 1.52 14.40
N ARG A 674 -27.21 1.74 14.51
CA ARG A 674 -27.85 2.09 15.77
C ARG A 674 -27.27 1.24 16.89
N ASP A 675 -27.45 -0.08 16.78
CA ASP A 675 -26.97 -1.02 17.79
C ASP A 675 -25.60 -0.60 18.32
N ILE A 676 -24.67 -0.39 17.40
CA ILE A 676 -23.33 0.00 17.78
C ILE A 676 -23.37 1.32 18.53
N ASN A 677 -23.92 2.36 17.90
CA ASN A 677 -24.00 3.69 18.53
C ASN A 677 -24.69 3.65 19.87
N LYS A 678 -25.79 2.90 19.94
CA LYS A 678 -26.56 2.69 21.17
C LYS A 678 -25.64 2.07 22.23
N ALA A 679 -24.85 1.08 21.82
CA ALA A 679 -23.96 0.36 22.73
C ALA A 679 -22.83 1.26 23.21
N GLN A 680 -22.38 2.15 22.34
CA GLN A 680 -21.31 3.08 22.70
C GLN A 680 -21.80 4.14 23.68
N ILE A 681 -23.01 4.65 23.45
CA ILE A 681 -23.67 5.59 24.36
C ILE A 681 -23.65 5.05 25.78
N TYR A 682 -24.26 3.87 25.95
CA TYR A 682 -24.27 3.16 27.23
C TYR A 682 -22.86 3.09 27.80
N ALA A 683 -21.97 2.44 27.05
CA ALA A 683 -20.56 2.35 27.43
C ALA A 683 -20.04 3.69 27.90
N TRP A 684 -20.29 4.72 27.11
CA TRP A 684 -19.88 6.07 27.48
C TRP A 684 -20.44 6.39 28.86
N ARG A 685 -21.75 6.27 28.99
CA ARG A 685 -22.44 6.69 30.20
C ARG A 685 -22.08 5.82 31.38
N LYS A 686 -21.87 4.53 31.15
CA LYS A 686 -21.44 3.63 32.21
C LYS A 686 -20.06 4.03 32.70
N GLY A 687 -19.37 4.82 31.88
CA GLY A 687 -18.12 5.43 32.24
C GLY A 687 -16.88 4.67 31.79
N ILE A 688 -16.99 3.94 30.69
CA ILE A 688 -15.87 3.19 30.15
C ILE A 688 -14.76 4.17 29.78
N LYS A 689 -13.52 3.83 30.13
CA LYS A 689 -12.39 4.67 29.80
C LYS A 689 -12.02 4.61 28.32
N SER A 690 -12.10 3.41 27.73
CA SER A 690 -11.63 3.19 26.36
C SER A 690 -12.32 2.04 25.65
N LEU A 691 -12.58 2.22 24.35
CA LEU A 691 -13.18 1.18 23.50
C LEU A 691 -12.22 0.69 22.41
N TYR A 692 -12.08 -0.63 22.30
CA TYR A 692 -11.32 -1.25 21.22
C TYR A 692 -12.19 -1.28 19.95
N TYR A 693 -12.01 -2.28 19.09
CA TYR A 693 -12.85 -2.41 17.89
C TYR A 693 -13.98 -3.45 18.00
N ILE A 694 -14.98 -3.32 17.12
CA ILE A 694 -16.19 -4.14 17.22
C ILE A 694 -16.23 -5.27 16.19
N ARG A 695 -16.38 -6.49 16.68
CA ARG A 695 -16.28 -7.69 15.86
C ARG A 695 -17.65 -8.28 15.50
N LEU A 696 -17.79 -8.67 14.23
CA LEU A 696 -19.02 -9.28 13.72
C LEU A 696 -18.89 -10.79 13.53
N ARG A 697 -20.00 -11.49 13.74
CA ARG A 697 -20.06 -12.95 13.61
C ARG A 697 -19.96 -13.36 12.13
N GLN A 698 -18.81 -13.95 11.79
CA GLN A 698 -18.52 -14.41 10.42
C GLN A 698 -17.16 -15.14 10.33
N LEU A 699 -17.19 -16.47 10.44
CA LEU A 699 -15.98 -17.31 10.32
C LEU A 699 -16.25 -18.64 9.58
N ALA A 700 -16.58 -19.70 10.15
N GLN B 11 -10.58 51.28 -32.98
CA GLN B 11 -11.47 51.16 -31.78
C GLN B 11 -10.94 50.16 -30.72
N GLU B 12 -9.69 50.38 -30.30
CA GLU B 12 -9.11 49.85 -29.06
C GLU B 12 -8.62 48.39 -29.11
N THR B 13 -8.72 47.70 -27.95
CA THR B 13 -8.59 46.23 -27.79
C THR B 13 -7.27 45.70 -27.19
N MET B 14 -6.13 46.05 -27.80
CA MET B 14 -4.87 45.28 -27.71
C MET B 14 -4.17 45.17 -26.34
N ASP B 15 -4.53 44.14 -25.56
CA ASP B 15 -3.90 43.88 -24.26
C ASP B 15 -2.54 43.24 -24.44
N TYR B 16 -1.60 43.58 -23.56
CA TYR B 16 -0.20 43.19 -23.74
C TYR B 16 0.04 41.69 -23.96
N HIS B 17 -0.92 40.86 -23.56
CA HIS B 17 -0.81 39.44 -23.81
C HIS B 17 -1.06 39.14 -25.27
N ALA B 18 -2.16 39.66 -25.80
CA ALA B 18 -2.49 39.53 -27.22
C ALA B 18 -1.34 40.00 -28.11
N LEU B 19 -0.55 40.95 -27.59
CA LEU B 19 0.63 41.45 -28.27
C LEU B 19 1.73 40.39 -28.36
N ASN B 20 1.90 39.63 -27.28
CA ASN B 20 2.94 38.61 -27.20
C ASN B 20 2.64 37.37 -28.02
N ALA B 21 1.36 37.07 -28.22
CA ALA B 21 0.95 35.92 -29.02
C ALA B 21 1.27 36.12 -30.49
N MET B 22 1.27 37.38 -30.91
CA MET B 22 1.61 37.78 -32.28
C MET B 22 3.00 37.27 -32.70
N LEU B 23 3.85 37.02 -31.71
CA LEU B 23 5.17 36.49 -31.94
C LEU B 23 5.10 35.22 -32.78
N ASN B 24 4.05 34.44 -32.56
CA ASN B 24 3.88 33.18 -33.27
C ASN B 24 3.26 33.33 -34.66
N LEU B 25 2.77 34.54 -34.96
CA LEU B 25 2.12 34.82 -36.24
C LEU B 25 3.07 35.49 -37.21
N TYR B 26 3.03 35.03 -38.47
CA TYR B 26 3.90 35.55 -39.52
C TYR B 26 3.15 36.61 -40.34
N ASP B 27 3.72 37.02 -41.47
CA ASP B 27 3.04 37.91 -42.42
C ASP B 27 2.56 37.13 -43.65
N LYS B 28 3.33 37.16 -44.74
CA LYS B 28 2.99 36.39 -45.95
C LYS B 28 3.86 35.14 -46.15
N ALA B 29 5.12 35.34 -46.58
CA ALA B 29 6.07 34.23 -46.70
C ALA B 29 6.43 33.67 -45.32
N GLY B 30 6.74 34.58 -44.41
CA GLY B 30 7.07 34.25 -43.04
C GLY B 30 8.16 35.11 -42.46
N HIS B 31 7.78 36.27 -41.92
CA HIS B 31 8.73 37.12 -41.21
C HIS B 31 8.25 37.49 -39.80
N ILE B 32 9.05 37.11 -38.80
CA ILE B 32 8.70 37.17 -37.38
C ILE B 32 8.42 38.60 -36.93
N GLN B 33 7.33 38.76 -36.19
CA GLN B 33 6.91 40.08 -35.70
C GLN B 33 7.66 40.49 -34.43
N PHE B 34 8.99 40.46 -34.49
CA PHE B 34 9.86 40.78 -33.34
C PHE B 34 9.40 42.01 -32.59
N ASP B 35 8.84 42.96 -33.35
CA ASP B 35 8.38 44.23 -32.83
C ASP B 35 7.19 44.09 -31.88
N LYS B 36 6.34 43.12 -32.12
CA LYS B 36 5.12 42.95 -31.33
C LYS B 36 5.37 42.38 -29.93
N ASP B 37 6.61 41.97 -29.66
CA ASP B 37 7.02 41.57 -28.31
C ASP B 37 7.50 42.81 -27.58
N GLN B 38 8.34 43.59 -28.27
CA GLN B 38 8.86 44.85 -27.76
C GLN B 38 7.72 45.81 -27.52
N GLN B 39 6.72 45.75 -28.39
CA GLN B 39 5.47 46.46 -28.21
C GLN B 39 4.83 46.01 -26.89
N ALA B 40 4.75 44.69 -26.70
CA ALA B 40 4.16 44.10 -25.50
C ALA B 40 4.84 44.60 -24.25
N ILE B 41 6.17 44.62 -24.29
CA ILE B 41 6.94 45.12 -23.16
C ILE B 41 6.39 46.49 -22.76
N ASP B 42 6.37 47.42 -23.71
CA ASP B 42 5.94 48.79 -23.42
C ASP B 42 4.56 48.84 -22.78
N ALA B 43 3.67 47.97 -23.24
CA ALA B 43 2.33 47.91 -22.70
C ALA B 43 2.33 47.24 -21.33
N PHE B 44 3.03 46.12 -21.22
CA PHE B 44 3.14 45.40 -19.96
C PHE B 44 3.42 46.33 -18.77
N PHE B 45 4.32 47.28 -18.99
CA PHE B 45 4.64 48.32 -18.01
C PHE B 45 3.52 49.36 -17.93
N ALA B 46 3.02 49.78 -19.09
CA ALA B 46 1.96 50.78 -19.16
C ALA B 46 0.63 50.28 -18.61
N THR B 47 0.37 48.99 -18.75
CA THR B 47 -0.91 48.40 -18.37
C THR B 47 -0.88 47.84 -16.95
N HIS B 48 0.19 47.15 -16.59
CA HIS B 48 0.22 46.37 -15.34
C HIS B 48 1.24 46.83 -14.31
N VAL B 49 2.49 46.99 -14.74
CA VAL B 49 3.60 47.25 -13.83
C VAL B 49 3.47 48.55 -13.06
N ARG B 50 3.49 49.67 -13.79
CA ARG B 50 3.52 50.99 -13.17
C ARG B 50 2.23 51.40 -12.43
N PRO B 51 1.05 51.03 -12.92
CA PRO B 51 -0.19 51.26 -12.16
C PRO B 51 -0.24 50.42 -10.90
N HIS B 52 0.78 49.61 -10.67
CA HIS B 52 0.82 48.69 -9.56
C HIS B 52 2.06 48.87 -8.68
N SER B 53 2.93 49.80 -9.04
CA SER B 53 4.14 50.05 -8.25
C SER B 53 3.85 51.03 -7.12
N VAL B 54 4.76 51.06 -6.14
CA VAL B 54 4.65 52.04 -5.07
C VAL B 54 5.56 53.19 -5.43
N THR B 55 4.99 54.38 -5.59
CA THR B 55 5.76 55.57 -5.99
C THR B 55 6.38 56.20 -4.75
N PHE B 56 7.70 56.20 -4.70
CA PHE B 56 8.43 56.69 -3.53
C PHE B 56 9.11 58.02 -3.81
N ALA B 57 8.65 59.07 -3.10
CA ALA B 57 9.02 60.47 -3.33
C ALA B 57 10.51 60.76 -3.45
N SER B 58 11.32 59.87 -2.89
CA SER B 58 12.79 59.95 -2.97
C SER B 58 13.41 58.65 -2.46
N GLN B 59 14.52 58.25 -3.06
CA GLN B 59 15.25 57.08 -2.60
C GLN B 59 15.42 57.08 -1.08
N HIS B 60 15.27 58.26 -0.48
CA HIS B 60 15.46 58.47 0.96
C HIS B 60 14.31 57.93 1.81
N GLU B 61 13.08 58.12 1.38
CA GLU B 61 11.94 57.57 2.12
C GLU B 61 11.79 56.08 1.85
N ARG B 62 12.16 55.66 0.64
CA ARG B 62 12.08 54.27 0.21
C ARG B 62 12.69 53.36 1.26
N LEU B 63 14.03 53.34 1.31
CA LEU B 63 14.73 52.48 2.24
C LEU B 63 14.17 52.67 3.63
N GLY B 64 13.82 53.91 3.96
CA GLY B 64 13.23 54.25 5.23
C GLY B 64 11.84 53.64 5.45
N THR B 65 11.10 53.45 4.37
CA THR B 65 9.80 52.80 4.43
C THR B 65 9.97 51.30 4.29
N LEU B 66 10.86 50.89 3.39
CA LEU B 66 11.05 49.48 3.11
C LEU B 66 11.79 48.75 4.24
N VAL B 67 12.47 49.48 5.10
CA VAL B 67 13.14 48.85 6.23
C VAL B 67 12.18 48.76 7.41
N ARG B 68 11.68 49.90 7.86
CA ARG B 68 10.78 49.97 9.01
C ARG B 68 9.63 48.96 8.87
N GLU B 69 8.87 49.06 7.77
CA GLU B 69 7.73 48.18 7.50
C GLU B 69 8.11 46.68 7.39
N GLY B 70 9.40 46.37 7.57
CA GLY B 70 9.87 45.00 7.64
C GLY B 70 9.93 44.23 6.32
N TYR B 71 10.37 44.90 5.26
CA TYR B 71 10.54 44.27 3.96
C TYR B 71 12.00 44.00 3.68
N TYR B 72 12.83 45.00 3.97
CA TYR B 72 14.25 45.01 3.63
C TYR B 72 15.10 44.67 4.84
N ASP B 73 16.19 43.94 4.60
CA ASP B 73 17.00 43.43 5.70
C ASP B 73 18.07 44.41 6.15
N ASP B 74 17.81 45.06 7.29
CA ASP B 74 18.71 46.08 7.83
C ASP B 74 20.10 45.55 8.15
N ALA B 75 20.22 44.24 8.32
CA ALA B 75 21.51 43.60 8.55
C ALA B 75 22.51 43.90 7.44
N VAL B 76 22.01 43.99 6.21
CA VAL B 76 22.84 44.27 5.04
C VAL B 76 23.20 45.75 4.94
N LEU B 77 22.19 46.59 4.70
CA LEU B 77 22.37 48.03 4.48
C LEU B 77 23.28 48.73 5.50
N ALA B 78 23.32 48.22 6.73
CA ALA B 78 24.08 48.84 7.80
C ALA B 78 25.53 48.39 7.82
N ARG B 79 25.98 47.72 6.76
CA ARG B 79 27.38 47.37 6.61
C ARG B 79 28.13 48.40 5.75
N TYR B 80 27.38 49.37 5.23
CA TYR B 80 27.93 50.53 4.53
C TYR B 80 27.25 51.78 5.06
N ASP B 81 27.92 52.93 4.95
CA ASP B 81 27.28 54.21 5.24
C ASP B 81 26.19 54.45 4.20
N ARG B 82 24.97 54.72 4.68
CA ARG B 82 23.80 54.89 3.80
C ARG B 82 24.15 55.75 2.59
N ALA B 83 25.04 56.71 2.80
CA ALA B 83 25.61 57.54 1.75
C ALA B 83 25.91 56.70 0.52
N PHE B 84 26.77 55.68 0.70
CA PHE B 84 27.17 54.79 -0.36
C PHE B 84 25.99 54.00 -0.93
N VAL B 85 25.12 53.53 -0.02
CA VAL B 85 23.98 52.72 -0.40
C VAL B 85 23.03 53.51 -1.31
N LEU B 86 22.66 54.70 -0.87
CA LEU B 86 21.80 55.60 -1.63
C LEU B 86 22.40 55.90 -2.99
N ARG B 87 23.69 56.24 -2.98
CA ARG B 87 24.44 56.55 -4.19
C ARG B 87 24.47 55.35 -5.13
N LEU B 88 24.82 54.19 -4.59
CA LEU B 88 24.85 52.96 -5.39
C LEU B 88 23.51 52.75 -6.09
N PHE B 89 22.43 52.82 -5.32
CA PHE B 89 21.07 52.74 -5.85
C PHE B 89 20.91 53.71 -7.00
N GLU B 90 21.08 54.99 -6.69
CA GLU B 90 20.99 56.08 -7.65
C GLU B 90 21.77 55.76 -8.93
N HIS B 91 22.93 55.15 -8.75
CA HIS B 91 23.79 54.76 -9.87
C HIS B 91 23.24 53.57 -10.63
N ALA B 92 22.73 52.58 -9.90
CA ALA B 92 22.14 51.39 -10.53
C ALA B 92 21.04 51.80 -11.49
N HIS B 93 20.18 52.71 -11.03
CA HIS B 93 19.09 53.20 -11.87
C HIS B 93 19.59 54.06 -13.01
N ALA B 94 20.77 54.65 -12.84
CA ALA B 94 21.38 55.50 -13.86
C ALA B 94 22.19 54.72 -14.90
N SER B 95 22.29 53.41 -14.73
CA SER B 95 22.91 52.55 -15.72
C SER B 95 21.98 52.36 -16.93
N GLY B 96 20.73 52.80 -16.77
CA GLY B 96 19.74 52.76 -17.82
C GLY B 96 19.42 51.35 -18.30
N PHE B 97 18.93 50.51 -17.40
CA PHE B 97 18.53 49.17 -17.78
C PHE B 97 17.17 49.19 -18.47
N ARG B 98 17.07 48.40 -19.53
CA ARG B 98 15.80 48.17 -20.22
C ARG B 98 15.66 46.67 -20.51
N PHE B 99 14.46 46.13 -20.32
CA PHE B 99 14.20 44.70 -20.50
C PHE B 99 14.24 44.36 -21.99
N GLN B 100 14.50 43.10 -22.29
CA GLN B 100 14.74 42.67 -23.69
C GLN B 100 13.52 42.05 -24.37
N THR B 101 12.98 41.00 -23.78
CA THR B 101 11.84 40.25 -24.33
C THR B 101 10.70 40.23 -23.34
N PHE B 102 9.49 39.95 -23.82
CA PHE B 102 8.33 40.00 -22.93
C PHE B 102 8.48 39.02 -21.77
N LEU B 103 8.64 37.75 -22.10
CA LEU B 103 8.82 36.72 -21.10
C LEU B 103 9.84 37.20 -20.08
N GLY B 104 10.94 37.76 -20.58
CA GLY B 104 11.96 38.37 -19.76
C GLY B 104 11.41 39.28 -18.69
N ALA B 105 10.60 40.25 -19.09
CA ALA B 105 10.01 41.17 -18.14
C ALA B 105 9.00 40.43 -17.28
N TRP B 106 8.02 39.82 -17.94
CA TRP B 106 6.90 39.17 -17.23
C TRP B 106 7.36 38.25 -16.12
N LYS B 107 8.30 37.37 -16.45
CA LYS B 107 8.85 36.41 -15.49
C LYS B 107 9.43 37.10 -14.27
N PHE B 108 10.10 38.22 -14.47
CA PHE B 108 10.76 38.88 -13.36
C PHE B 108 9.75 39.31 -12.32
N TYR B 109 8.72 40.01 -12.77
CA TYR B 109 7.75 40.65 -11.85
C TYR B 109 6.87 39.65 -11.08
N THR B 110 6.44 38.61 -11.77
CA THR B 110 5.53 37.61 -11.23
C THR B 110 6.21 36.65 -10.25
N SER B 111 7.52 36.46 -10.43
CA SER B 111 8.23 35.39 -9.73
C SER B 111 9.43 35.85 -8.89
N TYR B 112 9.98 37.04 -9.17
CA TYR B 112 11.24 37.43 -8.54
C TYR B 112 11.18 38.72 -7.72
N THR B 113 10.61 39.76 -8.28
CA THR B 113 10.64 41.08 -7.65
C THR B 113 9.91 41.14 -6.31
N LEU B 114 10.22 42.16 -5.51
CA LEU B 114 9.65 42.34 -4.19
C LEU B 114 8.25 42.92 -4.26
N LYS B 115 7.29 42.22 -3.66
CA LYS B 115 5.92 42.71 -3.56
C LYS B 115 5.57 43.01 -2.12
N THR B 116 4.58 43.88 -1.91
CA THR B 116 4.04 44.15 -0.56
C THR B 116 3.50 42.87 0.01
N PHE B 117 3.37 42.82 1.33
CA PHE B 117 2.87 41.62 2.01
C PHE B 117 1.65 41.05 1.28
N ASP B 118 0.68 41.91 0.96
CA ASP B 118 -0.56 41.49 0.31
C ASP B 118 -0.40 41.18 -1.17
N GLY B 119 0.83 41.23 -1.64
CA GLY B 119 1.17 40.89 -3.02
C GLY B 119 0.68 41.89 -4.03
N LYS B 120 -0.36 42.65 -3.67
CA LYS B 120 -1.15 43.42 -4.63
C LYS B 120 -0.40 44.58 -5.32
N ARG B 121 0.62 45.12 -4.68
CA ARG B 121 1.46 46.17 -5.28
C ARG B 121 2.88 45.64 -5.51
N TYR B 122 3.68 46.36 -6.29
CA TYR B 122 5.09 46.02 -6.48
C TYR B 122 5.96 47.02 -5.72
N LEU B 123 7.12 46.57 -5.25
CA LEU B 123 7.97 47.46 -4.47
C LEU B 123 9.33 47.71 -5.10
N GLU B 124 9.74 46.79 -5.97
CA GLU B 124 11.07 46.83 -6.59
C GLU B 124 10.97 46.75 -8.10
N HIS B 125 11.88 47.43 -8.79
CA HIS B 125 12.03 47.24 -10.22
C HIS B 125 13.31 46.44 -10.44
N PHE B 126 13.55 46.00 -11.66
CA PHE B 126 14.67 45.10 -11.93
C PHE B 126 15.91 45.52 -11.15
N GLU B 127 16.35 46.75 -11.42
CA GLU B 127 17.59 47.29 -10.88
C GLU B 127 17.65 47.23 -9.36
N ASP B 128 16.49 47.48 -8.72
CA ASP B 128 16.39 47.46 -7.26
C ASP B 128 16.85 46.13 -6.69
N ARG B 129 16.35 45.05 -7.28
CA ARG B 129 16.78 43.70 -6.93
C ARG B 129 18.30 43.61 -7.02
N VAL B 130 18.83 43.84 -8.21
CA VAL B 130 20.27 43.87 -8.48
C VAL B 130 21.03 44.53 -7.35
N THR B 131 20.66 45.77 -7.05
CA THR B 131 21.29 46.52 -5.98
C THR B 131 21.42 45.67 -4.73
N MET B 132 20.26 45.24 -4.21
CA MET B 132 20.22 44.47 -2.99
C MET B 132 21.15 43.29 -3.14
N VAL B 133 20.88 42.45 -4.13
CA VAL B 133 21.75 41.33 -4.44
C VAL B 133 23.20 41.78 -4.34
N ALA B 134 23.56 42.75 -5.17
CA ALA B 134 24.93 43.24 -5.23
C ALA B 134 25.43 43.58 -3.83
N LEU B 135 24.56 44.23 -3.04
CA LEU B 135 24.92 44.65 -1.69
C LEU B 135 25.08 43.46 -0.75
N THR B 136 24.08 42.59 -0.72
CA THR B 136 24.13 41.40 0.13
C THR B 136 25.40 40.57 -0.08
N LEU B 137 25.80 40.40 -1.35
CA LEU B 137 26.95 39.57 -1.71
C LEU B 137 28.28 40.21 -1.38
N ALA B 138 28.31 41.54 -1.39
CA ALA B 138 29.53 42.27 -1.07
C ALA B 138 29.91 42.15 0.40
N GLN B 139 28.91 41.89 1.24
CA GLN B 139 29.09 41.71 2.68
C GLN B 139 29.54 42.98 3.40
N GLY B 140 30.02 43.96 2.63
CA GLY B 140 30.50 45.20 3.19
C GLY B 140 31.54 45.91 2.34
N ASP B 141 31.88 45.30 1.20
CA ASP B 141 32.94 45.81 0.34
C ASP B 141 32.46 46.80 -0.71
N GLU B 142 32.69 48.08 -0.43
CA GLU B 142 32.28 49.18 -1.30
C GLU B 142 32.56 48.87 -2.77
N THR B 143 33.84 48.67 -3.08
CA THR B 143 34.28 48.48 -4.45
C THR B 143 33.72 47.21 -5.13
N LEU B 144 33.60 46.14 -4.37
CA LEU B 144 33.02 44.89 -4.88
C LEU B 144 31.52 45.07 -5.13
N ALA B 145 30.85 45.81 -4.25
CA ALA B 145 29.43 46.10 -4.41
C ALA B 145 29.20 46.85 -5.72
N THR B 146 29.94 47.94 -5.92
CA THR B 146 29.87 48.68 -7.18
C THR B 146 30.22 47.78 -8.34
N GLN B 147 31.21 46.90 -8.14
CA GLN B 147 31.62 45.95 -9.16
C GLN B 147 30.47 45.05 -9.55
N LEU B 148 29.86 44.40 -8.55
CA LEU B 148 28.77 43.48 -8.78
C LEU B 148 27.64 44.17 -9.52
N THR B 149 27.24 45.33 -9.02
CA THR B 149 26.18 46.13 -9.64
C THR B 149 26.31 46.18 -11.16
N ASP B 150 27.51 46.47 -11.64
CA ASP B 150 27.76 46.59 -13.07
C ASP B 150 27.86 45.24 -13.78
N GLU B 151 28.45 44.26 -13.11
CA GLU B 151 28.55 42.92 -13.70
C GLU B 151 27.20 42.31 -14.01
N MET B 152 26.20 42.63 -13.18
CA MET B 152 24.86 42.08 -13.30
C MET B 152 23.99 42.82 -14.30
N LEU B 153 24.05 44.15 -14.26
CA LEU B 153 23.16 44.99 -15.07
C LEU B 153 23.53 45.03 -16.54
N SER B 154 24.82 44.81 -16.82
CA SER B 154 25.32 44.65 -18.17
C SER B 154 24.81 43.33 -18.71
N GLY B 155 24.66 42.37 -17.80
CA GLY B 155 24.11 41.06 -18.11
C GLY B 155 25.18 39.99 -18.12
N ARG B 156 26.35 40.31 -17.58
CA ARG B 156 27.49 39.40 -17.61
C ARG B 156 27.37 38.34 -16.54
N PHE B 157 26.79 38.73 -15.42
CA PHE B 157 26.60 37.84 -14.28
C PHE B 157 25.13 37.70 -13.99
N GLN B 158 24.77 36.53 -13.51
CA GLN B 158 23.43 36.30 -13.04
C GLN B 158 23.50 35.25 -11.95
N PRO B 159 23.38 35.69 -10.71
CA PRO B 159 23.25 34.77 -9.58
C PRO B 159 22.00 33.97 -9.81
N ALA B 160 22.10 32.65 -9.73
CA ALA B 160 21.00 31.76 -10.06
C ALA B 160 19.76 32.08 -9.22
N THR B 161 18.59 31.73 -9.78
CA THR B 161 17.30 31.97 -9.14
C THR B 161 17.39 32.17 -7.63
N PRO B 162 17.68 31.11 -6.87
CA PRO B 162 17.63 31.16 -5.39
C PRO B 162 18.55 32.17 -4.73
N THR B 163 19.54 32.70 -5.44
CA THR B 163 20.40 33.76 -4.89
C THR B 163 19.82 35.12 -5.22
N PHE B 164 19.22 35.21 -6.40
CA PHE B 164 18.54 36.41 -6.86
C PHE B 164 17.32 36.68 -5.99
N LEU B 165 16.25 35.94 -6.29
CA LEU B 165 14.93 36.15 -5.69
C LEU B 165 14.93 36.34 -4.18
N ASN B 166 15.85 35.70 -3.48
CA ASN B 166 15.79 35.73 -2.03
C ASN B 166 16.83 36.62 -1.34
N CYS B 167 17.49 37.48 -2.11
CA CYS B 167 18.50 38.39 -1.58
C CYS B 167 17.88 39.68 -1.02
N GLY B 168 18.55 40.26 -0.01
CA GLY B 168 18.15 41.55 0.52
C GLY B 168 16.87 41.58 1.36
N LYS B 169 15.84 40.86 0.92
CA LYS B 169 14.55 40.79 1.62
C LYS B 169 14.69 40.24 3.05
N GLN B 170 13.91 40.80 3.98
CA GLN B 170 14.01 40.44 5.40
C GLN B 170 13.33 39.11 5.66
N GLN B 171 12.04 39.02 5.35
CA GLN B 171 11.35 37.76 5.39
C GLN B 171 11.78 37.02 4.13
N ARG B 172 12.75 36.12 4.31
CA ARG B 172 13.45 35.46 3.19
C ARG B 172 13.60 33.96 3.37
N GLY B 173 13.75 33.29 2.24
CA GLY B 173 14.11 31.87 2.20
C GLY B 173 15.59 31.70 1.91
N GLU B 174 16.04 30.44 1.87
CA GLU B 174 17.45 30.10 1.70
C GLU B 174 18.05 30.70 0.43
N LEU B 175 19.37 30.81 0.39
CA LEU B 175 20.07 31.36 -0.79
C LEU B 175 20.47 30.29 -1.80
N VAL B 176 20.63 29.05 -1.32
CA VAL B 176 20.94 27.90 -2.16
C VAL B 176 19.76 26.94 -2.17
N SER B 177 19.53 26.28 -3.30
CA SER B 177 18.36 25.41 -3.40
C SER B 177 18.64 24.09 -4.12
N CYS B 178 19.90 23.70 -4.11
CA CYS B 178 20.34 22.44 -4.71
C CYS B 178 21.15 21.64 -3.69
N PHE B 179 20.85 20.35 -3.57
CA PHE B 179 21.44 19.55 -2.50
C PHE B 179 21.77 18.13 -2.87
N LEU B 180 22.84 17.63 -2.27
CA LEU B 180 23.32 16.27 -2.51
C LEU B 180 23.57 15.57 -1.17
N LEU B 181 22.64 14.70 -0.78
CA LEU B 181 22.78 13.95 0.45
C LEU B 181 22.99 12.48 0.21
N ARG B 182 23.65 11.82 1.15
CA ARG B 182 23.97 10.40 1.03
C ARG B 182 23.37 9.57 2.15
N ILE B 183 23.04 8.32 1.83
CA ILE B 183 22.53 7.34 2.81
C ILE B 183 23.56 6.23 3.05
N GLU B 184 23.69 5.85 4.31
CA GLU B 184 24.59 4.78 4.72
C GLU B 184 23.78 3.55 5.10
N ASP B 185 24.37 2.38 4.90
CA ASP B 185 23.70 1.10 5.15
C ASP B 185 23.45 0.82 6.64
N ASN B 186 22.58 1.66 7.21
CA ASN B 186 22.09 1.54 8.59
C ASN B 186 20.87 2.40 8.78
N MET B 187 19.93 1.96 9.62
CA MET B 187 18.65 2.64 9.79
C MET B 187 18.74 4.11 10.21
N GLU B 188 19.77 4.46 10.97
CA GLU B 188 19.94 5.83 11.41
C GLU B 188 19.97 6.78 10.22
N SER B 189 20.87 6.52 9.26
CA SER B 189 20.94 7.31 8.05
C SER B 189 19.69 7.15 7.18
N ILE B 190 19.14 5.94 7.13
CA ILE B 190 17.88 5.72 6.44
C ILE B 190 16.91 6.73 6.99
N GLY B 191 16.79 6.75 8.31
CA GLY B 191 15.89 7.65 9.00
C GLY B 191 16.23 9.10 8.72
N ARG B 192 17.48 9.44 8.93
CA ARG B 192 17.95 10.81 8.77
C ARG B 192 17.77 11.31 7.35
N ALA B 193 17.68 10.38 6.40
CA ALA B 193 17.50 10.75 5.00
C ALA B 193 16.11 11.26 4.74
N VAL B 194 15.10 10.54 5.22
CA VAL B 194 13.72 10.99 5.05
C VAL B 194 13.54 12.37 5.66
N ASN B 195 14.09 12.56 6.84
CA ASN B 195 14.02 13.84 7.54
C ASN B 195 14.66 14.96 6.75
N SER B 196 15.86 14.71 6.23
CA SER B 196 16.53 15.72 5.43
C SER B 196 15.78 15.99 4.15
N ALA B 197 15.13 14.95 3.60
CA ALA B 197 14.26 15.12 2.44
C ALA B 197 13.13 16.05 2.82
N LEU B 198 12.71 15.97 4.08
CA LEU B 198 11.69 16.86 4.61
C LEU B 198 12.23 18.28 4.85
N GLN B 199 13.14 18.44 5.80
CA GLN B 199 13.64 19.76 6.23
C GLN B 199 14.31 20.59 5.14
N LEU B 200 14.64 19.97 4.01
CA LEU B 200 15.27 20.67 2.90
C LEU B 200 14.26 21.07 1.85
N SER B 201 13.41 20.12 1.47
CA SER B 201 12.40 20.37 0.47
C SER B 201 11.33 21.35 0.95
N LYS B 202 11.22 21.50 2.27
CA LYS B 202 10.19 22.35 2.89
C LYS B 202 10.28 23.82 2.49
N ARG B 203 11.50 24.33 2.33
CA ARG B 203 11.67 25.69 1.81
C ARG B 203 12.28 25.68 0.40
N GLY B 204 11.65 24.90 -0.48
CA GLY B 204 12.02 24.81 -1.88
C GLY B 204 13.46 24.46 -2.16
N GLY B 205 13.92 23.35 -1.58
CA GLY B 205 15.28 22.88 -1.79
C GLY B 205 15.32 21.53 -2.51
N GLY B 206 15.84 21.53 -3.74
CA GLY B 206 15.94 20.31 -4.52
C GLY B 206 17.04 19.41 -3.98
N VAL B 207 16.71 18.14 -3.74
CA VAL B 207 17.67 17.21 -3.12
C VAL B 207 17.90 15.93 -3.96
N ALA B 208 19.11 15.40 -3.86
CA ALA B 208 19.51 14.15 -4.49
C ALA B 208 20.02 13.19 -3.43
N PHE B 209 19.73 11.91 -3.60
CA PHE B 209 20.07 10.91 -2.59
C PHE B 209 20.94 9.80 -3.12
N LEU B 210 21.82 9.28 -2.27
CA LEU B 210 22.73 8.21 -2.64
C LEU B 210 22.25 6.83 -2.18
N LEU B 211 21.64 6.09 -3.12
CA LEU B 211 21.12 4.75 -2.85
C LEU B 211 22.17 3.65 -2.99
N SER B 212 23.26 3.98 -3.69
CA SER B 212 24.32 3.01 -3.98
C SER B 212 24.76 2.21 -2.77
N ASN B 213 24.73 2.83 -1.60
CA ASN B 213 25.29 2.17 -0.44
C ASN B 213 24.42 1.10 0.25
N LEU B 214 23.11 1.20 0.09
CA LEU B 214 22.17 0.32 0.81
C LEU B 214 22.24 -1.15 0.39
N ARG B 215 21.91 -2.05 1.33
CA ARG B 215 21.93 -3.48 1.04
C ARG B 215 20.78 -3.93 0.14
N GLU B 216 20.97 -5.06 -0.54
CA GLU B 216 20.19 -5.44 -1.71
C GLU B 216 18.80 -6.02 -1.44
N ALA B 217 18.16 -6.47 -2.52
CA ALA B 217 16.79 -7.00 -2.49
C ALA B 217 16.70 -8.45 -2.00
N GLY B 218 17.19 -8.69 -0.78
CA GLY B 218 17.20 -10.02 -0.19
C GLY B 218 18.45 -10.31 0.64
N ALA B 219 19.18 -9.26 1.00
CA ALA B 219 20.38 -9.38 1.83
C ALA B 219 20.01 -9.66 3.28
N PRO B 220 20.71 -10.60 3.90
CA PRO B 220 20.49 -10.93 5.31
C PRO B 220 20.75 -9.73 6.24
N ILE B 221 20.02 -9.68 7.36
CA ILE B 221 20.20 -8.66 8.37
C ILE B 221 20.62 -9.34 9.66
N LYS B 222 21.68 -8.82 10.29
CA LYS B 222 22.21 -9.39 11.55
C LYS B 222 22.37 -10.92 11.49
N ARG B 223 23.09 -11.37 10.46
CA ARG B 223 23.36 -12.79 10.19
C ARG B 223 22.12 -13.67 9.90
N ILE B 224 20.92 -13.09 9.95
CA ILE B 224 19.68 -13.84 9.69
C ILE B 224 19.25 -13.72 8.22
N GLU B 225 19.18 -14.87 7.55
CA GLU B 225 19.15 -14.98 6.08
C GLU B 225 17.95 -14.36 5.36
N ASN B 226 18.20 -13.87 4.14
CA ASN B 226 17.16 -13.31 3.26
C ASN B 226 16.15 -12.42 4.00
N GLN B 227 16.52 -11.16 4.17
CA GLN B 227 15.73 -10.24 4.99
C GLN B 227 15.41 -8.90 4.32
N SER B 228 16.46 -8.15 3.98
CA SER B 228 16.33 -6.75 3.54
C SER B 228 15.43 -6.55 2.33
N SER B 229 14.74 -5.40 2.32
CA SER B 229 13.63 -5.14 1.40
C SER B 229 14.04 -4.66 0.00
N GLY B 230 15.26 -4.14 -0.11
CA GLY B 230 15.74 -3.52 -1.33
C GLY B 230 15.91 -2.04 -1.09
N VAL B 231 15.87 -1.25 -2.16
CA VAL B 231 16.00 0.20 -2.06
C VAL B 231 14.68 0.89 -2.37
N ILE B 232 13.87 0.22 -3.20
CA ILE B 232 12.51 0.64 -3.55
C ILE B 232 11.72 1.25 -2.37
N PRO B 233 11.70 0.59 -1.20
CA PRO B 233 10.86 1.07 -0.09
C PRO B 233 11.40 2.37 0.51
N VAL B 234 12.72 2.54 0.46
CA VAL B 234 13.34 3.78 0.90
C VAL B 234 13.04 4.84 -0.13
N MET B 235 13.09 4.45 -1.40
CA MET B 235 12.72 5.32 -2.49
C MET B 235 11.30 5.83 -2.25
N LYS B 236 10.38 4.90 -1.98
CA LYS B 236 8.97 5.24 -1.77
C LYS B 236 8.76 6.20 -0.60
N MET B 237 9.48 5.97 0.50
CA MET B 237 9.41 6.86 1.65
C MET B 237 9.76 8.27 1.24
N LEU B 238 10.92 8.42 0.62
CA LEU B 238 11.34 9.72 0.09
C LEU B 238 10.33 10.23 -0.93
N GLU B 239 9.94 9.38 -1.89
CA GLU B 239 8.99 9.78 -2.94
C GLU B 239 7.82 10.57 -2.39
N ASP B 240 7.19 10.02 -1.36
CA ASP B 240 6.04 10.65 -0.76
C ASP B 240 6.47 11.82 0.10
N ALA B 241 7.59 11.65 0.80
CA ALA B 241 8.12 12.68 1.68
C ALA B 241 8.34 14.00 0.94
N PHE B 242 8.64 13.91 -0.36
CA PHE B 242 8.79 15.09 -1.18
C PHE B 242 7.42 15.64 -1.56
N SER B 243 6.46 14.76 -1.75
CA SER B 243 5.08 15.17 -2.07
C SER B 243 4.42 15.89 -0.90
N TYR B 244 5.05 15.80 0.27
CA TYR B 244 4.56 16.49 1.46
C TYR B 244 5.10 17.91 1.53
N ALA B 245 6.43 18.04 1.47
CA ALA B 245 7.11 19.32 1.59
C ALA B 245 6.98 20.22 0.36
N ASN B 246 5.74 20.53 0.01
CA ASN B 246 5.41 21.42 -1.11
C ASN B 246 4.43 22.52 -0.65
N GLN B 252 9.52 24.07 -5.98
CA GLN B 252 9.26 23.51 -4.65
C GLN B 252 9.09 21.99 -4.74
N GLY B 253 9.91 21.26 -3.96
CA GLY B 253 9.74 19.83 -3.74
C GLY B 253 10.01 18.86 -4.89
N ALA B 254 11.23 18.88 -5.42
CA ALA B 254 11.67 17.93 -6.44
C ALA B 254 12.85 17.13 -5.89
N GLY B 255 12.76 15.81 -6.02
CA GLY B 255 13.75 14.92 -5.44
C GLY B 255 14.38 13.97 -6.41
N ALA B 256 15.58 13.50 -6.08
CA ALA B 256 16.31 12.58 -6.93
C ALA B 256 17.09 11.54 -6.14
N VAL B 257 17.45 10.46 -6.83
CA VAL B 257 18.17 9.35 -6.23
C VAL B 257 19.18 8.74 -7.21
N TYR B 258 20.33 8.33 -6.68
CA TYR B 258 21.39 7.75 -7.50
C TYR B 258 21.79 6.35 -7.01
N LEU B 259 21.87 5.42 -7.96
CA LEU B 259 22.17 4.03 -7.66
C LEU B 259 22.98 3.42 -8.79
N HIS B 260 24.03 2.69 -8.41
CA HIS B 260 24.96 2.07 -9.33
C HIS B 260 24.27 1.21 -10.39
N ALA B 261 24.98 0.99 -11.50
CA ALA B 261 24.53 0.05 -12.53
C ALA B 261 24.73 -1.39 -12.07
N HIS B 262 25.72 -1.60 -11.21
CA HIS B 262 26.08 -2.92 -10.69
C HIS B 262 25.68 -3.10 -9.22
N HIS B 263 24.52 -2.58 -8.86
CA HIS B 263 23.92 -2.81 -7.54
C HIS B 263 22.67 -3.66 -7.75
N PRO B 264 22.54 -4.73 -6.98
CA PRO B 264 21.66 -5.86 -7.34
C PRO B 264 20.27 -5.46 -7.85
N ASP B 265 19.69 -4.43 -7.26
CA ASP B 265 18.31 -4.04 -7.53
C ASP B 265 18.14 -3.29 -8.83
N ILE B 266 19.25 -3.01 -9.49
CA ILE B 266 19.28 -2.17 -10.68
C ILE B 266 18.16 -2.43 -11.72
N LEU B 267 17.86 -3.69 -12.02
CA LEU B 267 16.80 -3.99 -13.00
C LEU B 267 15.39 -3.66 -12.48
N ARG B 268 15.16 -3.84 -11.18
CA ARG B 268 13.87 -3.49 -10.58
C ARG B 268 13.80 -1.99 -10.26
N PHE B 269 14.96 -1.42 -9.90
CA PHE B 269 15.09 0.02 -9.67
C PHE B 269 14.69 0.80 -10.91
N LEU B 270 15.14 0.34 -12.07
CA LEU B 270 14.76 0.90 -13.35
C LEU B 270 13.28 0.66 -13.64
N ASP B 271 12.69 -0.30 -12.95
CA ASP B 271 11.32 -0.76 -13.22
C ASP B 271 10.28 -0.14 -12.28
N THR B 272 10.69 0.80 -11.44
CA THR B 272 9.71 1.56 -10.65
C THR B 272 9.05 2.64 -11.52
N LYS B 273 9.81 3.13 -12.49
CA LYS B 273 9.30 4.13 -13.42
C LYS B 273 8.44 3.51 -14.52
N ARG B 274 8.69 2.22 -14.78
CA ARG B 274 7.97 1.48 -15.81
C ARG B 274 6.47 1.56 -15.60
N GLU B 275 5.73 1.76 -16.69
CA GLU B 275 4.27 1.89 -16.65
C GLU B 275 3.57 0.60 -16.15
N ASN B 276 4.25 -0.53 -16.36
CA ASN B 276 3.73 -1.86 -16.01
C ASN B 276 3.65 -2.07 -14.49
N ALA B 277 2.98 -1.15 -13.81
CA ALA B 277 2.96 -1.13 -12.35
C ALA B 277 1.72 -0.42 -11.75
N ASP B 278 1.97 0.71 -11.10
CA ASP B 278 1.01 1.42 -10.24
C ASP B 278 0.98 0.83 -8.83
N GLU B 279 1.55 1.58 -7.88
CA GLU B 279 1.72 1.16 -6.49
C GLU B 279 2.70 -0.03 -6.37
N LYS B 280 2.29 -1.18 -6.90
CA LYS B 280 3.11 -2.38 -6.95
C LYS B 280 4.31 -2.17 -7.87
N ILE B 281 5.46 -1.87 -7.25
CA ILE B 281 6.71 -1.49 -7.94
C ILE B 281 6.57 -0.16 -8.74
N ARG B 282 6.19 0.91 -8.04
CA ARG B 282 6.00 2.22 -8.70
C ARG B 282 6.44 3.43 -7.88
N ILE B 283 7.29 4.26 -8.50
CA ILE B 283 7.61 5.60 -8.02
C ILE B 283 7.22 6.62 -9.09
N LYS B 284 6.66 7.75 -8.67
CA LYS B 284 6.03 8.67 -9.62
C LYS B 284 6.54 10.13 -9.61
N THR B 285 7.15 10.57 -8.51
CA THR B 285 7.69 11.94 -8.46
C THR B 285 9.22 12.01 -8.47
N LEU B 286 9.86 11.03 -7.81
CA LEU B 286 11.32 11.00 -7.65
C LEU B 286 12.04 10.95 -8.99
N SER B 287 13.14 11.69 -9.08
CA SER B 287 13.96 11.64 -10.29
C SER B 287 15.01 10.55 -10.15
N LEU B 288 15.38 9.96 -11.27
CA LEU B 288 16.25 8.78 -11.27
C LEU B 288 17.63 9.01 -11.87
N GLY B 289 18.65 8.60 -11.12
CA GLY B 289 20.03 8.70 -11.54
C GLY B 289 20.73 7.36 -11.48
N VAL B 290 21.44 7.02 -12.56
CA VAL B 290 22.13 5.74 -12.71
C VAL B 290 23.61 5.94 -13.01
N VAL B 291 24.46 5.39 -12.15
CA VAL B 291 25.90 5.49 -12.31
C VAL B 291 26.43 4.28 -13.10
N ILE B 292 27.03 4.56 -14.25
CA ILE B 292 27.59 3.52 -15.11
C ILE B 292 29.11 3.67 -15.17
N PRO B 293 29.84 2.77 -14.51
CA PRO B 293 31.30 2.78 -14.58
C PRO B 293 31.75 2.32 -15.95
N ASP B 294 33.00 2.58 -16.31
CA ASP B 294 33.52 2.27 -17.63
C ASP B 294 33.27 0.82 -18.07
N ILE B 295 33.48 -0.14 -17.17
CA ILE B 295 33.38 -1.55 -17.50
C ILE B 295 32.03 -1.98 -18.03
N THR B 296 30.96 -1.33 -17.56
CA THR B 296 29.60 -1.61 -18.03
C THR B 296 29.53 -1.55 -19.53
N PHE B 297 30.52 -0.90 -20.14
CA PHE B 297 30.63 -0.88 -21.57
C PHE B 297 31.38 -2.11 -22.10
N ARG B 298 32.53 -2.45 -21.51
CA ARG B 298 33.31 -3.62 -21.92
C ARG B 298 32.44 -4.89 -21.96
N LEU B 299 31.52 -4.99 -21.01
CA LEU B 299 30.62 -6.13 -20.86
C LEU B 299 29.52 -6.12 -21.93
N ALA B 300 29.13 -4.93 -22.38
CA ALA B 300 28.19 -4.78 -23.49
C ALA B 300 28.86 -5.17 -24.80
N LYS B 301 30.16 -4.82 -24.93
CA LYS B 301 30.94 -5.07 -26.13
C LYS B 301 30.87 -6.53 -26.58
N GLU B 302 31.38 -7.45 -25.75
CA GLU B 302 31.27 -8.87 -26.02
C GLU B 302 29.92 -9.46 -25.58
N ASN B 303 28.85 -8.68 -25.76
CA ASN B 303 27.47 -9.08 -25.46
C ASN B 303 27.25 -9.57 -24.02
N ALA B 304 28.35 -9.72 -23.27
CA ALA B 304 28.39 -10.46 -22.01
C ALA B 304 27.54 -9.87 -20.86
N GLN B 305 27.52 -10.57 -19.75
CA GLN B 305 26.66 -10.24 -18.62
C GLN B 305 27.33 -9.28 -17.63
N MET B 306 26.51 -8.60 -16.84
CA MET B 306 27.00 -7.73 -15.77
C MET B 306 27.01 -8.48 -14.46
N ALA B 307 28.02 -8.22 -13.64
CA ALA B 307 28.08 -8.83 -12.31
C ALA B 307 27.78 -7.82 -11.22
N LEU B 308 26.55 -7.87 -10.73
CA LEU B 308 26.08 -6.99 -9.68
C LEU B 308 26.43 -7.60 -8.32
N PHE B 309 27.26 -6.87 -7.57
CA PHE B 309 27.76 -7.35 -6.30
C PHE B 309 26.89 -6.92 -5.13
N SER B 310 27.07 -7.60 -4.00
CA SER B 310 26.36 -7.29 -2.78
C SER B 310 27.09 -6.19 -2.03
N PRO B 311 26.44 -5.04 -1.84
CA PRO B 311 27.00 -3.96 -1.03
C PRO B 311 27.26 -4.44 0.39
N TYR B 312 26.41 -5.35 0.88
CA TYR B 312 26.62 -5.96 2.18
C TYR B 312 27.96 -6.66 2.23
N ASP B 313 28.16 -7.62 1.32
CA ASP B 313 29.35 -8.45 1.28
C ASP B 313 30.62 -7.69 0.94
N ILE B 314 30.46 -6.54 0.28
CA ILE B 314 31.57 -5.67 -0.03
C ILE B 314 31.99 -4.87 1.22
N GLN B 315 31.00 -4.32 1.92
CA GLN B 315 31.24 -3.65 3.19
C GLN B 315 31.87 -4.64 4.19
N ARG B 316 31.37 -5.88 4.18
CA ARG B 316 31.88 -6.94 5.07
C ARG B 316 33.38 -7.15 4.85
N ARG B 317 33.73 -7.62 3.65
CA ARG B 317 35.09 -8.04 3.33
C ARG B 317 36.08 -6.88 3.22
N TYR B 318 35.68 -5.80 2.55
CA TYR B 318 36.62 -4.74 2.17
C TYR B 318 36.80 -3.60 3.18
N GLY B 319 35.78 -3.35 4.01
CA GLY B 319 35.86 -2.33 5.04
C GLY B 319 35.47 -0.93 4.63
N LYS B 320 35.17 -0.78 3.34
CA LYS B 320 34.64 0.48 2.83
C LYS B 320 33.31 0.19 2.12
N PRO B 321 32.30 1.02 2.37
CA PRO B 321 30.98 0.87 1.74
C PRO B 321 31.02 0.92 0.20
N PHE B 322 30.00 0.35 -0.44
CA PHE B 322 29.98 0.15 -1.89
C PHE B 322 30.57 1.27 -2.74
N GLY B 323 29.84 2.37 -2.87
CA GLY B 323 30.20 3.45 -3.79
C GLY B 323 31.48 4.21 -3.47
N ASP B 324 32.14 3.82 -2.38
CA ASP B 324 33.39 4.44 -1.94
C ASP B 324 34.62 3.78 -2.58
N ILE B 325 34.47 2.53 -3.01
CA ILE B 325 35.53 1.78 -3.69
C ILE B 325 35.28 1.65 -5.18
N ALA B 326 36.34 1.31 -5.91
CA ALA B 326 36.28 1.18 -7.37
C ALA B 326 35.38 0.04 -7.81
N ILE B 327 34.79 0.20 -8.99
CA ILE B 327 33.94 -0.84 -9.55
C ILE B 327 34.42 -1.23 -10.96
N SER B 328 34.90 -0.26 -11.72
CA SER B 328 35.54 -0.55 -13.00
C SER B 328 36.92 -1.16 -12.77
N GLU B 329 37.64 -0.59 -11.80
CA GLU B 329 39.02 -0.97 -11.48
C GLU B 329 39.13 -2.22 -10.60
N ARG B 330 38.02 -2.61 -9.96
CA ARG B 330 38.03 -3.76 -9.07
C ARG B 330 37.08 -4.89 -9.52
N TYR B 331 36.62 -4.84 -10.77
CA TYR B 331 35.58 -5.75 -11.26
C TYR B 331 35.97 -7.22 -11.24
N ASP B 332 37.04 -7.54 -11.94
CA ASP B 332 37.54 -8.92 -12.04
C ASP B 332 37.94 -9.44 -10.65
N GLU B 333 38.58 -8.59 -9.87
CA GLU B 333 38.96 -8.87 -8.48
C GLU B 333 37.75 -9.11 -7.55
N LEU B 334 36.57 -8.70 -8.00
CA LEU B 334 35.33 -8.88 -7.24
C LEU B 334 34.54 -10.11 -7.68
N ILE B 335 34.65 -10.47 -8.95
CA ILE B 335 34.18 -11.77 -9.41
C ILE B 335 35.06 -12.83 -8.74
N ALA B 336 36.35 -12.50 -8.61
CA ALA B 336 37.34 -13.38 -7.98
C ALA B 336 36.93 -13.81 -6.57
N ASP B 337 36.66 -12.85 -5.69
CA ASP B 337 36.23 -13.14 -4.32
C ASP B 337 34.90 -13.91 -4.31
N PRO B 338 34.93 -15.14 -3.81
CA PRO B 338 33.74 -16.00 -3.76
C PRO B 338 32.86 -15.72 -2.54
N HIS B 339 33.44 -15.05 -1.53
CA HIS B 339 32.72 -14.57 -0.36
C HIS B 339 31.76 -13.44 -0.75
N VAL B 340 32.19 -12.62 -1.71
CA VAL B 340 31.36 -11.56 -2.28
C VAL B 340 30.40 -12.15 -3.29
N ARG B 341 29.11 -12.05 -2.97
CA ARG B 341 28.03 -12.66 -3.74
C ARG B 341 27.95 -12.11 -5.17
N LYS B 342 27.19 -12.81 -6.02
CA LYS B 342 27.09 -12.42 -7.42
C LYS B 342 25.73 -12.75 -8.03
N THR B 343 25.04 -11.73 -8.52
CA THR B 343 23.85 -11.91 -9.36
C THR B 343 24.28 -11.59 -10.79
N TYR B 344 23.53 -12.06 -11.79
CA TYR B 344 23.93 -11.84 -13.18
C TYR B 344 22.78 -11.48 -14.10
N ILE B 345 22.95 -10.42 -14.89
CA ILE B 345 22.03 -10.09 -15.98
C ILE B 345 22.76 -9.49 -17.18
N ASN B 346 22.00 -9.31 -18.26
CA ASN B 346 22.54 -8.80 -19.53
C ASN B 346 22.89 -7.32 -19.48
N ALA B 347 24.06 -7.00 -20.04
CA ALA B 347 24.56 -5.64 -20.15
C ALA B 347 23.93 -4.93 -21.35
N ARG B 348 23.76 -5.66 -22.46
CA ARG B 348 23.14 -5.11 -23.66
C ARG B 348 21.64 -4.88 -23.46
N ASP B 349 21.06 -5.58 -22.50
CA ASP B 349 19.65 -5.39 -22.14
C ASP B 349 19.45 -4.36 -21.03
N PHE B 350 20.46 -4.18 -20.18
CA PHE B 350 20.47 -3.10 -19.19
C PHE B 350 20.36 -1.77 -19.93
N PHE B 351 21.33 -1.51 -20.82
CA PHE B 351 21.36 -0.33 -21.66
C PHE B 351 20.10 -0.22 -22.50
N GLN B 352 19.56 -1.37 -22.89
CA GLN B 352 18.31 -1.44 -23.62
C GLN B 352 17.18 -0.82 -22.80
N THR B 353 16.99 -1.34 -21.58
CA THR B 353 15.90 -0.91 -20.70
C THR B 353 15.99 0.58 -20.43
N LEU B 354 17.21 1.04 -20.17
CA LEU B 354 17.48 2.45 -19.97
C LEU B 354 16.76 3.30 -21.02
N ALA B 355 16.95 2.97 -22.29
CA ALA B 355 16.34 3.69 -23.41
C ALA B 355 14.81 3.60 -23.39
N GLU B 356 14.31 2.43 -23.00
CA GLU B 356 12.88 2.20 -22.87
C GLU B 356 12.30 3.03 -21.72
N ILE B 357 13.08 3.16 -20.65
CA ILE B 357 12.72 4.03 -19.53
C ILE B 357 12.91 5.49 -19.95
N GLN B 358 13.98 5.75 -20.70
CA GLN B 358 14.29 7.09 -21.18
C GLN B 358 13.20 7.61 -22.12
N PHE B 359 12.72 6.73 -23.00
CA PHE B 359 11.70 7.08 -23.98
C PHE B 359 10.43 7.65 -23.33
N GLU B 360 9.91 6.95 -22.32
CA GLU B 360 8.64 7.30 -21.72
C GLU B 360 8.74 8.30 -20.57
N SER B 361 9.79 8.17 -19.77
CA SER B 361 9.93 8.90 -18.50
C SER B 361 10.95 10.03 -18.54
N GLY B 362 11.89 9.94 -19.48
CA GLY B 362 12.97 10.90 -19.57
C GLY B 362 14.24 10.38 -18.92
N TYR B 363 14.14 10.00 -17.64
CA TYR B 363 15.27 9.41 -16.93
C TYR B 363 15.57 8.01 -17.46
N PRO B 364 16.66 7.39 -16.99
CA PRO B 364 17.51 7.96 -15.95
C PRO B 364 18.62 8.85 -16.49
N TYR B 365 19.15 9.69 -15.59
CA TYR B 365 20.36 10.44 -15.86
C TYR B 365 21.51 9.45 -15.98
N ILE B 366 22.72 9.95 -16.26
CA ILE B 366 23.91 9.10 -16.27
C ILE B 366 25.15 9.82 -15.71
N MET B 367 25.93 9.10 -14.90
CA MET B 367 27.21 9.59 -14.42
C MET B 367 28.29 8.56 -14.74
N PHE B 368 29.19 8.91 -15.65
CA PHE B 368 30.25 8.00 -16.08
C PHE B 368 31.34 7.93 -15.02
N GLU B 369 31.08 7.14 -13.99
CA GLU B 369 31.89 7.08 -12.77
C GLU B 369 33.35 7.52 -12.95
N ASP B 370 34.06 6.82 -13.82
CA ASP B 370 35.51 6.99 -13.93
C ASP B 370 35.94 8.21 -14.74
N THR B 371 35.22 8.53 -15.81
CA THR B 371 35.52 9.75 -16.56
C THR B 371 35.49 10.93 -15.61
N VAL B 372 34.69 10.81 -14.54
CA VAL B 372 34.59 11.83 -13.50
C VAL B 372 35.74 11.75 -12.50
N ASN B 373 36.11 10.52 -12.12
CA ASN B 373 37.17 10.31 -11.13
C ASN B 373 38.59 10.57 -11.65
N ARG B 374 38.77 10.37 -12.97
CA ARG B 374 40.06 10.58 -13.64
C ARG B 374 40.35 12.06 -13.88
N ALA B 375 39.31 12.83 -14.14
CA ALA B 375 39.41 14.28 -14.25
C ALA B 375 39.34 14.94 -12.87
N ASN B 376 38.86 14.19 -11.88
CA ASN B 376 38.73 14.68 -10.50
C ASN B 376 40.07 15.15 -9.96
N PRO B 377 40.17 16.43 -9.62
CA PRO B 377 41.39 17.00 -9.05
C PRO B 377 41.39 16.92 -7.53
N ILE B 378 40.31 16.41 -6.94
CA ILE B 378 40.11 16.44 -5.50
C ILE B 378 40.30 15.08 -4.79
N ALA B 379 40.64 15.16 -3.51
CA ALA B 379 40.94 14.01 -2.68
C ALA B 379 39.76 13.04 -2.53
N GLY B 380 39.96 11.81 -2.98
CA GLY B 380 38.98 10.75 -2.84
C GLY B 380 38.22 10.39 -4.11
N ARG B 381 36.96 10.01 -3.93
CA ARG B 381 36.10 9.55 -5.01
C ARG B 381 34.78 10.32 -5.08
N ILE B 382 34.25 10.46 -6.28
CA ILE B 382 32.89 10.94 -6.47
C ILE B 382 31.98 9.76 -6.80
N ASN B 383 30.83 9.73 -6.12
CA ASN B 383 29.94 8.57 -6.07
C ASN B 383 28.54 8.80 -6.64
N MET B 384 28.09 10.05 -6.60
CA MET B 384 26.76 10.42 -7.08
C MET B 384 26.68 11.85 -7.56
N SER B 385 25.57 12.20 -8.20
CA SER B 385 25.35 13.55 -8.69
C SER B 385 24.00 14.11 -8.22
N ASN B 386 23.65 15.31 -8.70
CA ASN B 386 22.45 16.03 -8.28
C ASN B 386 21.24 15.86 -9.22
N LEU B 387 20.11 16.48 -8.85
CA LEU B 387 18.88 16.42 -9.63
C LEU B 387 19.05 16.85 -11.08
N CYS B 388 20.04 17.70 -11.32
CA CYS B 388 20.33 18.17 -12.66
C CYS B 388 21.68 17.69 -13.19
N SER B 389 22.19 16.59 -12.62
CA SER B 389 23.37 15.88 -13.10
C SER B 389 24.62 16.75 -13.31
N GLU B 390 24.59 17.97 -12.77
CA GLU B 390 25.64 18.95 -13.02
C GLU B 390 26.59 19.16 -11.85
N ILE B 391 26.26 18.61 -10.69
CA ILE B 391 27.17 18.69 -9.55
C ILE B 391 27.94 17.39 -9.41
N LEU B 392 29.26 17.51 -9.35
CA LEU B 392 30.13 16.35 -9.19
C LEU B 392 31.21 16.66 -8.17
N GLN B 393 30.91 16.36 -6.92
CA GLN B 393 31.83 16.59 -5.82
C GLN B 393 31.99 15.36 -4.96
N VAL B 394 33.06 15.33 -4.18
CA VAL B 394 33.39 14.21 -3.28
C VAL B 394 32.79 14.44 -1.88
N ASN B 395 32.08 13.43 -1.39
CA ASN B 395 31.52 13.46 -0.05
C ASN B 395 32.20 12.47 0.90
N SER B 396 31.88 12.58 2.18
CA SER B 396 32.31 11.59 3.15
C SER B 396 31.15 11.25 4.05
N ALA B 397 31.00 9.97 4.34
CA ALA B 397 29.88 9.46 5.14
C ALA B 397 29.83 10.08 6.53
N SER B 398 28.67 9.98 7.19
CA SER B 398 28.52 10.47 8.55
C SER B 398 28.09 9.36 9.51
N ARG B 399 28.49 9.51 10.78
CA ARG B 399 28.19 8.52 11.82
C ARG B 399 27.30 9.09 12.90
N TYR B 400 26.30 8.32 13.33
CA TYR B 400 25.40 8.81 14.36
C TYR B 400 25.22 7.86 15.55
N ASP B 401 24.90 8.45 16.71
CA ASP B 401 24.41 7.73 17.88
C ASP B 401 23.06 7.11 17.52
N ASP B 402 22.57 6.21 18.37
CA ASP B 402 21.29 5.57 18.17
C ASP B 402 20.12 6.55 18.34
N ASN B 403 20.36 7.64 19.07
CA ASN B 403 19.35 8.67 19.28
C ASN B 403 19.25 9.67 18.13
N LEU B 404 20.00 9.41 17.07
CA LEU B 404 20.02 10.24 15.86
C LEU B 404 20.91 11.49 15.97
N ASP B 405 21.50 11.69 17.14
CA ASP B 405 22.48 12.74 17.30
C ASP B 405 23.71 12.36 16.49
N TYR B 406 24.26 13.32 15.75
CA TYR B 406 25.45 13.11 14.94
C TYR B 406 26.67 12.80 15.82
N THR B 407 27.38 11.72 15.51
CA THR B 407 28.65 11.40 16.21
C THR B 407 29.87 11.80 15.40
N HIS B 408 29.81 11.57 14.09
CA HIS B 408 30.82 12.06 13.14
C HIS B 408 30.12 12.76 11.99
N ILE B 409 30.15 14.10 12.03
CA ILE B 409 29.53 14.94 11.03
C ILE B 409 30.37 14.98 9.75
N GLY B 410 30.08 14.05 8.84
CA GLY B 410 30.81 13.94 7.58
C GLY B 410 30.40 14.99 6.57
N HIS B 411 31.13 15.04 5.46
CA HIS B 411 30.89 16.06 4.45
C HIS B 411 29.82 15.64 3.46
N ASP B 412 28.85 16.54 3.27
CA ASP B 412 27.87 16.44 2.19
C ASP B 412 27.87 17.74 1.36
N ILE B 413 27.31 17.68 0.16
CA ILE B 413 27.49 18.74 -0.82
C ILE B 413 26.28 19.66 -1.00
N SER B 414 26.50 20.95 -0.78
CA SER B 414 25.57 21.98 -1.21
C SER B 414 26.18 22.74 -2.39
N CYS B 415 25.32 23.16 -3.31
CA CYS B 415 25.75 23.78 -4.55
C CYS B 415 25.38 25.25 -4.59
N ASN B 416 26.40 26.10 -4.53
CA ASN B 416 26.21 27.54 -4.74
C ASN B 416 26.45 27.81 -6.20
N LEU B 417 25.42 28.28 -6.90
CA LEU B 417 25.47 28.43 -8.35
C LEU B 417 25.38 29.88 -8.80
N GLY B 418 26.03 30.15 -9.92
CA GLY B 418 25.99 31.44 -10.59
C GLY B 418 26.18 31.19 -12.07
N SER B 419 26.03 32.23 -12.88
CA SER B 419 26.16 32.08 -14.33
C SER B 419 26.72 33.30 -15.05
N LEU B 420 27.26 33.06 -16.25
CA LEU B 420 27.82 34.10 -17.12
C LEU B 420 27.22 34.03 -18.52
N ASN B 421 26.85 35.19 -19.05
CA ASN B 421 26.37 35.27 -20.41
C ASN B 421 27.56 35.36 -21.35
N ILE B 422 27.84 34.27 -22.06
CA ILE B 422 28.98 34.19 -22.99
C ILE B 422 29.12 35.43 -23.89
N ALA B 423 28.00 35.86 -24.46
CA ALA B 423 27.97 37.01 -25.35
C ALA B 423 28.40 38.30 -24.66
N HIS B 424 27.79 38.62 -23.53
CA HIS B 424 28.09 39.85 -22.81
C HIS B 424 29.49 39.86 -22.20
N VAL B 425 30.02 38.67 -21.92
CA VAL B 425 31.37 38.51 -21.39
C VAL B 425 32.39 38.88 -22.46
N MET B 426 32.18 38.37 -23.67
CA MET B 426 33.04 38.68 -24.80
C MET B 426 32.91 40.13 -25.23
N ASP B 427 31.87 40.80 -24.74
CA ASP B 427 31.67 42.21 -25.06
C ASP B 427 32.47 43.10 -24.12
N SER B 428 32.54 42.72 -22.84
CA SER B 428 33.26 43.49 -21.83
C SER B 428 34.76 43.51 -22.10
N PRO B 429 35.40 44.65 -21.77
CA PRO B 429 36.85 44.77 -21.89
C PRO B 429 37.57 43.75 -21.00
N ASP B 430 37.55 43.99 -19.70
CA ASP B 430 38.18 43.10 -18.74
C ASP B 430 37.36 41.82 -18.59
N ILE B 431 38.02 40.68 -18.71
CA ILE B 431 37.39 39.39 -18.48
C ILE B 431 37.90 38.81 -17.16
N GLY B 432 39.10 39.22 -16.78
CA GLY B 432 39.67 38.82 -15.49
C GLY B 432 39.04 39.56 -14.35
N ARG B 433 38.03 40.36 -14.66
CA ARG B 433 37.22 41.10 -13.70
C ARG B 433 35.84 40.50 -13.75
N THR B 434 35.31 40.35 -14.97
CA THR B 434 34.06 39.66 -15.24
C THR B 434 33.98 38.32 -14.50
N VAL B 435 35.04 37.52 -14.62
CA VAL B 435 35.13 36.25 -13.95
C VAL B 435 35.43 36.44 -12.46
N GLU B 436 36.41 37.30 -12.16
CA GLU B 436 36.77 37.59 -10.78
C GLU B 436 35.53 37.87 -9.94
N THR B 437 34.81 38.93 -10.29
CA THR B 437 33.58 39.30 -9.61
C THR B 437 32.66 38.10 -9.45
N ALA B 438 32.40 37.38 -10.54
CA ALA B 438 31.54 36.20 -10.49
C ALA B 438 31.94 35.28 -9.35
N ILE B 439 33.23 34.99 -9.25
CA ILE B 439 33.76 34.05 -8.26
C ILE B 439 33.57 34.55 -6.82
N ARG B 440 33.78 35.85 -6.61
CA ARG B 440 33.69 36.42 -5.28
C ARG B 440 32.28 36.27 -4.71
N GLY B 441 31.29 36.64 -5.53
CA GLY B 441 29.90 36.60 -5.12
C GLY B 441 29.47 35.20 -4.78
N LEU B 442 29.85 34.26 -5.63
CA LEU B 442 29.60 32.85 -5.38
C LEU B 442 30.25 32.43 -4.06
N THR B 443 31.55 32.64 -3.95
CA THR B 443 32.26 32.37 -2.70
C THR B 443 31.47 32.95 -1.55
N ALA B 444 31.03 34.21 -1.70
CA ALA B 444 30.24 34.87 -0.68
C ALA B 444 28.99 34.07 -0.32
N VAL B 445 28.27 33.59 -1.34
CA VAL B 445 27.09 32.78 -1.11
C VAL B 445 27.43 31.57 -0.22
N SER B 446 28.53 30.90 -0.56
CA SER B 446 29.01 29.72 0.17
C SER B 446 29.70 30.05 1.49
N ASP B 447 29.86 31.34 1.77
CA ASP B 447 30.44 31.79 3.02
C ASP B 447 29.35 32.16 4.01
N MET B 448 28.10 31.92 3.63
CA MET B 448 26.95 32.29 4.43
C MET B 448 25.96 31.13 4.53
N SER B 449 26.20 30.07 3.76
CA SER B 449 25.28 28.94 3.69
C SER B 449 25.39 28.04 4.92
N HIS B 450 24.87 28.54 6.04
CA HIS B 450 24.83 27.77 7.27
C HIS B 450 23.50 27.01 7.38
N ILE B 451 23.36 25.97 6.56
CA ILE B 451 22.18 25.08 6.56
C ILE B 451 22.08 24.37 7.91
N ARG B 452 21.15 24.85 8.73
CA ARG B 452 20.97 24.39 10.10
C ARG B 452 20.48 22.94 10.19
N SER B 453 19.54 22.59 9.31
CA SER B 453 18.79 21.33 9.37
C SER B 453 19.56 20.06 9.04
N VAL B 454 20.60 20.17 8.22
CA VAL B 454 21.46 19.03 7.89
C VAL B 454 22.92 19.43 7.99
N PRO B 455 23.50 19.35 9.19
CA PRO B 455 24.85 19.86 9.44
C PRO B 455 25.94 19.17 8.61
N SER B 456 25.61 18.05 7.99
CA SER B 456 26.55 17.38 7.10
C SER B 456 26.77 18.19 5.81
N ILE B 457 25.76 18.97 5.42
CA ILE B 457 25.85 19.85 4.24
C ILE B 457 26.48 21.19 4.59
N ALA B 458 26.31 21.62 5.84
CA ALA B 458 26.73 22.95 6.26
C ALA B 458 28.21 23.03 6.53
N ALA B 459 28.73 22.04 7.27
CA ALA B 459 30.14 22.01 7.66
C ALA B 459 31.03 21.39 6.58
N GLY B 460 30.40 20.68 5.64
CA GLY B 460 31.05 20.27 4.41
C GLY B 460 31.24 21.47 3.50
N ASN B 461 30.20 22.29 3.38
CA ASN B 461 30.27 23.56 2.66
C ASN B 461 31.27 24.51 3.30
N ALA B 462 31.31 24.52 4.63
CA ALA B 462 32.25 25.34 5.39
C ALA B 462 33.69 24.83 5.29
N ALA B 463 33.85 23.66 4.66
CA ALA B 463 35.17 23.09 4.45
C ALA B 463 35.60 23.21 3.00
N SER B 464 34.72 22.84 2.09
CA SER B 464 35.04 22.79 0.67
C SER B 464 35.01 24.16 0.00
N HIS B 465 34.17 25.06 0.50
CA HIS B 465 33.95 26.35 -0.13
C HIS B 465 33.63 26.21 -1.61
N ALA B 466 33.01 25.09 -1.97
CA ALA B 466 32.75 24.74 -3.35
C ALA B 466 31.77 25.70 -3.97
N ILE B 467 32.06 26.14 -5.19
CA ILE B 467 31.14 27.00 -5.93
C ILE B 467 30.88 26.45 -7.32
N GLY B 468 29.76 26.87 -7.93
CA GLY B 468 29.36 26.42 -9.24
C GLY B 468 29.04 27.54 -10.21
N LEU B 469 30.05 28.01 -10.93
CA LEU B 469 29.87 29.04 -11.93
C LEU B 469 29.47 28.40 -13.25
N GLY B 470 28.38 28.89 -13.84
CA GLY B 470 27.87 28.32 -15.08
C GLY B 470 28.21 29.15 -16.30
N GLN B 471 27.73 28.70 -17.45
CA GLN B 471 27.87 29.43 -18.70
C GLN B 471 26.56 29.40 -19.48
N MET B 472 26.16 30.56 -19.99
CA MET B 472 24.92 30.64 -20.76
C MET B 472 24.98 31.65 -21.90
N ASN B 473 24.14 31.39 -22.91
CA ASN B 473 24.04 32.18 -24.14
C ASN B 473 25.08 31.82 -25.21
N LEU B 474 25.53 30.57 -25.19
CA LEU B 474 26.47 30.07 -26.19
C LEU B 474 25.82 30.03 -27.57
N HIS B 475 24.69 29.34 -27.69
CA HIS B 475 23.99 29.31 -28.98
C HIS B 475 23.42 30.68 -29.33
N GLY B 476 23.58 31.61 -28.40
CA GLY B 476 23.30 33.01 -28.66
C GLY B 476 24.51 33.67 -29.31
N TYR B 477 25.59 33.77 -28.54
CA TYR B 477 26.84 34.36 -29.01
C TYR B 477 27.33 33.77 -30.33
N LEU B 478 27.23 32.45 -30.47
CA LEU B 478 27.59 31.78 -31.71
C LEU B 478 26.74 32.31 -32.84
N ALA B 479 25.43 32.16 -32.71
CA ALA B 479 24.51 32.61 -33.74
C ALA B 479 24.69 34.09 -34.07
N ARG B 480 24.89 34.90 -33.03
CA ARG B 480 25.12 36.34 -33.20
C ARG B 480 26.32 36.59 -34.10
N GLU B 481 27.45 35.99 -33.77
CA GLU B 481 28.69 36.26 -34.49
C GLU B 481 28.82 35.42 -35.76
N GLY B 482 27.70 34.91 -36.25
CA GLY B 482 27.68 34.16 -37.49
C GLY B 482 28.43 32.84 -37.42
N ILE B 483 28.04 32.02 -36.46
CA ILE B 483 28.62 30.69 -36.26
C ILE B 483 27.50 29.67 -36.15
N ALA B 484 27.47 28.74 -37.11
CA ALA B 484 26.58 27.58 -37.03
C ALA B 484 27.01 26.68 -35.89
N TYR B 485 26.05 26.30 -35.05
CA TYR B 485 26.37 25.49 -33.87
C TYR B 485 27.15 24.25 -34.28
N GLY B 486 28.07 23.83 -33.40
CA GLY B 486 28.83 22.60 -33.59
C GLY B 486 29.70 22.56 -34.83
N SER B 487 30.02 23.73 -35.37
CA SER B 487 30.91 23.84 -36.52
C SER B 487 32.35 24.00 -36.04
N PRO B 488 33.32 23.71 -36.90
CA PRO B 488 34.72 24.03 -36.63
C PRO B 488 34.87 25.29 -35.77
N GLU B 489 34.32 26.40 -36.23
CA GLU B 489 34.38 27.68 -35.53
C GLU B 489 33.80 27.60 -34.12
N ALA B 490 32.64 26.99 -33.99
CA ALA B 490 32.00 26.80 -32.70
C ALA B 490 32.97 26.08 -31.77
N LEU B 491 33.02 24.75 -31.91
CA LEU B 491 33.89 23.88 -31.11
C LEU B 491 35.14 24.58 -30.58
N ASP B 492 35.99 24.99 -31.52
CA ASP B 492 37.30 25.58 -31.26
C ASP B 492 37.22 26.82 -30.34
N PHE B 493 36.24 27.66 -30.61
CA PHE B 493 35.98 28.82 -29.77
C PHE B 493 35.66 28.37 -28.34
N THR B 494 34.56 27.64 -28.17
CA THR B 494 34.08 27.22 -26.84
C THR B 494 35.13 26.45 -26.05
N ASN B 495 35.96 25.70 -26.78
CA ASN B 495 37.14 25.09 -26.19
C ASN B 495 37.96 26.16 -25.49
N LEU B 496 38.36 27.18 -26.24
CA LEU B 496 39.27 28.18 -25.70
C LEU B 496 38.59 29.22 -24.82
N TYR B 497 37.26 29.26 -24.89
CA TYR B 497 36.47 30.09 -24.00
C TYR B 497 36.49 29.51 -22.59
N PHE B 498 36.07 28.26 -22.47
CA PHE B 498 36.06 27.55 -21.19
C PHE B 498 37.45 27.47 -20.62
N TYR B 499 38.41 27.48 -21.52
CA TYR B 499 39.81 27.57 -21.18
C TYR B 499 40.07 28.87 -20.42
N THR B 500 39.90 30.02 -21.08
CA THR B 500 40.24 31.31 -20.46
C THR B 500 39.47 31.61 -19.18
N ILE B 501 38.23 31.13 -19.10
CA ILE B 501 37.40 31.31 -17.92
C ILE B 501 38.02 30.56 -16.74
N THR B 502 38.51 29.36 -17.02
CA THR B 502 39.09 28.45 -16.02
C THR B 502 40.27 29.07 -15.31
N TRP B 503 41.31 29.35 -16.08
CA TRP B 503 42.46 30.06 -15.55
C TRP B 503 41.98 31.15 -14.58
N HIS B 504 41.18 32.09 -15.08
CA HIS B 504 40.75 33.23 -14.28
C HIS B 504 40.00 32.81 -13.04
N ALA B 505 39.15 31.80 -13.17
CA ALA B 505 38.44 31.26 -12.02
C ALA B 505 39.44 30.83 -10.95
N VAL B 506 40.51 30.13 -11.35
CA VAL B 506 41.52 29.66 -10.41
C VAL B 506 42.31 30.83 -9.83
N HIS B 507 42.86 31.68 -10.69
CA HIS B 507 43.61 32.86 -10.25
C HIS B 507 42.86 33.60 -9.16
N THR B 508 41.55 33.70 -9.34
CA THR B 508 40.68 34.29 -8.33
C THR B 508 40.70 33.48 -7.04
N SER B 509 40.45 32.18 -7.15
CA SER B 509 40.41 31.29 -5.99
C SER B 509 41.73 31.32 -5.23
N MET B 510 42.82 31.53 -5.97
CA MET B 510 44.14 31.66 -5.39
C MET B 510 44.26 32.96 -4.60
N ARG B 511 43.77 34.05 -5.20
CA ARG B 511 43.78 35.36 -4.54
C ARG B 511 42.89 35.34 -3.31
N LEU B 512 41.71 34.74 -3.45
CA LEU B 512 40.81 34.52 -2.33
C LEU B 512 41.55 33.82 -1.20
N ALA B 513 42.20 32.70 -1.52
CA ALA B 513 42.99 31.94 -0.56
C ALA B 513 44.16 32.74 0.00
N ARG B 514 44.42 33.90 -0.58
CA ARG B 514 45.49 34.78 -0.11
C ARG B 514 44.96 35.92 0.76
N GLU B 515 43.75 36.40 0.47
CA GLU B 515 43.12 37.45 1.30
C GLU B 515 42.80 36.91 2.68
N ARG B 516 42.55 35.61 2.74
CA ARG B 516 42.06 34.97 3.95
C ARG B 516 43.15 34.22 4.71
N GLY B 517 44.16 33.75 3.98
CA GLY B 517 45.20 32.95 4.60
C GLY B 517 44.61 31.64 5.05
N LYS B 518 44.14 30.86 4.07
CA LYS B 518 43.56 29.53 4.29
C LYS B 518 43.13 28.98 2.94
N THR B 519 43.03 27.66 2.85
CA THR B 519 42.59 26.98 1.63
C THR B 519 41.43 26.06 1.95
N PHE B 520 40.82 25.48 0.92
CA PHE B 520 39.80 24.48 1.14
C PHE B 520 40.45 23.27 1.79
N ALA B 521 39.95 22.91 2.97
CA ALA B 521 40.58 21.91 3.82
C ALA B 521 40.98 20.65 3.06
N GLY B 522 42.15 20.12 3.38
CA GLY B 522 42.68 18.95 2.72
C GLY B 522 43.20 19.29 1.35
N PHE B 523 43.89 20.43 1.27
CA PHE B 523 44.44 20.93 0.01
C PHE B 523 45.62 20.08 -0.45
N ALA B 524 46.53 19.76 0.48
CA ALA B 524 47.75 19.01 0.20
C ALA B 524 47.55 17.71 -0.59
N GLN B 525 46.33 17.18 -0.57
CA GLN B 525 45.99 15.92 -1.24
C GLN B 525 45.41 16.15 -2.63
N SER B 526 45.05 17.41 -2.90
CA SER B 526 44.49 17.81 -4.19
C SER B 526 45.55 17.82 -5.28
N ARG B 527 45.12 17.63 -6.52
CA ARG B 527 46.03 17.67 -7.65
C ARG B 527 46.50 19.11 -7.92
N TYR B 528 45.80 20.07 -7.32
CA TYR B 528 46.21 21.47 -7.37
C TYR B 528 47.47 21.69 -6.55
N ALA B 529 47.63 20.93 -5.48
CA ALA B 529 48.74 21.14 -4.54
C ALA B 529 50.05 20.55 -5.03
N SER B 530 49.96 19.55 -5.89
CA SER B 530 51.13 18.93 -6.52
C SER B 530 51.42 19.56 -7.87
N GLY B 531 50.39 20.14 -8.48
CA GLY B 531 50.54 20.79 -9.75
C GLY B 531 50.19 19.88 -10.90
N ASP B 532 49.70 18.68 -10.57
CA ASP B 532 49.32 17.71 -11.58
C ASP B 532 48.03 18.15 -12.31
N TYR B 533 47.40 19.21 -11.80
CA TYR B 533 46.26 19.83 -12.46
C TYR B 533 46.74 20.59 -13.68
N PHE B 534 47.87 21.28 -13.53
CA PHE B 534 48.42 22.14 -14.59
C PHE B 534 49.08 21.36 -15.72
N THR B 535 49.01 20.03 -15.64
CA THR B 535 49.65 19.15 -16.62
C THR B 535 49.17 19.38 -18.06
N GLN B 536 47.87 19.21 -18.30
CA GLN B 536 47.31 19.32 -19.66
C GLN B 536 47.25 20.76 -20.19
N TYR B 537 47.34 21.75 -19.30
CA TYR B 537 47.39 23.14 -19.69
C TYR B 537 48.81 23.61 -20.06
N LEU B 538 49.81 22.76 -19.82
CA LEU B 538 51.21 23.08 -20.15
C LEU B 538 51.80 22.27 -21.31
N GLN B 539 51.02 21.35 -21.87
CA GLN B 539 51.35 20.72 -23.16
C GLN B 539 50.54 21.41 -24.24
N ASP B 540 51.18 21.63 -25.39
CA ASP B 540 50.60 22.48 -26.43
C ASP B 540 49.31 21.93 -27.06
N ASP B 541 48.55 22.85 -27.65
CA ASP B 541 47.26 22.60 -28.30
C ASP B 541 46.38 23.84 -28.18
N TRP B 542 46.86 24.84 -27.43
CA TRP B 542 46.05 26.02 -27.09
C TRP B 542 46.25 27.22 -28.02
N GLN B 543 46.31 26.93 -29.31
CA GLN B 543 46.21 27.93 -30.36
C GLN B 543 44.86 27.71 -31.06
N PRO B 544 44.10 28.78 -31.23
CA PRO B 544 42.81 28.72 -31.92
C PRO B 544 42.89 27.96 -33.25
N LYS B 545 42.13 26.85 -33.35
CA LYS B 545 42.06 26.06 -34.58
C LYS B 545 41.49 26.82 -35.80
N THR B 546 40.95 28.01 -35.57
CA THR B 546 40.37 28.84 -36.64
C THR B 546 40.73 30.31 -36.45
N ALA B 547 41.15 30.97 -37.52
CA ALA B 547 41.50 32.39 -37.46
C ALA B 547 40.29 33.28 -37.20
N LYS B 548 39.12 32.79 -37.60
CA LYS B 548 37.83 33.37 -37.24
C LYS B 548 37.73 33.52 -35.71
N VAL B 549 38.10 32.45 -35.00
CA VAL B 549 38.11 32.41 -33.53
C VAL B 549 39.18 33.33 -32.96
N ARG B 550 40.33 33.38 -33.61
CA ARG B 550 41.43 34.24 -33.18
C ARG B 550 41.06 35.72 -33.28
N ALA B 551 40.52 36.11 -34.43
CA ALA B 551 40.11 37.48 -34.68
C ALA B 551 38.92 37.89 -33.83
N LEU B 552 38.15 36.92 -33.35
CA LEU B 552 37.05 37.16 -32.44
C LEU B 552 37.53 37.44 -31.02
N PHE B 553 38.66 36.83 -30.65
CA PHE B 553 39.28 37.06 -29.34
C PHE B 553 40.05 38.36 -29.35
N ALA B 554 40.53 38.74 -30.52
CA ALA B 554 41.13 40.05 -30.72
C ALA B 554 40.06 41.14 -30.60
N ARG B 555 38.99 41.02 -31.38
CA ARG B 555 37.87 41.97 -31.40
C ARG B 555 37.34 42.25 -30.01
N SER B 556 37.29 41.21 -29.19
CA SER B 556 36.79 41.30 -27.83
C SER B 556 37.88 41.75 -26.85
N GLY B 557 39.15 41.64 -27.28
CA GLY B 557 40.28 42.14 -26.53
C GLY B 557 40.67 41.29 -25.33
N ILE B 558 40.73 39.98 -25.56
CA ILE B 558 40.97 39.02 -24.47
C ILE B 558 42.34 38.33 -24.57
N THR B 559 43.17 38.61 -23.55
CA THR B 559 44.49 37.98 -23.38
C THR B 559 44.28 36.49 -23.11
N LEU B 560 44.35 35.67 -24.16
CA LEU B 560 44.17 34.24 -24.01
C LEU B 560 45.36 33.65 -23.26
N PRO B 561 45.11 32.81 -22.25
CA PRO B 561 46.14 32.42 -21.28
C PRO B 561 47.37 31.78 -21.90
N THR B 562 48.52 32.37 -21.58
CA THR B 562 49.79 31.93 -22.15
C THR B 562 50.38 30.78 -21.36
N ARG B 563 51.34 30.08 -21.97
CA ARG B 563 52.13 29.07 -21.28
C ARG B 563 52.91 29.71 -20.12
N GLU B 564 53.23 31.00 -20.26
CA GLU B 564 53.85 31.77 -19.20
C GLU B 564 52.88 31.95 -18.02
N MET B 565 51.62 32.22 -18.34
CA MET B 565 50.58 32.43 -17.32
C MET B 565 50.36 31.16 -16.53
N TRP B 566 50.34 30.03 -17.23
CA TRP B 566 50.11 28.72 -16.64
C TRP B 566 51.27 28.24 -15.81
N LEU B 567 52.34 29.02 -15.76
CA LEU B 567 53.44 28.75 -14.86
C LEU B 567 53.30 29.63 -13.63
N LYS B 568 53.20 30.95 -13.85
CA LYS B 568 53.02 31.89 -12.75
C LYS B 568 51.94 31.38 -11.82
N LEU B 569 50.80 31.01 -12.40
CA LEU B 569 49.70 30.44 -11.63
C LEU B 569 50.14 29.17 -10.91
N ARG B 570 50.69 28.21 -11.66
CA ARG B 570 51.18 26.95 -11.09
C ARG B 570 51.98 27.22 -9.83
N ASP B 571 53.01 28.04 -9.96
CA ASP B 571 53.93 28.38 -8.86
C ASP B 571 53.24 29.14 -7.72
N ASP B 572 52.17 29.88 -8.05
CA ASP B 572 51.40 30.62 -7.05
C ASP B 572 50.46 29.69 -6.30
N VAL B 573 49.69 28.91 -7.06
CA VAL B 573 48.78 27.91 -6.51
C VAL B 573 49.51 26.99 -5.55
N MET B 574 50.60 26.38 -6.03
CA MET B 574 51.43 25.50 -5.20
C MET B 574 51.89 26.18 -3.90
N ARG B 575 52.05 27.49 -3.95
CA ARG B 575 52.53 28.26 -2.80
C ARG B 575 51.40 28.59 -1.84
N TYR B 576 50.42 29.36 -2.31
CA TYR B 576 49.38 29.95 -1.46
C TYR B 576 48.10 29.12 -1.34
N GLY B 577 47.80 28.35 -2.39
CA GLY B 577 46.62 27.50 -2.43
C GLY B 577 45.47 28.09 -3.24
N ILE B 578 44.29 27.50 -3.07
CA ILE B 578 43.05 28.02 -3.64
C ILE B 578 41.89 27.86 -2.64
N TYR B 579 41.09 28.90 -2.48
CA TYR B 579 40.04 28.95 -1.47
C TYR B 579 38.84 28.02 -1.76
N ASN B 580 38.74 27.51 -2.98
CA ASN B 580 37.61 26.69 -3.36
C ASN B 580 37.99 25.38 -4.00
N GLN B 581 37.47 24.31 -3.40
CA GLN B 581 37.61 22.94 -3.89
C GLN B 581 37.15 22.81 -5.33
N ASN B 582 36.10 23.55 -5.66
CA ASN B 582 35.49 23.50 -6.98
C ASN B 582 34.95 24.86 -7.39
N LEU B 583 35.21 25.20 -8.64
CA LEU B 583 34.96 26.54 -9.11
C LEU B 583 33.75 26.59 -10.03
N GLN B 584 33.63 25.62 -10.93
CA GLN B 584 32.56 25.71 -11.92
C GLN B 584 31.82 24.41 -12.21
N ALA B 585 30.57 24.58 -12.64
CA ALA B 585 29.69 23.51 -13.05
C ALA B 585 28.63 24.19 -13.91
N VAL B 586 28.25 23.57 -15.03
CA VAL B 586 27.28 24.21 -15.92
C VAL B 586 25.91 23.51 -15.93
N PRO B 587 24.96 24.13 -15.23
CA PRO B 587 23.59 23.64 -15.16
C PRO B 587 22.77 24.16 -16.35
N PRO B 588 21.58 23.62 -16.57
CA PRO B 588 20.70 24.17 -17.60
C PRO B 588 19.92 25.30 -16.96
N THR B 589 19.77 26.40 -17.68
CA THR B 589 19.01 27.53 -17.16
C THR B 589 17.56 27.45 -17.65
N GLY B 590 16.65 27.32 -16.69
CA GLY B 590 15.24 27.15 -16.98
C GLY B 590 14.40 28.33 -16.52
N SER B 591 14.95 29.13 -15.62
CA SER B 591 14.26 30.30 -15.12
C SER B 591 15.02 31.56 -15.52
N ILE B 592 16.19 31.74 -14.90
CA ILE B 592 16.98 32.94 -15.12
C ILE B 592 17.39 33.20 -16.59
N SER B 593 17.53 32.14 -17.38
CA SER B 593 17.86 32.29 -18.80
C SER B 593 16.80 33.08 -19.55
N TYR B 594 15.86 33.67 -18.80
CA TYR B 594 14.86 34.53 -19.39
C TYR B 594 15.00 35.95 -18.85
N ILE B 595 15.48 36.06 -17.63
CA ILE B 595 15.81 37.35 -17.03
C ILE B 595 17.04 37.95 -17.71
N ASN B 596 18.05 37.11 -17.91
CA ASN B 596 19.34 37.53 -18.45
C ASN B 596 19.44 37.35 -19.98
N HIS B 597 18.34 36.91 -20.58
CA HIS B 597 18.23 36.71 -22.02
C HIS B 597 19.38 35.87 -22.58
N ALA B 598 19.32 34.57 -22.30
CA ALA B 598 20.38 33.62 -22.66
C ALA B 598 19.83 32.35 -23.31
N THR B 599 20.60 31.77 -24.24
CA THR B 599 20.18 30.57 -24.96
C THR B 599 20.48 29.30 -24.15
N SER B 600 19.50 28.91 -23.32
CA SER B 600 19.66 27.88 -22.28
C SER B 600 21.09 27.75 -21.70
N SER B 601 21.66 26.55 -21.80
CA SER B 601 23.03 26.33 -21.36
C SER B 601 23.99 26.64 -22.50
N ILE B 602 24.83 25.68 -22.85
CA ILE B 602 25.67 25.79 -24.04
C ILE B 602 25.11 24.89 -25.15
N HIS B 603 23.90 24.42 -24.92
CA HIS B 603 23.26 23.56 -25.89
C HIS B 603 22.32 24.41 -26.74
N PRO B 604 21.86 23.87 -27.88
CA PRO B 604 21.17 24.69 -28.87
C PRO B 604 19.78 25.03 -28.42
N ILE B 605 19.20 26.05 -29.03
CA ILE B 605 17.84 26.49 -28.75
C ILE B 605 16.77 25.44 -29.04
N VAL B 606 15.58 25.65 -28.47
CA VAL B 606 14.54 24.65 -28.46
C VAL B 606 13.55 24.84 -29.60
N ALA B 607 13.39 26.09 -30.03
CA ALA B 607 12.65 26.47 -31.22
C ALA B 607 12.87 27.95 -31.36
N LYS B 608 12.67 28.48 -32.56
CA LYS B 608 12.93 29.89 -32.82
C LYS B 608 12.10 30.76 -31.86
N ILE B 609 10.80 30.47 -31.79
CA ILE B 609 9.95 31.02 -30.75
C ILE B 609 9.50 29.89 -29.85
N GLU B 610 10.03 29.88 -28.63
CA GLU B 610 9.72 28.86 -27.63
C GLU B 610 8.36 29.13 -27.02
N ILE B 611 7.60 28.08 -26.77
CA ILE B 611 6.29 28.23 -26.13
C ILE B 611 6.39 27.89 -24.64
N ARG B 612 5.86 28.76 -23.81
CA ARG B 612 5.88 28.57 -22.36
C ARG B 612 4.49 28.46 -21.77
N LYS B 613 4.28 27.44 -20.95
CA LYS B 613 2.98 27.15 -20.37
C LYS B 613 2.73 27.95 -19.08
N GLU B 614 2.88 29.28 -19.16
CA GLU B 614 2.78 30.13 -17.98
C GLU B 614 1.78 31.30 -18.17
N GLY B 615 1.19 31.75 -17.06
CA GLY B 615 0.33 32.93 -17.09
C GLY B 615 -1.03 32.72 -17.70
N LYS B 616 -1.90 33.71 -17.51
CA LYS B 616 -3.32 33.58 -17.85
C LYS B 616 -3.63 33.63 -19.35
N THR B 617 -2.72 33.09 -20.16
CA THR B 617 -2.99 32.81 -21.56
C THR B 617 -2.80 31.33 -21.79
N GLY B 618 -1.91 30.74 -21.00
CA GLY B 618 -1.48 29.37 -21.19
C GLY B 618 -0.28 29.35 -22.12
N ARG B 619 -0.10 30.44 -22.87
CA ARG B 619 1.03 30.55 -23.79
C ARG B 619 1.70 31.92 -23.68
N VAL B 620 2.97 31.90 -23.31
CA VAL B 620 3.84 33.06 -23.37
C VAL B 620 5.05 32.67 -24.21
N TYR B 621 5.30 33.45 -25.26
CA TYR B 621 6.28 33.09 -26.28
C TYR B 621 7.61 33.86 -26.15
N TYR B 622 8.71 33.16 -26.41
CA TYR B 622 10.05 33.68 -26.17
C TYR B 622 10.99 33.53 -27.35
N PRO B 623 11.45 34.65 -27.91
CA PRO B 623 12.31 34.65 -29.08
C PRO B 623 13.79 34.64 -28.73
N ALA B 624 14.55 33.70 -29.30
CA ALA B 624 15.97 33.59 -29.02
C ALA B 624 16.69 34.94 -29.15
N PRO B 625 17.62 35.23 -28.25
CA PRO B 625 18.43 36.46 -28.32
C PRO B 625 19.15 36.63 -29.65
N PHE B 626 19.39 37.89 -30.02
CA PHE B 626 20.09 38.28 -31.25
C PHE B 626 19.47 37.74 -32.55
N MET B 627 18.35 37.03 -32.44
CA MET B 627 17.69 36.44 -33.60
C MET B 627 16.85 37.47 -34.35
N THR B 628 17.12 37.60 -35.64
CA THR B 628 16.37 38.51 -36.51
C THR B 628 15.71 37.75 -37.66
N ASN B 629 15.22 38.49 -38.65
CA ASN B 629 14.70 37.91 -39.87
C ASN B 629 15.77 37.75 -40.95
N GLU B 630 17.04 37.92 -40.55
CA GLU B 630 18.17 37.81 -41.48
C GLU B 630 19.01 36.58 -41.18
N ASN B 631 19.19 36.28 -39.89
CA ASN B 631 20.07 35.21 -39.44
C ASN B 631 19.33 33.98 -38.89
N LEU B 632 18.31 33.52 -39.60
CA LEU B 632 17.51 32.38 -39.16
C LEU B 632 18.25 31.05 -39.26
N ASP B 633 19.14 30.96 -40.25
CA ASP B 633 19.90 29.73 -40.50
C ASP B 633 20.86 29.38 -39.36
N MET B 634 21.15 30.37 -38.51
CA MET B 634 22.00 30.17 -37.33
C MET B 634 21.18 29.67 -36.14
N TYR B 635 19.86 29.71 -36.27
CA TYR B 635 18.95 29.41 -35.16
C TYR B 635 18.12 28.14 -35.42
N GLN B 636 18.81 27.02 -35.49
CA GLN B 636 18.16 25.72 -35.67
C GLN B 636 17.87 25.12 -34.30
N ASP B 637 16.67 24.55 -34.15
CA ASP B 637 16.27 23.94 -32.88
C ASP B 637 17.04 22.66 -32.60
N ALA B 638 17.47 22.52 -31.35
CA ALA B 638 18.33 21.42 -30.89
C ALA B 638 18.01 20.02 -31.46
N TYR B 639 16.74 19.82 -31.80
CA TYR B 639 16.27 18.60 -32.44
C TYR B 639 17.02 18.40 -33.76
N ASP B 640 16.88 19.38 -34.66
CA ASP B 640 17.44 19.32 -35.99
C ASP B 640 18.97 19.26 -36.02
N ILE B 641 19.59 19.62 -34.90
CA ILE B 641 21.05 19.65 -34.78
C ILE B 641 21.64 18.24 -34.86
N GLY B 642 21.13 17.34 -34.03
CA GLY B 642 21.66 15.99 -33.98
C GLY B 642 22.55 15.84 -32.78
N PRO B 643 22.17 14.95 -31.86
CA PRO B 643 22.89 14.67 -30.63
C PRO B 643 24.40 14.70 -30.77
N GLU B 644 24.89 14.48 -31.99
CA GLU B 644 26.32 14.52 -32.28
C GLU B 644 26.94 15.87 -31.95
N LYS B 645 26.67 16.87 -32.78
CA LYS B 645 27.22 18.22 -32.58
C LYS B 645 27.08 18.70 -31.12
N ILE B 646 25.95 18.37 -30.49
CA ILE B 646 25.70 18.77 -29.12
C ILE B 646 26.73 18.15 -28.19
N ILE B 647 26.91 16.84 -28.28
CA ILE B 647 27.95 16.17 -27.48
C ILE B 647 29.32 16.74 -27.80
N ASP B 648 29.55 17.05 -29.08
CA ASP B 648 30.82 17.62 -29.54
C ASP B 648 31.15 18.86 -28.73
N THR B 649 30.22 19.81 -28.70
CA THR B 649 30.42 21.09 -28.01
C THR B 649 30.57 20.88 -26.51
N TYR B 650 29.80 19.93 -25.98
CA TYR B 650 29.85 19.63 -24.56
C TYR B 650 31.18 19.04 -24.16
N ALA B 651 31.73 18.17 -25.01
CA ALA B 651 33.02 17.56 -24.74
C ALA B 651 34.12 18.62 -24.53
N GLU B 652 34.19 19.58 -25.44
CA GLU B 652 35.22 20.63 -25.38
C GLU B 652 35.14 21.40 -24.06
N ALA B 653 33.91 21.68 -23.63
CA ALA B 653 33.69 22.32 -22.35
C ALA B 653 34.19 21.44 -21.20
N THR B 654 33.78 20.17 -21.22
CA THR B 654 34.09 19.21 -20.15
C THR B 654 35.58 19.03 -19.93
N ARG B 655 36.38 19.33 -20.96
CA ARG B 655 37.84 19.34 -20.88
C ARG B 655 38.33 20.25 -19.75
N HIS B 656 37.70 21.41 -19.62
CA HIS B 656 38.16 22.42 -18.69
C HIS B 656 37.48 22.38 -17.33
N VAL B 657 36.15 22.29 -17.33
CA VAL B 657 35.33 22.41 -16.12
C VAL B 657 35.51 21.26 -15.13
N ASP B 658 35.81 21.62 -13.89
CA ASP B 658 36.09 20.66 -12.83
C ASP B 658 34.87 19.85 -12.38
N GLN B 659 33.70 20.49 -12.36
CA GLN B 659 32.47 19.81 -12.02
C GLN B 659 31.78 19.31 -13.27
N GLY B 660 30.45 19.24 -13.25
CA GLY B 660 29.70 18.63 -14.33
C GLY B 660 28.99 19.59 -15.27
N LEU B 661 28.64 19.07 -16.44
CA LEU B 661 27.88 19.84 -17.42
C LEU B 661 26.60 19.11 -17.79
N SER B 662 25.48 19.65 -17.33
CA SER B 662 24.18 19.02 -17.53
C SER B 662 23.79 18.93 -19.00
N LEU B 663 23.70 17.70 -19.49
CA LEU B 663 23.47 17.40 -20.91
C LEU B 663 22.10 16.82 -21.25
N THR B 664 21.25 17.68 -21.80
CA THR B 664 19.97 17.27 -22.36
C THR B 664 20.24 16.87 -23.80
N LEU B 665 19.90 15.64 -24.16
CA LEU B 665 19.98 15.21 -25.56
C LEU B 665 18.62 15.38 -26.21
N PHE B 666 18.61 15.55 -27.53
CA PHE B 666 17.39 15.93 -28.22
C PHE B 666 17.04 15.06 -29.41
N PHE B 667 15.92 14.37 -29.27
CA PHE B 667 15.51 13.34 -30.22
C PHE B 667 14.12 13.62 -30.81
N PRO B 668 13.93 13.21 -32.07
CA PRO B 668 12.60 13.22 -32.70
C PRO B 668 11.77 12.00 -32.29
N ASP B 669 10.48 12.02 -32.62
CA ASP B 669 9.56 10.92 -32.31
C ASP B 669 9.79 9.68 -33.19
N THR B 670 10.52 9.86 -34.29
CA THR B 670 10.88 8.76 -35.18
C THR B 670 12.09 7.98 -34.65
N ALA B 671 12.76 8.53 -33.63
CA ALA B 671 13.97 7.94 -33.06
C ALA B 671 13.74 6.52 -32.51
N THR B 672 14.83 5.76 -32.39
CA THR B 672 14.77 4.35 -32.01
C THR B 672 15.40 4.06 -30.64
N THR B 673 15.07 2.87 -30.10
CA THR B 673 15.65 2.36 -28.85
C THR B 673 17.19 2.30 -28.93
N ARG B 674 17.69 2.13 -30.15
CA ARG B 674 19.11 2.11 -30.42
C ARG B 674 19.67 3.52 -30.59
N ASP B 675 18.85 4.42 -31.16
CA ASP B 675 19.27 5.80 -31.40
C ASP B 675 19.72 6.50 -30.12
N ILE B 676 19.02 6.24 -29.03
CA ILE B 676 19.36 6.77 -27.72
C ILE B 676 20.61 6.07 -27.20
N ASN B 677 20.59 4.73 -27.24
CA ASN B 677 21.74 3.91 -26.88
C ASN B 677 23.01 4.32 -27.64
N LYS B 678 22.86 4.67 -28.91
CA LYS B 678 23.98 5.03 -29.78
C LYS B 678 24.68 6.30 -29.32
N ALA B 679 23.89 7.33 -29.06
CA ALA B 679 24.39 8.60 -28.55
C ALA B 679 25.08 8.43 -27.21
N GLN B 680 24.43 7.68 -26.31
CA GLN B 680 24.96 7.39 -24.99
C GLN B 680 26.42 6.95 -25.04
N ILE B 681 26.78 6.27 -26.13
CA ILE B 681 28.14 5.81 -26.33
C ILE B 681 29.01 6.93 -26.89
N TYR B 682 28.52 7.66 -27.88
CA TYR B 682 29.30 8.77 -28.44
C TYR B 682 29.65 9.77 -27.34
N ALA B 683 28.74 9.92 -26.38
CA ALA B 683 28.98 10.72 -25.19
C ALA B 683 30.09 10.10 -24.33
N TRP B 684 30.05 8.78 -24.16
CA TRP B 684 31.09 8.10 -23.39
C TRP B 684 32.45 8.27 -24.07
N ARG B 685 32.53 7.91 -25.34
CA ARG B 685 33.79 7.90 -26.09
C ARG B 685 34.45 9.28 -26.14
N LYS B 686 33.67 10.31 -26.46
CA LYS B 686 34.21 11.68 -26.58
C LYS B 686 34.63 12.28 -25.23
N GLY B 687 34.24 11.61 -24.13
CA GLY B 687 34.73 11.94 -22.81
C GLY B 687 33.77 12.70 -21.93
N ILE B 688 32.47 12.55 -22.19
CA ILE B 688 31.43 13.23 -21.41
C ILE B 688 31.42 12.67 -19.99
N LYS B 689 31.17 13.55 -19.03
CA LYS B 689 31.11 13.18 -17.61
C LYS B 689 29.73 12.67 -17.23
N SER B 690 28.70 13.36 -17.70
CA SER B 690 27.36 13.15 -17.20
C SER B 690 26.30 13.42 -18.24
N LEU B 691 25.10 12.93 -17.98
CA LEU B 691 23.98 13.07 -18.87
C LEU B 691 22.73 13.47 -18.09
N TYR B 692 22.06 14.53 -18.54
CA TYR B 692 20.70 14.81 -18.05
C TYR B 692 19.78 13.83 -18.80
N TYR B 693 18.55 14.27 -19.10
CA TYR B 693 17.60 13.37 -19.74
C TYR B 693 17.33 13.66 -21.22
N ILE B 694 16.68 12.72 -21.89
CA ILE B 694 16.48 12.81 -23.34
C ILE B 694 15.05 13.23 -23.67
N ARG B 695 14.92 14.21 -24.54
CA ARG B 695 13.62 14.77 -24.89
C ARG B 695 13.07 14.18 -26.19
N LEU B 696 11.75 14.17 -26.32
CA LEU B 696 11.07 13.70 -27.51
C LEU B 696 10.17 14.80 -28.07
N ARG B 697 10.27 15.02 -29.38
CA ARG B 697 9.56 16.12 -30.06
C ARG B 697 8.03 15.94 -30.17
N GLN B 698 7.28 16.62 -29.30
CA GLN B 698 5.80 16.71 -29.36
C GLN B 698 5.13 17.78 -28.44
N LEU B 699 4.37 18.70 -29.05
CA LEU B 699 3.51 19.67 -28.35
C LEU B 699 2.35 20.18 -29.22
N ALA B 700 1.32 20.67 -28.75
N ILE C 6 -41.04 -21.83 -30.32
CA ILE C 6 -40.18 -21.18 -29.27
C ILE C 6 -40.73 -19.82 -28.84
N SER C 7 -41.09 -19.71 -27.55
CA SER C 7 -41.53 -18.45 -26.95
C SER C 7 -40.62 -18.03 -25.80
N ALA C 8 -40.35 -16.72 -25.74
CA ALA C 8 -39.44 -16.12 -24.76
C ALA C 8 -39.82 -16.38 -23.30
N ILE C 9 -38.86 -16.19 -22.40
CA ILE C 9 -39.11 -16.51 -20.99
C ILE C 9 -39.58 -15.33 -20.12
N ASN C 10 -40.84 -15.43 -19.70
CA ASN C 10 -41.39 -14.58 -18.67
C ASN C 10 -41.29 -15.30 -17.34
N TRP C 11 -40.34 -14.86 -16.52
CA TRP C 11 -40.12 -15.37 -15.17
C TRP C 11 -41.12 -14.74 -14.22
N ASN C 12 -42.35 -14.56 -14.72
CA ASN C 12 -43.40 -13.85 -14.00
C ASN C 12 -44.76 -14.56 -14.08
N LYS C 13 -45.04 -15.16 -15.24
CA LYS C 13 -46.17 -16.09 -15.40
C LYS C 13 -45.67 -17.54 -15.43
N ILE C 14 -45.42 -18.09 -14.25
CA ILE C 14 -44.79 -19.41 -14.09
C ILE C 14 -45.79 -20.57 -14.00
N GLN C 15 -45.35 -21.73 -14.47
CA GLN C 15 -46.17 -22.95 -14.44
C GLN C 15 -46.06 -23.66 -13.08
N ASP C 16 -44.83 -24.02 -12.70
CA ASP C 16 -44.57 -24.78 -11.48
C ASP C 16 -43.82 -23.93 -10.44
N ASP C 17 -44.15 -24.17 -9.18
CA ASP C 17 -43.52 -23.46 -8.05
C ASP C 17 -42.00 -23.66 -8.01
N LYS C 18 -41.58 -24.91 -8.18
CA LYS C 18 -40.19 -25.32 -7.98
C LYS C 18 -39.22 -24.66 -8.96
N ASP C 19 -39.61 -24.53 -10.22
CA ASP C 19 -38.77 -23.90 -11.25
C ASP C 19 -38.03 -22.67 -10.70
N LEU C 20 -38.76 -21.83 -9.97
CA LEU C 20 -38.22 -20.58 -9.41
C LEU C 20 -37.36 -20.81 -8.15
N GLU C 21 -37.91 -21.52 -7.16
CA GLU C 21 -37.19 -21.76 -5.91
C GLU C 21 -35.95 -22.66 -6.08
N VAL C 22 -36.00 -23.55 -7.08
CA VAL C 22 -34.84 -24.37 -7.42
C VAL C 22 -33.81 -23.49 -8.12
N TRP C 23 -34.30 -22.56 -8.94
CA TRP C 23 -33.44 -21.58 -9.58
C TRP C 23 -32.85 -20.62 -8.55
N ASN C 24 -33.62 -20.30 -7.51
CA ASN C 24 -33.17 -19.40 -6.45
C ASN C 24 -32.12 -20.02 -5.52
N ARG C 25 -32.16 -21.35 -5.38
CA ARG C 25 -31.17 -22.09 -4.59
C ARG C 25 -29.92 -22.36 -5.42
N LEU C 26 -30.09 -23.16 -6.48
CA LEU C 26 -28.99 -23.59 -7.35
C LEU C 26 -28.08 -22.47 -7.86
N THR C 27 -28.55 -21.23 -7.76
CA THR C 27 -27.76 -20.06 -8.16
C THR C 27 -27.21 -19.29 -6.97
N SER C 28 -27.88 -19.39 -5.83
CA SER C 28 -27.40 -18.77 -4.59
C SER C 28 -26.10 -19.46 -4.17
N ASN C 29 -26.14 -20.78 -4.09
CA ASN C 29 -25.02 -21.59 -3.63
C ASN C 29 -23.98 -21.90 -4.72
N PHE C 30 -24.06 -21.18 -5.84
CA PHE C 30 -23.05 -21.30 -6.89
C PHE C 30 -21.69 -20.97 -6.26
N TRP C 31 -20.65 -21.67 -6.71
CA TRP C 31 -19.33 -21.55 -6.11
C TRP C 31 -18.22 -21.84 -7.12
N LEU C 32 -17.00 -21.46 -6.76
CA LEU C 32 -15.83 -21.75 -7.58
C LEU C 32 -14.75 -22.41 -6.74
N PRO C 33 -13.98 -23.32 -7.33
CA PRO C 33 -12.93 -24.08 -6.62
C PRO C 33 -11.72 -23.24 -6.16
N GLU C 34 -11.47 -22.11 -6.82
CA GLU C 34 -10.39 -21.22 -6.41
C GLU C 34 -10.74 -20.43 -5.13
N LYS C 35 -11.98 -20.61 -4.67
CA LYS C 35 -12.49 -19.96 -3.47
C LYS C 35 -12.12 -20.73 -2.21
N VAL C 36 -11.73 -21.99 -2.37
CA VAL C 36 -11.35 -22.82 -1.22
C VAL C 36 -9.82 -22.93 -1.08
N PRO C 37 -9.29 -22.46 0.06
CA PRO C 37 -7.88 -22.68 0.41
C PRO C 37 -7.57 -24.17 0.55
N LEU C 38 -7.09 -24.78 -0.53
CA LEU C 38 -6.78 -26.20 -0.56
C LEU C 38 -5.30 -26.49 -0.29
N SER C 39 -4.48 -25.45 -0.38
CA SER C 39 -3.04 -25.55 -0.16
C SER C 39 -2.72 -25.95 1.29
N ASN C 40 -3.73 -25.88 2.14
CA ASN C 40 -3.58 -26.14 3.57
C ASN C 40 -3.80 -27.61 3.91
N ASP C 41 -4.28 -28.38 2.94
CA ASP C 41 -4.52 -29.81 3.12
C ASP C 41 -3.27 -30.59 2.76
N ILE C 42 -2.32 -29.92 2.11
CA ILE C 42 -1.02 -30.47 1.74
C ILE C 42 -0.36 -31.28 2.89
N PRO C 43 -0.28 -30.70 4.10
CA PRO C 43 0.32 -31.38 5.26
C PRO C 43 -0.37 -32.68 5.65
N ALA C 44 -1.70 -32.71 5.60
CA ALA C 44 -2.47 -33.92 5.89
C ALA C 44 -2.36 -34.93 4.74
N TRP C 45 -2.33 -34.41 3.52
CA TRP C 45 -2.15 -35.20 2.32
C TRP C 45 -0.88 -36.03 2.43
N GLN C 46 0.22 -35.35 2.74
CA GLN C 46 1.54 -35.97 2.87
C GLN C 46 1.56 -37.15 3.84
N THR C 47 0.74 -37.05 4.89
CA THR C 47 0.72 -38.06 5.95
C THR C 47 -0.01 -39.33 5.52
N LEU C 48 -0.85 -39.23 4.49
CA LEU C 48 -1.46 -40.42 3.90
C LEU C 48 -0.39 -41.30 3.26
N SER C 49 -0.63 -42.61 3.28
CA SER C 49 0.33 -43.58 2.78
C SER C 49 0.50 -43.52 1.26
N ALA C 50 1.46 -44.31 0.76
CA ALA C 50 1.62 -44.51 -0.68
C ALA C 50 0.30 -44.99 -1.28
N ALA C 51 -0.25 -46.06 -0.71
CA ALA C 51 -1.53 -46.63 -1.13
C ALA C 51 -2.72 -45.68 -0.88
N GLU C 52 -2.71 -44.99 0.25
CA GLU C 52 -3.80 -44.08 0.64
C GLU C 52 -3.94 -42.90 -0.32
N GLN C 53 -2.81 -42.21 -0.56
CA GLN C 53 -2.75 -41.10 -1.50
C GLN C 53 -3.28 -41.55 -2.84
N GLN C 54 -2.64 -42.60 -3.37
CA GLN C 54 -2.96 -43.18 -4.67
C GLN C 54 -4.43 -43.57 -4.85
N LEU C 55 -5.12 -43.83 -3.74
CA LEU C 55 -6.55 -44.08 -3.79
C LEU C 55 -7.30 -42.77 -3.98
N THR C 56 -7.10 -41.84 -3.06
CA THR C 56 -7.80 -40.56 -3.06
C THR C 56 -7.80 -39.91 -4.43
N ILE C 57 -6.68 -40.07 -5.14
CA ILE C 57 -6.56 -39.61 -6.51
C ILE C 57 -7.56 -40.32 -7.44
N ARG C 58 -7.58 -41.65 -7.36
CA ARG C 58 -8.38 -42.50 -8.25
C ARG C 58 -9.88 -42.29 -8.12
N VAL C 59 -10.34 -42.05 -6.89
CA VAL C 59 -11.77 -41.86 -6.63
C VAL C 59 -12.26 -40.52 -7.15
N PHE C 60 -11.40 -39.51 -7.06
CA PHE C 60 -11.70 -38.21 -7.61
C PHE C 60 -11.77 -38.28 -9.12
N THR C 61 -10.82 -39.02 -9.71
CA THR C 61 -10.84 -39.29 -11.14
C THR C 61 -12.12 -39.99 -11.55
N GLY C 62 -12.58 -40.93 -10.70
CA GLY C 62 -13.86 -41.58 -10.86
C GLY C 62 -15.01 -40.60 -10.73
N LEU C 63 -14.91 -39.71 -9.74
CA LEU C 63 -15.89 -38.66 -9.54
C LEU C 63 -15.99 -37.80 -10.79
N THR C 64 -14.84 -37.57 -11.41
CA THR C 64 -14.72 -36.71 -12.59
C THR C 64 -15.61 -37.22 -13.72
N LEU C 65 -15.43 -38.48 -14.09
CA LEU C 65 -16.15 -39.10 -15.21
C LEU C 65 -17.65 -38.86 -15.16
N LEU C 66 -18.25 -39.16 -14.01
CA LEU C 66 -19.67 -38.96 -13.76
C LEU C 66 -20.03 -37.51 -14.05
N ASP C 67 -19.45 -36.61 -13.25
CA ASP C 67 -19.66 -35.17 -13.36
C ASP C 67 -19.56 -34.67 -14.80
N THR C 68 -18.57 -35.20 -15.52
CA THR C 68 -18.36 -34.88 -16.93
C THR C 68 -19.54 -35.35 -17.78
N ILE C 69 -19.98 -36.59 -17.56
CA ILE C 69 -21.08 -37.14 -18.34
C ILE C 69 -22.33 -36.29 -18.21
N GLN C 70 -22.75 -36.01 -16.98
CA GLN C 70 -23.93 -35.18 -16.73
C GLN C 70 -23.86 -33.85 -17.47
N ASN C 71 -22.66 -33.28 -17.52
CA ASN C 71 -22.41 -31.99 -18.17
C ASN C 71 -22.72 -31.97 -19.69
N ILE C 72 -22.19 -32.94 -20.41
CA ILE C 72 -22.25 -32.92 -21.87
C ILE C 72 -23.37 -33.78 -22.46
N ALA C 73 -23.67 -34.90 -21.81
CA ALA C 73 -24.68 -35.84 -22.32
C ALA C 73 -25.79 -36.12 -21.32
N GLY C 74 -25.58 -35.75 -20.06
CA GLY C 74 -26.50 -36.08 -18.99
C GLY C 74 -27.68 -35.14 -18.89
N ALA C 75 -27.44 -33.96 -18.29
CA ALA C 75 -28.50 -32.95 -18.12
C ALA C 75 -29.07 -32.48 -19.46
N PRO C 76 -28.20 -32.14 -20.42
CA PRO C 76 -28.63 -31.78 -21.77
C PRO C 76 -29.82 -32.58 -22.32
N SER C 77 -29.72 -33.90 -22.26
CA SER C 77 -30.73 -34.78 -22.83
C SER C 77 -32.09 -34.68 -22.12
N LEU C 78 -32.08 -34.18 -20.88
CA LEU C 78 -33.31 -34.05 -20.07
C LEU C 78 -34.08 -32.73 -20.32
N MET C 79 -33.49 -31.85 -21.13
CA MET C 79 -34.14 -30.65 -21.62
C MET C 79 -35.32 -31.05 -22.53
N ALA C 80 -35.05 -32.01 -23.42
CA ALA C 80 -36.03 -32.52 -24.38
C ALA C 80 -37.27 -33.15 -23.74
N ASP C 81 -37.28 -33.23 -22.41
CA ASP C 81 -38.37 -33.89 -21.68
C ASP C 81 -39.10 -32.97 -20.70
N ALA C 82 -38.43 -31.89 -20.29
CA ALA C 82 -38.99 -30.89 -19.40
C ALA C 82 -40.27 -30.27 -19.96
N ILE C 83 -41.20 -29.91 -19.08
CA ILE C 83 -42.50 -29.34 -19.49
C ILE C 83 -42.51 -27.79 -19.52
N THR C 84 -42.19 -27.18 -18.38
CA THR C 84 -42.17 -25.73 -18.28
C THR C 84 -40.87 -25.18 -18.88
N PRO C 85 -41.02 -24.26 -19.85
CA PRO C 85 -39.89 -23.48 -20.38
C PRO C 85 -38.90 -22.94 -19.33
N HIS C 86 -39.32 -22.87 -18.07
CA HIS C 86 -38.51 -22.34 -16.97
C HIS C 86 -37.65 -23.43 -16.32
N GLU C 87 -37.96 -24.68 -16.65
CA GLU C 87 -37.21 -25.85 -16.19
C GLU C 87 -35.87 -25.96 -16.94
N GLU C 88 -35.92 -25.72 -18.25
CA GLU C 88 -34.74 -25.83 -19.12
C GLU C 88 -33.63 -24.86 -18.73
N ALA C 89 -34.03 -23.69 -18.24
CA ALA C 89 -33.09 -22.68 -17.75
C ALA C 89 -32.33 -23.21 -16.53
N VAL C 90 -33.08 -23.88 -15.65
CA VAL C 90 -32.51 -24.56 -14.50
C VAL C 90 -31.55 -25.64 -15.01
N LEU C 91 -32.03 -26.41 -15.98
CA LEU C 91 -31.24 -27.48 -16.57
C LEU C 91 -29.88 -27.01 -17.07
N SER C 92 -29.87 -25.89 -17.78
CA SER C 92 -28.63 -25.31 -18.30
C SER C 92 -27.65 -24.96 -17.19
N ASN C 93 -28.17 -24.43 -16.08
CA ASN C 93 -27.35 -24.12 -14.91
C ASN C 93 -26.66 -25.36 -14.38
N ILE C 94 -27.45 -26.42 -14.21
CA ILE C 94 -26.96 -27.72 -13.73
C ILE C 94 -25.85 -28.21 -14.66
N SER C 95 -26.13 -28.18 -15.96
CA SER C 95 -25.15 -28.53 -16.98
C SER C 95 -23.83 -27.84 -16.67
N PHE C 96 -23.89 -26.51 -16.57
CA PHE C 96 -22.69 -25.73 -16.24
C PHE C 96 -22.08 -26.19 -14.93
N MET C 97 -22.92 -26.26 -13.88
CA MET C 97 -22.44 -26.54 -12.53
C MET C 97 -21.65 -27.84 -12.45
N GLU C 98 -22.12 -28.87 -13.14
CA GLU C 98 -21.40 -30.14 -13.25
C GLU C 98 -19.96 -29.93 -13.72
N ALA C 99 -19.79 -29.02 -14.67
CA ALA C 99 -18.48 -28.69 -15.23
C ALA C 99 -17.57 -27.97 -14.24
N VAL C 100 -18.17 -27.27 -13.27
CA VAL C 100 -17.42 -26.65 -12.17
C VAL C 100 -17.00 -27.72 -11.20
N HIS C 101 -17.92 -28.65 -10.94
CA HIS C 101 -17.64 -29.87 -10.18
C HIS C 101 -16.44 -30.57 -10.83
N ALA C 102 -16.48 -30.64 -12.16
CA ALA C 102 -15.41 -31.19 -12.97
C ALA C 102 -14.08 -30.42 -12.84
N ARG C 103 -14.15 -29.09 -12.85
CA ARG C 103 -12.95 -28.27 -12.73
C ARG C 103 -12.25 -28.48 -11.38
N SER C 104 -13.06 -28.70 -10.34
CA SER C 104 -12.58 -28.76 -8.97
C SER C 104 -11.48 -29.79 -8.76
N TYR C 105 -11.72 -31.03 -9.16
CA TYR C 105 -10.79 -32.14 -8.95
C TYR C 105 -9.43 -31.83 -9.56
N SER C 106 -9.46 -31.20 -10.72
CA SER C 106 -8.27 -30.75 -11.41
C SER C 106 -7.63 -29.58 -10.64
N SER C 107 -8.45 -28.84 -9.91
CA SER C 107 -7.96 -27.80 -9.00
C SER C 107 -7.38 -28.43 -7.73
N ILE C 108 -7.90 -29.61 -7.37
CA ILE C 108 -7.31 -30.43 -6.31
C ILE C 108 -6.03 -31.05 -6.86
N PHE C 109 -6.18 -31.82 -7.94
CA PHE C 109 -5.08 -32.55 -8.56
C PHE C 109 -3.80 -31.72 -8.73
N SER C 110 -3.97 -30.47 -9.16
CA SER C 110 -2.85 -29.54 -9.27
C SER C 110 -2.22 -29.28 -7.91
N THR C 111 -3.08 -29.01 -6.92
CA THR C 111 -2.64 -28.58 -5.60
C THR C 111 -1.93 -29.66 -4.77
N LEU C 112 -2.57 -30.82 -4.59
CA LEU C 112 -2.09 -31.84 -3.65
C LEU C 112 -1.09 -32.82 -4.24
N CYS C 113 -1.33 -33.27 -5.46
CA CYS C 113 -0.52 -34.33 -6.06
C CYS C 113 0.22 -33.89 -7.32
N GLN C 114 0.90 -34.86 -7.95
CA GLN C 114 1.59 -34.64 -9.21
C GLN C 114 0.97 -35.43 -10.38
N THR C 115 1.22 -34.95 -11.59
CA THR C 115 0.75 -35.57 -12.84
C THR C 115 1.44 -36.91 -13.15
N LYS C 116 2.41 -37.29 -12.31
CA LYS C 116 3.00 -38.63 -12.35
C LYS C 116 2.03 -39.62 -11.71
N GLU C 117 1.29 -39.15 -10.70
CA GLU C 117 0.31 -39.96 -9.99
C GLU C 117 -1.08 -39.79 -10.58
N VAL C 118 -1.37 -38.57 -11.06
CA VAL C 118 -2.65 -38.22 -11.67
C VAL C 118 -2.87 -39.00 -12.98
N ASP C 119 -1.81 -39.10 -13.77
CA ASP C 119 -1.86 -39.74 -15.09
C ASP C 119 -1.97 -41.28 -15.03
N ALA C 120 -1.48 -41.87 -13.94
CA ALA C 120 -1.57 -43.31 -13.72
C ALA C 120 -2.98 -43.70 -13.26
N ALA C 121 -3.63 -42.76 -12.58
CA ALA C 121 -5.02 -42.92 -12.13
C ALA C 121 -6.02 -42.53 -13.24
N TYR C 122 -5.61 -41.61 -14.12
CA TYR C 122 -6.40 -41.25 -15.29
C TYR C 122 -6.45 -42.41 -16.29
N ALA C 123 -5.30 -43.07 -16.49
CA ALA C 123 -5.18 -44.18 -17.44
C ALA C 123 -5.78 -45.48 -16.89
N TRP C 124 -5.80 -45.60 -15.57
CA TRP C 124 -6.52 -46.69 -14.91
C TRP C 124 -8.02 -46.47 -15.12
N SER C 125 -8.47 -45.25 -14.86
CA SER C 125 -9.88 -44.90 -14.99
C SER C 125 -10.42 -45.22 -16.39
N GLU C 126 -9.58 -44.98 -17.39
CA GLU C 126 -9.91 -45.32 -18.78
C GLU C 126 -10.07 -46.83 -19.00
N GLU C 127 -9.30 -47.62 -18.23
CA GLU C 127 -9.27 -49.06 -18.42
C GLU C 127 -10.03 -49.87 -17.36
N ASN C 128 -10.31 -49.23 -16.22
CA ASN C 128 -10.99 -49.86 -15.10
C ASN C 128 -12.42 -50.30 -15.43
N PRO C 129 -12.64 -51.61 -15.51
CA PRO C 129 -13.94 -52.17 -15.94
C PRO C 129 -15.23 -51.64 -15.25
N PRO C 130 -15.33 -51.62 -13.92
CA PRO C 130 -16.61 -51.27 -13.28
C PRO C 130 -16.96 -49.79 -13.34
N LEU C 131 -15.95 -48.92 -13.46
CA LEU C 131 -16.16 -47.47 -13.54
C LEU C 131 -16.72 -47.06 -14.90
N GLN C 132 -16.22 -47.70 -15.95
CA GLN C 132 -16.69 -47.47 -17.31
C GLN C 132 -18.07 -48.08 -17.52
N ARG C 133 -18.31 -49.22 -16.87
CA ARG C 133 -19.61 -49.88 -16.91
C ARG C 133 -20.76 -48.97 -16.45
N LYS C 134 -20.59 -48.34 -15.29
CA LYS C 134 -21.60 -47.45 -14.74
C LYS C 134 -21.78 -46.24 -15.63
N ALA C 135 -20.68 -45.77 -16.22
CA ALA C 135 -20.71 -44.69 -17.19
C ALA C 135 -21.47 -45.09 -18.44
N GLN C 136 -21.40 -46.37 -18.78
CA GLN C 136 -22.06 -46.94 -19.94
C GLN C 136 -23.57 -47.11 -19.74
N ILE C 137 -23.97 -47.62 -18.57
CA ILE C 137 -25.36 -47.92 -18.25
C ILE C 137 -26.25 -46.71 -18.43
N ILE C 138 -25.83 -45.59 -17.86
CA ILE C 138 -26.56 -44.33 -17.96
C ILE C 138 -26.61 -43.82 -19.40
N LEU C 139 -25.51 -44.01 -20.13
CA LEU C 139 -25.37 -43.50 -21.49
C LEU C 139 -26.32 -44.17 -22.46
N ALA C 140 -26.49 -45.49 -22.30
CA ALA C 140 -27.39 -46.27 -23.12
C ALA C 140 -28.87 -45.99 -22.82
N HIS C 141 -29.14 -45.45 -21.63
CA HIS C 141 -30.50 -45.03 -21.26
C HIS C 141 -30.74 -43.56 -21.58
N TYR C 142 -29.65 -42.81 -21.79
CA TYR C 142 -29.73 -41.41 -22.22
C TYR C 142 -30.07 -41.29 -23.69
N VAL C 143 -29.32 -42.00 -24.53
CA VAL C 143 -29.50 -41.96 -25.98
C VAL C 143 -30.75 -42.74 -26.40
N SER C 144 -31.25 -43.56 -25.50
CA SER C 144 -32.56 -44.19 -25.66
C SER C 144 -33.61 -43.10 -25.78
N ASP C 145 -34.73 -43.42 -26.41
CA ASP C 145 -35.79 -42.44 -26.65
C ASP C 145 -36.82 -42.43 -25.52
N GLU C 146 -36.58 -43.28 -24.51
CA GLU C 146 -37.44 -43.35 -23.31
C GLU C 146 -37.13 -42.22 -22.32
N PRO C 147 -38.13 -41.38 -22.05
CA PRO C 147 -37.93 -40.12 -21.31
C PRO C 147 -38.06 -40.28 -19.79
N LEU C 148 -38.91 -41.21 -19.36
CA LEU C 148 -39.15 -41.47 -17.95
C LEU C 148 -37.95 -42.20 -17.34
N LYS C 149 -37.45 -43.20 -18.08
CA LYS C 149 -36.26 -43.96 -17.69
C LYS C 149 -35.01 -43.08 -17.74
N LYS C 150 -35.04 -42.07 -18.61
CA LYS C 150 -33.96 -41.09 -18.70
C LYS C 150 -33.71 -40.40 -17.37
N LYS C 151 -34.81 -39.99 -16.72
CA LYS C 151 -34.77 -39.30 -15.43
C LYS C 151 -34.31 -40.18 -14.27
N ILE C 152 -34.93 -41.36 -14.12
CA ILE C 152 -34.52 -42.38 -13.13
C ILE C 152 -33.00 -42.58 -13.12
N ALA C 153 -32.49 -43.01 -14.28
CA ALA C 153 -31.06 -43.17 -14.52
C ALA C 153 -30.27 -41.98 -13.97
N SER C 154 -30.67 -40.78 -14.39
CA SER C 154 -30.03 -39.55 -13.95
C SER C 154 -30.10 -39.38 -12.43
N VAL C 155 -31.27 -39.68 -11.85
CA VAL C 155 -31.44 -39.60 -10.41
C VAL C 155 -30.46 -40.56 -9.74
N PHE C 156 -30.46 -41.80 -10.22
CA PHE C 156 -29.55 -42.83 -9.75
C PHE C 156 -28.08 -42.44 -9.89
N LEU C 157 -27.78 -41.66 -10.93
CA LEU C 157 -26.46 -41.06 -11.05
C LEU C 157 -26.31 -39.98 -9.99
N GLU C 158 -27.23 -39.03 -10.01
CA GLU C 158 -27.11 -37.80 -9.24
C GLU C 158 -27.17 -38.03 -7.73
N SER C 159 -27.93 -39.03 -7.32
CA SER C 159 -28.24 -39.24 -5.91
C SER C 159 -27.43 -40.35 -5.27
N PHE C 160 -26.77 -41.17 -6.08
CA PHE C 160 -26.19 -42.41 -5.60
C PHE C 160 -24.77 -42.69 -6.12
N LEU C 161 -24.56 -42.49 -7.42
CA LEU C 161 -23.31 -42.86 -8.09
C LEU C 161 -22.08 -42.08 -7.60
N PHE C 162 -22.30 -40.81 -7.27
CA PHE C 162 -21.24 -39.92 -6.80
C PHE C 162 -20.73 -40.33 -5.41
N TYR C 163 -21.54 -41.11 -4.71
CA TYR C 163 -21.37 -41.35 -3.28
C TYR C 163 -20.50 -42.55 -2.89
N SER C 164 -20.23 -43.44 -3.85
CA SER C 164 -19.22 -44.49 -3.70
C SER C 164 -17.83 -43.88 -3.57
N GLY C 165 -17.74 -42.60 -3.97
CA GLY C 165 -16.50 -41.83 -3.92
C GLY C 165 -16.54 -40.62 -3.01
N PHE C 166 -17.73 -40.09 -2.77
CA PHE C 166 -17.90 -38.95 -1.86
C PHE C 166 -17.61 -39.32 -0.40
N TRP C 167 -17.50 -40.63 -0.16
CA TRP C 167 -17.27 -41.18 1.18
C TRP C 167 -15.86 -40.94 1.72
N LEU C 168 -14.87 -40.96 0.84
CA LEU C 168 -13.47 -40.84 1.24
C LEU C 168 -13.05 -39.42 1.68
N PRO C 169 -13.32 -38.40 0.86
CA PRO C 169 -13.10 -37.02 1.30
C PRO C 169 -13.95 -36.72 2.54
N MET C 170 -15.08 -37.42 2.68
CA MET C 170 -15.91 -37.32 3.87
C MET C 170 -15.26 -37.99 5.09
N TYR C 171 -14.93 -39.27 4.96
CA TYR C 171 -14.32 -40.03 6.05
C TYR C 171 -13.10 -39.31 6.59
N PHE C 172 -12.26 -38.83 5.69
CA PHE C 172 -11.07 -38.09 6.07
C PHE C 172 -11.45 -36.93 6.97
N SER C 173 -12.48 -36.17 6.56
CA SER C 173 -12.95 -35.01 7.30
C SER C 173 -13.33 -35.39 8.72
N SER C 174 -13.80 -36.63 8.88
CA SER C 174 -14.19 -37.15 10.19
C SER C 174 -12.96 -37.56 11.00
N ARG C 175 -11.78 -37.32 10.45
CA ARG C 175 -10.55 -37.65 11.17
C ARG C 175 -9.69 -36.40 11.41
N GLY C 176 -10.11 -35.29 10.81
CA GLY C 176 -9.36 -34.05 10.90
C GLY C 176 -8.28 -33.94 9.86
N LYS C 177 -8.41 -34.75 8.81
CA LYS C 177 -7.46 -34.76 7.70
C LYS C 177 -8.19 -34.27 6.47
N LEU C 178 -7.50 -33.47 5.65
CA LEU C 178 -8.08 -32.95 4.41
C LEU C 178 -9.48 -32.39 4.64
N THR C 179 -9.63 -31.60 5.70
CA THR C 179 -10.90 -30.95 6.01
C THR C 179 -11.34 -30.03 4.86
N ASN C 180 -10.42 -29.25 4.33
CA ASN C 180 -10.75 -28.26 3.32
C ASN C 180 -11.01 -28.87 1.95
N THR C 181 -10.53 -30.08 1.72
CA THR C 181 -10.84 -30.78 0.48
C THR C 181 -12.32 -31.16 0.49
N ALA C 182 -12.77 -31.67 1.63
CA ALA C 182 -14.18 -32.03 1.82
C ALA C 182 -15.06 -30.79 1.88
N ASP C 183 -14.54 -29.73 2.50
CA ASP C 183 -15.19 -28.42 2.53
C ASP C 183 -15.67 -28.01 1.14
N LEU C 184 -14.81 -28.29 0.15
CA LEU C 184 -15.09 -28.03 -1.25
C LEU C 184 -16.03 -29.10 -1.83
N ILE C 185 -15.85 -30.34 -1.39
CA ILE C 185 -16.73 -31.43 -1.81
C ILE C 185 -18.18 -31.19 -1.35
N ARG C 186 -18.34 -30.77 -0.09
CA ARG C 186 -19.65 -30.48 0.51
C ARG C 186 -20.53 -29.54 -0.33
N LEU C 187 -19.87 -28.61 -1.02
CA LEU C 187 -20.54 -27.67 -1.91
C LEU C 187 -21.02 -28.36 -3.18
N ILE C 188 -20.22 -29.30 -3.67
CA ILE C 188 -20.67 -30.17 -4.75
C ILE C 188 -21.90 -30.90 -4.24
N ILE C 189 -21.71 -31.71 -3.20
CA ILE C 189 -22.79 -32.49 -2.58
C ILE C 189 -24.12 -31.71 -2.61
N ARG C 190 -24.14 -30.57 -1.91
CA ARG C 190 -25.36 -29.76 -1.71
C ARG C 190 -26.05 -29.32 -3.02
N ASP C 191 -25.25 -29.20 -4.08
CA ASP C 191 -25.78 -28.92 -5.41
C ASP C 191 -26.41 -30.18 -6.01
N GLU C 192 -25.77 -31.33 -5.77
CA GLU C 192 -26.22 -32.62 -6.31
C GLU C 192 -27.40 -33.19 -5.55
N ALA C 193 -27.53 -32.80 -4.28
CA ALA C 193 -28.71 -33.09 -3.49
C ALA C 193 -29.95 -32.55 -4.20
N VAL C 194 -29.93 -31.24 -4.46
CA VAL C 194 -30.96 -30.56 -5.23
C VAL C 194 -31.21 -31.29 -6.55
N HIS C 195 -30.15 -31.48 -7.34
CA HIS C 195 -30.27 -32.11 -8.65
C HIS C 195 -31.16 -33.35 -8.57
N GLY C 196 -30.91 -34.18 -7.56
CA GLY C 196 -31.66 -35.41 -7.35
C GLY C 196 -33.13 -35.16 -7.11
N TYR C 197 -33.43 -34.19 -6.25
CA TYR C 197 -34.80 -33.84 -5.89
C TYR C 197 -35.60 -33.32 -7.09
N TYR C 198 -34.97 -32.48 -7.91
CA TYR C 198 -35.63 -31.87 -9.06
C TYR C 198 -36.05 -32.90 -10.09
N ILE C 199 -35.08 -33.53 -10.75
CA ILE C 199 -35.35 -34.52 -11.78
C ILE C 199 -36.27 -35.60 -11.22
N GLY C 200 -36.03 -35.96 -9.96
CA GLY C 200 -36.88 -36.88 -9.24
C GLY C 200 -38.30 -36.38 -9.17
N TYR C 201 -38.49 -35.19 -8.61
CA TYR C 201 -39.82 -34.56 -8.51
C TYR C 201 -40.49 -34.46 -9.88
N LYS C 202 -39.70 -34.09 -10.88
CA LYS C 202 -40.16 -33.99 -12.26
C LYS C 202 -40.44 -35.37 -12.87
N TYR C 203 -39.92 -36.42 -12.23
CA TYR C 203 -40.19 -37.81 -12.64
C TYR C 203 -41.57 -38.22 -12.18
N GLN C 204 -41.83 -38.06 -10.88
CA GLN C 204 -43.12 -38.39 -10.30
C GLN C 204 -44.23 -37.69 -11.07
N ILE C 205 -43.93 -36.49 -11.57
CA ILE C 205 -44.89 -35.65 -12.25
C ILE C 205 -45.37 -36.27 -13.57
N ALA C 206 -44.44 -36.57 -14.48
CA ALA C 206 -44.79 -37.23 -15.72
C ALA C 206 -45.36 -38.63 -15.46
N LEU C 207 -45.10 -39.14 -14.25
CA LEU C 207 -45.53 -40.48 -13.83
C LEU C 207 -47.01 -40.55 -13.42
N GLN C 208 -47.48 -39.57 -12.65
CA GLN C 208 -48.89 -39.52 -12.25
C GLN C 208 -49.83 -39.22 -13.43
N LYS C 209 -49.25 -38.67 -14.51
CA LYS C 209 -49.98 -38.44 -15.77
C LYS C 209 -50.12 -39.74 -16.58
N LEU C 210 -49.28 -40.74 -16.27
CA LEU C 210 -49.20 -41.97 -17.05
C LEU C 210 -50.42 -42.88 -16.92
N SER C 211 -50.32 -44.05 -17.54
CA SER C 211 -51.29 -45.12 -17.40
C SER C 211 -51.12 -45.79 -16.04
N ALA C 212 -52.24 -46.21 -15.44
CA ALA C 212 -52.26 -46.88 -14.14
C ALA C 212 -51.44 -48.17 -14.16
N ILE C 213 -51.57 -48.91 -15.26
CA ILE C 213 -50.86 -50.18 -15.46
C ILE C 213 -49.37 -50.00 -15.79
N GLU C 214 -49.05 -48.91 -16.49
CA GLU C 214 -47.66 -48.54 -16.81
C GLU C 214 -46.85 -48.19 -15.55
N ARG C 215 -47.55 -47.87 -14.47
CA ARG C 215 -46.92 -47.49 -13.21
C ARG C 215 -46.27 -48.68 -12.49
N GLU C 216 -46.67 -49.89 -12.85
CA GLU C 216 -46.00 -51.08 -12.35
C GLU C 216 -44.69 -51.30 -13.10
N GLU C 217 -44.74 -51.08 -14.42
CA GLU C 217 -43.58 -51.22 -15.30
C GLU C 217 -42.41 -50.39 -14.79
N LEU C 218 -42.67 -49.13 -14.47
CA LEU C 218 -41.62 -48.22 -14.02
C LEU C 218 -41.05 -48.62 -12.66
N LYS C 219 -41.94 -48.97 -11.72
CA LYS C 219 -41.55 -49.31 -10.35
C LYS C 219 -40.53 -50.44 -10.25
N LEU C 220 -40.72 -51.49 -11.05
CA LEU C 220 -39.81 -52.62 -11.08
C LEU C 220 -38.48 -52.25 -11.71
N PHE C 221 -38.54 -51.63 -12.89
CA PHE C 221 -37.35 -51.29 -13.67
C PHE C 221 -36.34 -50.47 -12.88
N ALA C 222 -36.84 -49.49 -12.13
CA ALA C 222 -35.98 -48.69 -11.27
C ALA C 222 -35.19 -49.60 -10.32
N LEU C 223 -35.90 -50.44 -9.58
CA LEU C 223 -35.27 -51.36 -8.63
C LEU C 223 -34.24 -52.21 -9.36
N ASP C 224 -34.64 -52.80 -10.49
CA ASP C 224 -33.75 -53.59 -11.32
C ASP C 224 -32.50 -52.81 -11.73
N LEU C 225 -32.70 -51.65 -12.35
CA LEU C 225 -31.57 -50.82 -12.75
C LEU C 225 -30.68 -50.49 -11.55
N LEU C 226 -31.30 -50.05 -10.46
CA LEU C 226 -30.57 -49.80 -9.22
C LEU C 226 -29.79 -51.06 -8.87
N MET C 227 -30.47 -52.20 -8.89
CA MET C 227 -29.88 -53.48 -8.52
C MET C 227 -28.67 -53.84 -9.35
N GLU C 228 -28.65 -53.39 -10.60
CA GLU C 228 -27.51 -53.62 -11.50
C GLU C 228 -26.40 -52.63 -11.19
N LEU C 229 -26.78 -51.36 -11.07
CA LEU C 229 -25.84 -50.26 -10.79
C LEU C 229 -25.19 -50.42 -9.44
N TYR C 230 -25.96 -50.95 -8.50
CA TYR C 230 -25.50 -51.29 -7.17
C TYR C 230 -24.54 -52.48 -7.25
N ASP C 231 -24.93 -53.53 -7.98
CA ASP C 231 -24.07 -54.71 -8.17
C ASP C 231 -22.69 -54.28 -8.64
N ASN C 232 -22.68 -53.50 -9.70
CA ASN C 232 -21.45 -52.89 -10.23
C ASN C 232 -20.71 -52.11 -9.14
N GLU C 233 -21.43 -51.28 -8.40
CA GLU C 233 -20.84 -50.41 -7.40
C GLU C 233 -20.13 -51.14 -6.28
N ILE C 234 -20.62 -52.33 -5.93
CA ILE C 234 -20.01 -53.17 -4.92
C ILE C 234 -18.65 -53.68 -5.42
N ARG C 235 -18.62 -54.07 -6.69
CA ARG C 235 -17.38 -54.47 -7.35
C ARG C 235 -16.48 -53.26 -7.61
N TYR C 236 -17.10 -52.07 -7.69
CA TYR C 236 -16.35 -50.83 -7.88
C TYR C 236 -15.64 -50.40 -6.60
N THR C 237 -16.29 -50.66 -5.48
CA THR C 237 -15.73 -50.28 -4.17
C THR C 237 -14.78 -51.36 -3.66
N GLU C 238 -15.08 -52.61 -4.02
CA GLU C 238 -14.27 -53.77 -3.64
C GLU C 238 -12.88 -53.76 -4.27
N ALA C 239 -12.71 -52.97 -5.34
CA ALA C 239 -11.44 -52.89 -6.07
C ALA C 239 -10.54 -51.75 -5.62
N LEU C 240 -11.12 -50.56 -5.52
CA LEU C 240 -10.40 -49.36 -5.12
C LEU C 240 -10.02 -49.38 -3.64
N TYR C 241 -11.02 -49.62 -2.80
CA TYR C 241 -10.82 -49.58 -1.35
C TYR C 241 -10.23 -50.89 -0.81
N ALA C 242 -9.97 -51.83 -1.69
CA ALA C 242 -9.22 -53.03 -1.32
C ALA C 242 -7.87 -52.58 -0.78
N GLU C 243 -7.50 -53.14 0.37
CA GLU C 243 -6.26 -52.82 1.08
C GLU C 243 -6.41 -51.66 2.08
N THR C 244 -7.66 -51.35 2.42
CA THR C 244 -7.96 -50.35 3.46
C THR C 244 -8.89 -50.95 4.52
N GLY C 245 -9.81 -51.80 4.07
CA GLY C 245 -10.75 -52.46 4.97
C GLY C 245 -11.84 -51.55 5.51
N TRP C 246 -12.20 -50.54 4.74
CA TRP C 246 -13.36 -49.70 5.06
C TRP C 246 -14.56 -50.10 4.22
N VAL C 247 -14.35 -51.06 3.33
CA VAL C 247 -15.41 -51.52 2.42
C VAL C 247 -16.76 -51.54 3.12
N ASN C 248 -16.81 -52.19 4.28
CA ASN C 248 -18.05 -52.38 5.03
C ASN C 248 -18.78 -51.08 5.38
N ASP C 249 -18.04 -49.98 5.38
CA ASP C 249 -18.59 -48.67 5.66
C ASP C 249 -19.10 -48.00 4.38
N VAL C 250 -18.41 -48.27 3.27
CA VAL C 250 -18.78 -47.72 1.97
C VAL C 250 -19.98 -48.47 1.42
N LYS C 251 -19.95 -49.78 1.59
CA LYS C 251 -21.04 -50.68 1.18
C LYS C 251 -22.31 -50.37 1.96
N ALA C 252 -22.14 -49.80 3.14
CA ALA C 252 -23.27 -49.37 3.96
C ALA C 252 -23.75 -48.00 3.49
N PHE C 253 -22.78 -47.13 3.21
CA PHE C 253 -23.03 -45.77 2.74
C PHE C 253 -23.89 -45.77 1.48
N LEU C 254 -23.53 -46.65 0.54
CA LEU C 254 -24.23 -46.79 -0.73
C LEU C 254 -25.69 -47.11 -0.53
N CYS C 255 -25.95 -48.11 0.32
CA CYS C 255 -27.30 -48.50 0.68
C CYS C 255 -28.10 -47.27 1.11
N TYR C 256 -27.55 -46.50 2.05
CA TYR C 256 -28.16 -45.26 2.51
C TYR C 256 -28.37 -44.32 1.32
N ASN C 257 -27.36 -44.23 0.47
CA ASN C 257 -27.45 -43.34 -0.67
C ASN C 257 -28.29 -43.92 -1.81
N ALA C 258 -28.68 -45.19 -1.67
CA ALA C 258 -29.60 -45.81 -2.62
C ALA C 258 -31.04 -45.58 -2.21
N ASN C 259 -31.31 -45.58 -0.91
CA ASN C 259 -32.61 -45.19 -0.42
C ASN C 259 -32.86 -43.73 -0.77
N LYS C 260 -31.81 -42.92 -0.69
CA LYS C 260 -31.88 -41.49 -0.98
C LYS C 260 -32.41 -41.22 -2.38
N ALA C 261 -31.98 -42.04 -3.33
CA ALA C 261 -32.43 -41.92 -4.71
C ALA C 261 -33.89 -42.33 -4.86
N LEU C 262 -34.23 -43.51 -4.34
CA LEU C 262 -35.59 -44.04 -4.47
C LEU C 262 -36.64 -43.16 -3.80
N MET C 263 -36.30 -42.64 -2.63
CA MET C 263 -37.19 -41.74 -1.89
C MET C 263 -37.41 -40.39 -2.60
N ASN C 264 -36.54 -40.07 -3.55
CA ASN C 264 -36.68 -38.88 -4.39
C ASN C 264 -37.58 -39.12 -5.58
N LEU C 265 -37.86 -40.40 -5.85
CA LEU C 265 -38.69 -40.84 -6.98
C LEU C 265 -40.07 -41.38 -6.56
N GLY C 266 -40.48 -41.02 -5.35
CA GLY C 266 -41.77 -41.43 -4.79
C GLY C 266 -41.80 -42.88 -4.37
N TYR C 267 -40.66 -43.55 -4.50
CA TYR C 267 -40.55 -44.97 -4.17
C TYR C 267 -40.08 -45.14 -2.73
N GLU C 268 -40.47 -46.26 -2.13
CA GLU C 268 -40.09 -46.55 -0.77
C GLU C 268 -38.74 -47.22 -0.69
N ALA C 269 -38.06 -47.03 0.45
CA ALA C 269 -36.72 -47.55 0.69
C ALA C 269 -36.60 -49.06 0.45
N LEU C 270 -35.41 -49.51 0.06
CA LEU C 270 -35.18 -50.93 -0.22
C LEU C 270 -34.27 -51.64 0.79
N PHE C 271 -33.08 -51.07 1.04
CA PHE C 271 -32.15 -51.64 2.03
C PHE C 271 -32.62 -51.26 3.43
N PRO C 272 -32.72 -52.24 4.33
CA PRO C 272 -33.10 -51.97 5.72
C PRO C 272 -31.94 -51.32 6.48
N PRO C 273 -32.23 -50.51 7.49
CA PRO C 273 -31.20 -49.69 8.17
C PRO C 273 -30.08 -50.47 8.90
N GLU C 274 -30.04 -51.80 8.75
CA GLU C 274 -28.87 -52.57 9.19
C GLU C 274 -27.86 -52.76 8.04
N MET C 275 -28.26 -52.35 6.84
CA MET C 275 -27.38 -52.32 5.69
C MET C 275 -26.96 -50.88 5.39
N ALA C 276 -27.88 -49.93 5.63
CA ALA C 276 -27.64 -48.50 5.44
C ALA C 276 -27.05 -47.83 6.70
N ASP C 277 -26.62 -48.66 7.65
CA ASP C 277 -26.05 -48.20 8.92
C ASP C 277 -24.79 -47.37 8.67
N VAL C 278 -24.96 -46.06 8.66
CA VAL C 278 -23.82 -45.15 8.52
C VAL C 278 -23.37 -44.62 9.90
N ASN C 279 -22.05 -44.50 10.09
CA ASN C 279 -21.50 -43.90 11.30
C ASN C 279 -21.79 -42.40 11.32
N PRO C 280 -22.43 -41.94 12.40
CA PRO C 280 -22.95 -40.57 12.50
C PRO C 280 -21.93 -39.47 12.23
N ALA C 281 -20.65 -39.78 12.41
CA ALA C 281 -19.56 -38.86 12.16
C ALA C 281 -19.48 -38.54 10.67
N ILE C 282 -19.55 -39.57 9.84
CA ILE C 282 -19.61 -39.41 8.39
C ILE C 282 -20.89 -38.65 8.04
N LEU C 283 -22.02 -39.11 8.61
CA LEU C 283 -23.30 -38.46 8.43
C LEU C 283 -23.22 -36.97 8.79
N ALA C 284 -22.43 -36.68 9.83
CA ALA C 284 -22.20 -35.31 10.25
C ALA C 284 -21.37 -34.51 9.25
N ALA C 285 -20.34 -35.16 8.70
CA ALA C 285 -19.43 -34.52 7.73
C ALA C 285 -20.13 -34.18 6.40
N LEU C 286 -21.28 -34.80 6.15
CA LEU C 286 -22.08 -34.54 4.96
C LEU C 286 -22.61 -33.11 4.92
N SER C 287 -22.69 -32.49 6.09
CA SER C 287 -22.98 -31.06 6.24
C SER C 287 -22.83 -30.62 7.71
N PRO C 288 -22.21 -29.45 7.95
CA PRO C 288 -22.02 -28.95 9.33
C PRO C 288 -23.29 -28.31 9.90
N THR C 309 -26.69 -1.83 8.73
CA THR C 309 -26.90 -0.34 8.55
C THR C 309 -28.29 0.15 9.00
N VAL C 310 -28.40 1.46 9.30
CA VAL C 310 -29.62 2.10 9.87
C VAL C 310 -29.29 3.55 10.32
N GLU C 311 -30.23 4.21 11.03
CA GLU C 311 -30.05 5.56 11.62
C GLU C 311 -29.92 5.55 13.16
N THR C 312 -30.20 6.69 13.81
CA THR C 312 -30.18 6.82 15.29
C THR C 312 -31.57 7.16 15.75
N GLU C 313 -31.82 7.17 17.07
CA GLU C 313 -33.07 7.76 17.59
C GLU C 313 -32.86 8.75 18.74
N ASP C 314 -33.54 9.90 18.61
CA ASP C 314 -33.77 10.84 19.72
C ASP C 314 -34.84 10.14 20.57
N GLU C 315 -34.36 9.56 21.67
CA GLU C 315 -34.81 8.29 22.21
C GLU C 315 -33.40 7.76 22.33
N ASP C 316 -33.12 6.52 21.88
CA ASP C 316 -31.75 5.94 21.80
C ASP C 316 -30.66 6.81 22.47
N TRP C 317 -30.59 8.07 22.04
CA TRP C 317 -29.85 9.16 22.73
C TRP C 317 -30.08 9.23 24.25
N ASN C 318 -31.35 9.12 24.65
CA ASN C 318 -31.71 8.84 26.04
C ASN C 318 -30.98 9.78 27.02
N PHE C 319 -29.86 9.30 27.56
CA PHE C 319 -29.15 9.98 28.63
C PHE C 319 -27.77 10.52 28.22
N ILE D 6 -16.27 -42.01 -23.96
CA ILE D 6 -16.13 -40.63 -23.43
C ILE D 6 -15.18 -40.57 -22.22
N SER D 7 -14.25 -39.62 -22.28
CA SER D 7 -13.22 -39.46 -21.26
C SER D 7 -13.43 -38.22 -20.38
N ALA D 8 -13.02 -38.32 -19.12
CA ALA D 8 -13.17 -37.23 -18.15
C ALA D 8 -12.20 -36.07 -18.41
N ILE D 9 -12.61 -34.88 -17.98
CA ILE D 9 -11.90 -33.62 -18.25
C ILE D 9 -10.61 -33.46 -17.44
N ASN D 10 -9.58 -32.93 -18.09
CA ASN D 10 -8.34 -32.54 -17.39
C ASN D 10 -7.99 -31.06 -17.62
N TRP D 11 -8.36 -30.24 -16.63
CA TRP D 11 -8.00 -28.83 -16.58
C TRP D 11 -6.60 -28.64 -16.02
N ASN D 12 -5.77 -29.68 -16.13
CA ASN D 12 -4.37 -29.58 -15.74
C ASN D 12 -3.44 -29.85 -16.92
N LYS D 13 -4.02 -30.35 -18.02
CA LYS D 13 -3.36 -30.39 -19.33
C LYS D 13 -4.22 -29.71 -20.40
N ILE D 14 -4.40 -28.39 -20.22
CA ILE D 14 -5.23 -27.58 -21.12
C ILE D 14 -4.61 -27.58 -22.53
N GLN D 15 -5.44 -27.47 -23.55
CA GLN D 15 -4.97 -27.50 -24.94
C GLN D 15 -4.68 -26.12 -25.53
N ASP D 16 -5.67 -25.23 -25.50
CA ASP D 16 -5.51 -23.85 -25.99
C ASP D 16 -5.37 -22.89 -24.82
N ASP D 17 -4.44 -21.94 -24.94
CA ASP D 17 -4.23 -20.89 -23.95
C ASP D 17 -5.53 -20.13 -23.66
N LYS D 18 -6.29 -19.85 -24.71
CA LYS D 18 -7.55 -19.11 -24.63
C LYS D 18 -8.60 -19.80 -23.76
N ASP D 19 -8.69 -21.13 -23.86
CA ASP D 19 -9.66 -21.93 -23.10
C ASP D 19 -9.82 -21.45 -21.67
N LEU D 20 -8.72 -21.45 -20.92
CA LEU D 20 -8.73 -21.02 -19.53
C LEU D 20 -8.98 -19.51 -19.40
N GLU D 21 -8.38 -18.75 -20.32
CA GLU D 21 -8.52 -17.30 -20.36
C GLU D 21 -10.01 -16.90 -20.43
N VAL D 22 -10.74 -17.57 -21.31
CA VAL D 22 -12.19 -17.41 -21.45
C VAL D 22 -12.90 -17.93 -20.20
N TRP D 23 -12.42 -19.06 -19.68
CA TRP D 23 -12.97 -19.67 -18.47
C TRP D 23 -12.90 -18.71 -17.31
N ASN D 24 -11.68 -18.49 -16.83
CA ASN D 24 -11.41 -17.76 -15.59
C ASN D 24 -12.28 -16.52 -15.40
N ARG D 25 -12.21 -15.62 -16.38
CA ARG D 25 -12.90 -14.33 -16.26
C ARG D 25 -14.39 -14.41 -16.59
N LEU D 26 -14.78 -15.28 -17.52
CA LEU D 26 -16.20 -15.50 -17.82
C LEU D 26 -16.96 -16.05 -16.60
N THR D 27 -16.24 -16.86 -15.81
CA THR D 27 -16.77 -17.42 -14.57
C THR D 27 -16.61 -16.45 -13.39
N SER D 28 -15.59 -15.59 -13.44
CA SER D 28 -15.42 -14.49 -12.49
C SER D 28 -16.48 -13.41 -12.72
N ASN D 29 -16.82 -13.17 -13.99
CA ASN D 29 -17.89 -12.26 -14.39
C ASN D 29 -19.27 -12.83 -14.05
N PHE D 30 -19.37 -13.46 -12.89
CA PHE D 30 -20.65 -13.99 -12.43
C PHE D 30 -21.43 -12.92 -11.69
N TRP D 31 -22.71 -12.83 -12.02
CA TRP D 31 -23.63 -11.84 -11.46
C TRP D 31 -25.08 -12.32 -11.52
N LEU D 32 -25.92 -11.70 -10.70
CA LEU D 32 -27.35 -11.99 -10.70
C LEU D 32 -28.16 -10.69 -10.73
N PRO D 33 -29.34 -10.73 -11.36
CA PRO D 33 -30.31 -9.62 -11.29
C PRO D 33 -30.72 -9.21 -9.86
N GLU D 34 -30.68 -10.15 -8.91
CA GLU D 34 -31.07 -9.87 -7.53
C GLU D 34 -29.96 -9.19 -6.71
N LYS D 35 -28.73 -9.26 -7.24
CA LYS D 35 -27.55 -8.59 -6.66
C LYS D 35 -27.61 -7.07 -6.84
N VAL D 36 -28.12 -6.64 -8.00
CA VAL D 36 -28.39 -5.23 -8.28
C VAL D 36 -29.80 -4.86 -7.78
N PRO D 37 -29.89 -3.85 -6.90
CA PRO D 37 -31.20 -3.35 -6.47
C PRO D 37 -31.92 -2.54 -7.56
N LEU D 38 -32.85 -3.19 -8.25
CA LEU D 38 -33.70 -2.52 -9.24
C LEU D 38 -34.92 -1.91 -8.54
N SER D 39 -34.86 -1.91 -7.21
CA SER D 39 -35.78 -1.15 -6.36
C SER D 39 -35.45 0.36 -6.39
N ASN D 40 -34.31 0.70 -7.01
CA ASN D 40 -33.80 2.08 -7.05
C ASN D 40 -34.26 2.90 -8.24
N ASP D 41 -34.45 2.24 -9.39
CA ASP D 41 -34.89 2.91 -10.61
C ASP D 41 -36.37 3.32 -10.58
N ILE D 42 -36.99 3.20 -9.40
CA ILE D 42 -38.43 3.43 -9.23
C ILE D 42 -38.91 4.91 -9.37
N PRO D 43 -38.28 5.87 -8.70
CA PRO D 43 -38.63 7.28 -8.88
C PRO D 43 -38.31 7.79 -10.29
N ALA D 44 -37.18 7.38 -10.85
CA ALA D 44 -36.71 7.82 -12.17
C ALA D 44 -37.50 7.21 -13.34
N TRP D 45 -38.34 6.22 -13.04
CA TRP D 45 -39.12 5.47 -14.03
C TRP D 45 -40.37 6.22 -14.49
N GLN D 46 -41.00 6.94 -13.57
CA GLN D 46 -42.22 7.70 -13.86
C GLN D 46 -41.97 8.86 -14.83
N THR D 47 -40.74 9.38 -14.81
CA THR D 47 -40.36 10.56 -15.60
C THR D 47 -40.28 10.31 -17.13
N LEU D 48 -40.64 9.10 -17.55
CA LEU D 48 -40.78 8.76 -18.96
C LEU D 48 -42.25 8.83 -19.37
N SER D 49 -42.49 9.17 -20.63
CA SER D 49 -43.85 9.24 -21.19
C SER D 49 -44.48 7.85 -21.37
N ALA D 50 -45.74 7.83 -21.78
CA ALA D 50 -46.48 6.58 -22.03
C ALA D 50 -45.85 5.72 -23.14
N ALA D 51 -45.34 6.39 -24.16
CA ALA D 51 -44.71 5.73 -25.32
C ALA D 51 -43.22 5.46 -25.09
N GLU D 52 -42.61 6.26 -24.22
CA GLU D 52 -41.24 6.02 -23.79
C GLU D 52 -41.18 4.76 -22.91
N GLN D 53 -42.15 4.63 -22.01
CA GLN D 53 -42.25 3.49 -21.10
C GLN D 53 -42.68 2.20 -21.80
N GLN D 54 -43.56 2.32 -22.79
CA GLN D 54 -44.01 1.17 -23.59
C GLN D 54 -42.85 0.54 -24.39
N LEU D 55 -41.96 1.38 -24.90
CA LEU D 55 -40.80 0.95 -25.69
C LEU D 55 -39.64 0.47 -24.81
N THR D 56 -39.71 0.77 -23.50
CA THR D 56 -38.77 0.22 -22.53
C THR D 56 -38.82 -1.31 -22.56
N ILE D 57 -40.03 -1.85 -22.51
CA ILE D 57 -40.29 -3.30 -22.58
C ILE D 57 -39.99 -3.85 -23.98
N ARG D 58 -40.62 -3.25 -24.99
CA ARG D 58 -40.53 -3.69 -26.39
C ARG D 58 -39.09 -3.85 -26.92
N VAL D 59 -38.17 -3.03 -26.41
CA VAL D 59 -36.76 -3.14 -26.76
C VAL D 59 -36.12 -4.35 -26.04
N PHE D 60 -36.47 -4.54 -24.77
CA PHE D 60 -35.94 -5.63 -23.96
C PHE D 60 -36.66 -6.96 -24.17
N THR D 61 -37.79 -6.92 -24.90
CA THR D 61 -38.63 -8.11 -25.18
C THR D 61 -38.02 -9.02 -26.24
N GLY D 62 -37.52 -8.40 -27.30
CA GLY D 62 -36.73 -9.11 -28.29
C GLY D 62 -35.47 -9.65 -27.63
N LEU D 63 -34.88 -8.81 -26.77
CA LEU D 63 -33.69 -9.15 -25.99
C LEU D 63 -33.91 -10.34 -25.04
N THR D 64 -35.10 -10.42 -24.46
CA THR D 64 -35.53 -11.59 -23.69
C THR D 64 -35.57 -12.86 -24.55
N LEU D 65 -36.08 -12.73 -25.77
CA LEU D 65 -36.14 -13.85 -26.72
C LEU D 65 -34.77 -14.16 -27.31
N LEU D 66 -33.90 -13.16 -27.33
CA LEU D 66 -32.55 -13.29 -27.93
C LEU D 66 -31.61 -14.18 -27.11
N ASP D 67 -31.60 -13.93 -25.80
CA ASP D 67 -30.86 -14.76 -24.86
C ASP D 67 -31.53 -16.12 -24.70
N THR D 68 -32.84 -16.15 -25.00
CA THR D 68 -33.64 -17.37 -24.98
C THR D 68 -33.16 -18.33 -26.06
N ILE D 69 -32.87 -17.78 -27.24
CA ILE D 69 -32.39 -18.56 -28.38
C ILE D 69 -30.87 -18.84 -28.33
N GLN D 70 -30.12 -17.89 -27.77
CA GLN D 70 -28.70 -18.06 -27.52
C GLN D 70 -28.44 -19.14 -26.47
N ASN D 71 -29.35 -19.23 -25.49
CA ASN D 71 -29.27 -20.20 -24.40
C ASN D 71 -29.72 -21.61 -24.82
N ILE D 72 -30.93 -21.71 -25.39
CA ILE D 72 -31.53 -23.01 -25.75
C ILE D 72 -30.95 -23.63 -27.03
N ALA D 73 -30.64 -22.78 -28.02
CA ALA D 73 -30.24 -23.27 -29.35
C ALA D 73 -28.82 -22.90 -29.78
N GLY D 74 -28.36 -21.71 -29.40
CA GLY D 74 -27.07 -21.18 -29.83
C GLY D 74 -25.85 -22.06 -29.56
N ALA D 75 -25.42 -22.09 -28.30
CA ALA D 75 -24.29 -22.92 -27.86
C ALA D 75 -24.57 -24.42 -27.95
N PRO D 76 -25.74 -24.89 -27.48
CA PRO D 76 -26.13 -26.30 -27.58
C PRO D 76 -25.81 -27.05 -28.89
N SER D 77 -25.80 -26.35 -30.03
CA SER D 77 -25.41 -26.98 -31.31
C SER D 77 -23.88 -26.95 -31.54
N LEU D 78 -23.20 -26.02 -30.89
CA LEU D 78 -21.75 -25.79 -31.06
C LEU D 78 -20.86 -26.75 -30.24
N MET D 79 -21.48 -27.54 -29.36
CA MET D 79 -20.75 -28.43 -28.45
C MET D 79 -20.34 -29.76 -29.10
N ALA D 80 -20.78 -29.94 -30.35
CA ALA D 80 -20.31 -31.03 -31.22
C ALA D 80 -19.21 -30.51 -32.15
N ASP D 81 -19.12 -29.19 -32.27
CA ASP D 81 -18.14 -28.51 -33.10
C ASP D 81 -16.81 -28.34 -32.35
N ALA D 82 -16.91 -28.01 -31.06
CA ALA D 82 -15.73 -27.78 -30.21
C ALA D 82 -14.65 -28.86 -30.34
N ILE D 83 -13.39 -28.43 -30.26
CA ILE D 83 -12.24 -29.33 -30.41
C ILE D 83 -11.58 -29.72 -29.07
N THR D 84 -11.43 -28.75 -28.17
CA THR D 84 -10.99 -29.02 -26.79
C THR D 84 -12.24 -29.25 -25.93
N PRO D 85 -12.25 -30.35 -25.15
CA PRO D 85 -13.38 -30.64 -24.25
C PRO D 85 -13.68 -29.48 -23.29
N HIS D 86 -12.66 -28.68 -22.97
CA HIS D 86 -12.77 -27.51 -22.12
C HIS D 86 -13.55 -26.38 -22.80
N GLU D 87 -13.57 -26.41 -24.13
CA GLU D 87 -14.37 -25.49 -24.93
C GLU D 87 -15.85 -25.82 -24.78
N GLU D 88 -16.16 -27.11 -24.73
CA GLU D 88 -17.53 -27.58 -24.45
C GLU D 88 -17.98 -27.05 -23.09
N ALA D 89 -17.02 -26.89 -22.19
CA ALA D 89 -17.28 -26.43 -20.83
C ALA D 89 -17.71 -24.96 -20.77
N VAL D 90 -16.96 -24.09 -21.45
CA VAL D 90 -17.24 -22.65 -21.42
C VAL D 90 -18.58 -22.34 -22.07
N LEU D 91 -18.86 -23.02 -23.18
CA LEU D 91 -20.12 -22.83 -23.90
C LEU D 91 -21.35 -23.03 -23.02
N SER D 92 -21.27 -24.02 -22.13
CA SER D 92 -22.39 -24.36 -21.23
C SER D 92 -22.64 -23.32 -20.14
N ASN D 93 -21.58 -22.62 -19.71
CA ASN D 93 -21.72 -21.46 -18.84
C ASN D 93 -22.44 -20.36 -19.61
N ILE D 94 -21.99 -20.13 -20.83
CA ILE D 94 -22.56 -19.12 -21.72
C ILE D 94 -24.05 -19.43 -21.92
N SER D 95 -24.36 -20.69 -22.23
CA SER D 95 -25.74 -21.14 -22.31
C SER D 95 -26.48 -20.68 -21.06
N PHE D 96 -25.94 -21.06 -19.90
CA PHE D 96 -26.54 -20.73 -18.62
C PHE D 96 -26.59 -19.22 -18.35
N MET D 97 -25.46 -18.54 -18.53
CA MET D 97 -25.35 -17.09 -18.31
C MET D 97 -26.45 -16.32 -19.05
N GLU D 98 -26.71 -16.75 -20.29
CA GLU D 98 -27.70 -16.14 -21.18
C GLU D 98 -29.12 -16.30 -20.68
N ALA D 99 -29.40 -17.44 -20.03
CA ALA D 99 -30.71 -17.67 -19.40
C ALA D 99 -30.94 -16.66 -18.27
N VAL D 100 -29.87 -16.27 -17.58
CA VAL D 100 -29.92 -15.25 -16.54
C VAL D 100 -30.07 -13.87 -17.15
N HIS D 101 -29.34 -13.62 -18.25
CA HIS D 101 -29.50 -12.40 -19.03
C HIS D 101 -30.98 -12.17 -19.35
N ALA D 102 -31.61 -13.22 -19.89
CA ALA D 102 -33.04 -13.23 -20.18
C ALA D 102 -33.89 -13.06 -18.91
N ARG D 103 -33.43 -13.67 -17.81
CA ARG D 103 -34.09 -13.56 -16.50
C ARG D 103 -34.02 -12.13 -15.99
N SER D 104 -32.91 -11.46 -16.31
CA SER D 104 -32.66 -10.09 -15.90
C SER D 104 -33.68 -9.12 -16.49
N TYR D 105 -34.05 -9.35 -17.76
CA TYR D 105 -35.12 -8.59 -18.41
C TYR D 105 -36.47 -8.86 -17.73
N SER D 106 -36.66 -10.11 -17.27
CA SER D 106 -37.86 -10.51 -16.57
C SER D 106 -37.79 -10.26 -15.05
N SER D 107 -36.67 -9.65 -14.63
CA SER D 107 -36.56 -9.01 -13.32
C SER D 107 -37.00 -7.54 -13.46
N ILE D 108 -36.71 -6.97 -14.63
CA ILE D 108 -37.03 -5.59 -14.97
C ILE D 108 -38.55 -5.37 -15.10
N PHE D 109 -39.22 -6.26 -15.82
CA PHE D 109 -40.66 -6.13 -16.09
C PHE D 109 -41.50 -6.41 -14.83
N SER D 110 -40.90 -6.30 -13.65
CA SER D 110 -41.57 -6.59 -12.38
C SER D 110 -41.15 -5.67 -11.21
N THR D 111 -40.09 -4.90 -11.43
CA THR D 111 -39.65 -3.89 -10.45
C THR D 111 -40.32 -2.54 -10.74
N LEU D 112 -40.51 -2.26 -12.03
CA LEU D 112 -41.05 -0.99 -12.50
C LEU D 112 -42.26 -1.18 -13.42
N CYS D 113 -42.19 -2.18 -14.28
CA CYS D 113 -43.24 -2.41 -15.27
C CYS D 113 -44.44 -3.16 -14.68
N GLN D 114 -45.56 -3.11 -15.39
CA GLN D 114 -46.83 -3.67 -14.92
C GLN D 114 -47.30 -4.91 -15.68
N THR D 115 -48.32 -5.56 -15.13
CA THR D 115 -48.93 -6.75 -15.72
C THR D 115 -49.45 -6.51 -17.14
N LYS D 116 -50.28 -5.48 -17.31
CA LYS D 116 -50.95 -5.15 -18.58
C LYS D 116 -49.97 -4.89 -19.73
N GLU D 117 -48.87 -4.20 -19.42
CA GLU D 117 -47.90 -3.72 -20.43
C GLU D 117 -46.96 -4.81 -20.97
N VAL D 118 -46.62 -5.78 -20.13
CA VAL D 118 -45.77 -6.91 -20.53
C VAL D 118 -46.50 -7.86 -21.49
N ASP D 119 -47.82 -7.98 -21.32
CA ASP D 119 -48.67 -8.79 -22.19
C ASP D 119 -48.96 -8.11 -23.55
N ALA D 120 -48.13 -7.12 -23.89
CA ALA D 120 -48.31 -6.32 -25.11
C ALA D 120 -47.04 -6.26 -25.97
N ALA D 121 -45.89 -6.21 -25.32
CA ALA D 121 -44.61 -6.21 -26.00
C ALA D 121 -44.17 -7.64 -26.35
N TYR D 122 -44.61 -8.61 -25.53
CA TYR D 122 -44.34 -10.04 -25.73
C TYR D 122 -45.15 -10.58 -26.89
N ALA D 123 -46.47 -10.36 -26.84
CA ALA D 123 -47.39 -10.74 -27.92
C ALA D 123 -47.08 -9.98 -29.21
N TRP D 124 -46.47 -8.79 -29.05
CA TRP D 124 -45.93 -8.02 -30.17
C TRP D 124 -44.71 -8.72 -30.78
N SER D 125 -43.93 -9.39 -29.94
CA SER D 125 -42.71 -10.07 -30.38
C SER D 125 -43.00 -11.35 -31.19
N GLU D 126 -44.28 -11.69 -31.33
CA GLU D 126 -44.73 -12.78 -32.20
C GLU D 126 -45.46 -12.23 -33.43
N GLU D 127 -45.97 -11.01 -33.30
CA GLU D 127 -46.62 -10.27 -34.38
C GLU D 127 -45.63 -9.30 -35.06
N ASN D 128 -44.33 -9.52 -34.80
CA ASN D 128 -43.26 -8.66 -35.30
C ASN D 128 -42.30 -9.38 -36.26
N PRO D 129 -42.59 -9.32 -37.57
CA PRO D 129 -41.71 -9.88 -38.60
C PRO D 129 -40.23 -9.38 -38.65
N PRO D 130 -39.91 -8.09 -38.38
CA PRO D 130 -38.52 -7.66 -38.27
C PRO D 130 -37.75 -8.31 -37.10
N LEU D 131 -38.48 -8.76 -36.08
CA LEU D 131 -37.92 -9.56 -35.00
C LEU D 131 -37.93 -11.03 -35.40
N GLN D 132 -39.12 -11.51 -35.80
CA GLN D 132 -39.37 -12.91 -36.16
C GLN D 132 -38.30 -13.49 -37.09
N ARG D 133 -38.05 -12.78 -38.19
CA ARG D 133 -37.07 -13.21 -39.19
C ARG D 133 -35.63 -13.11 -38.68
N LYS D 134 -35.31 -12.02 -37.97
CA LYS D 134 -33.98 -11.82 -37.40
C LYS D 134 -33.57 -12.94 -36.42
N ALA D 135 -34.57 -13.67 -35.90
CA ALA D 135 -34.36 -14.85 -35.07
C ALA D 135 -34.50 -16.15 -35.89
N GLN D 136 -35.30 -16.10 -36.96
CA GLN D 136 -35.52 -17.24 -37.85
C GLN D 136 -34.28 -17.59 -38.66
N ILE D 137 -33.63 -16.56 -39.22
CA ILE D 137 -32.43 -16.72 -40.06
C ILE D 137 -31.22 -17.15 -39.23
N ILE D 138 -31.04 -16.50 -38.09
CA ILE D 138 -29.92 -16.79 -37.20
C ILE D 138 -29.95 -18.25 -36.72
N LEU D 139 -31.16 -18.75 -36.46
CA LEU D 139 -31.39 -20.15 -36.09
C LEU D 139 -31.32 -21.10 -37.27
N ALA D 140 -31.69 -20.62 -38.45
CA ALA D 140 -31.58 -21.39 -39.69
C ALA D 140 -30.15 -21.88 -39.91
N HIS D 141 -29.22 -21.25 -39.20
CA HIS D 141 -27.82 -21.63 -39.24
C HIS D 141 -27.38 -22.41 -38.00
N TYR D 142 -28.22 -22.38 -36.96
CA TYR D 142 -28.07 -23.24 -35.79
C TYR D 142 -28.61 -24.63 -36.09
N VAL D 143 -29.75 -24.67 -36.79
CA VAL D 143 -30.33 -25.90 -37.33
C VAL D 143 -29.90 -26.16 -38.78
N SER D 144 -28.68 -25.72 -39.11
CA SER D 144 -27.94 -26.17 -40.28
C SER D 144 -26.69 -26.93 -39.81
N ASP D 145 -26.32 -27.97 -40.55
CA ASP D 145 -25.18 -28.83 -40.19
C ASP D 145 -23.82 -28.19 -40.54
N GLU D 146 -23.83 -26.90 -40.84
CA GLU D 146 -22.63 -26.14 -41.24
C GLU D 146 -22.13 -25.25 -40.09
N PRO D 147 -20.88 -25.45 -39.68
CA PRO D 147 -20.39 -24.97 -38.37
C PRO D 147 -20.00 -23.50 -38.36
N LEU D 148 -19.49 -23.02 -39.48
CA LEU D 148 -19.02 -21.65 -39.59
C LEU D 148 -20.22 -20.73 -39.80
N LYS D 149 -21.25 -21.28 -40.44
CA LYS D 149 -22.57 -20.62 -40.54
C LYS D 149 -23.15 -20.40 -39.15
N LYS D 150 -22.94 -21.39 -38.29
CA LYS D 150 -23.38 -21.38 -36.88
C LYS D 150 -22.65 -20.31 -36.08
N LYS D 151 -21.32 -20.33 -36.16
CA LYS D 151 -20.45 -19.42 -35.40
C LYS D 151 -20.57 -17.98 -35.87
N ILE D 152 -20.72 -17.78 -37.18
CA ILE D 152 -20.94 -16.43 -37.76
C ILE D 152 -22.25 -15.83 -37.24
N ALA D 153 -23.31 -16.63 -37.31
CA ALA D 153 -24.62 -16.26 -36.75
C ALA D 153 -24.46 -15.91 -35.28
N SER D 154 -23.78 -16.80 -34.56
CA SER D 154 -23.46 -16.61 -33.14
C SER D 154 -22.74 -15.29 -32.92
N VAL D 155 -21.81 -14.96 -33.81
CA VAL D 155 -21.03 -13.73 -33.71
C VAL D 155 -21.93 -12.50 -33.89
N PHE D 156 -22.67 -12.48 -34.99
CA PHE D 156 -23.46 -11.30 -35.36
C PHE D 156 -24.69 -11.10 -34.48
N LEU D 157 -25.20 -12.19 -33.90
CA LEU D 157 -26.28 -12.13 -32.92
C LEU D 157 -25.78 -11.41 -31.66
N GLU D 158 -24.64 -11.89 -31.15
CA GLU D 158 -24.00 -11.35 -29.96
C GLU D 158 -23.63 -9.87 -30.09
N SER D 159 -23.10 -9.53 -31.27
CA SER D 159 -22.37 -8.28 -31.47
C SER D 159 -23.05 -7.23 -32.39
N PHE D 160 -24.20 -7.59 -32.96
CA PHE D 160 -24.96 -6.66 -33.80
C PHE D 160 -26.47 -6.67 -33.52
N LEU D 161 -27.10 -7.83 -33.68
CA LEU D 161 -28.56 -7.99 -33.53
C LEU D 161 -29.06 -7.72 -32.11
N PHE D 162 -28.21 -7.99 -31.13
CA PHE D 162 -28.47 -7.66 -29.74
C PHE D 162 -28.62 -6.15 -29.57
N TYR D 163 -27.69 -5.41 -30.18
CA TYR D 163 -27.51 -3.98 -29.94
C TYR D 163 -28.62 -3.07 -30.49
N SER D 164 -29.75 -3.68 -30.80
CA SER D 164 -30.97 -2.97 -31.16
C SER D 164 -31.51 -2.17 -29.98
N GLY D 165 -31.43 -2.76 -28.79
CA GLY D 165 -31.97 -2.15 -27.58
C GLY D 165 -30.97 -1.85 -26.47
N PHE D 166 -29.68 -2.07 -26.76
CA PHE D 166 -28.62 -1.79 -25.79
C PHE D 166 -28.22 -0.32 -25.77
N TRP D 167 -28.72 0.45 -26.73
CA TRP D 167 -28.51 1.89 -26.78
C TRP D 167 -29.46 2.63 -25.82
N LEU D 168 -30.70 2.16 -25.72
CA LEU D 168 -31.74 2.83 -24.92
C LEU D 168 -31.34 3.15 -23.46
N PRO D 169 -30.78 2.17 -22.74
CA PRO D 169 -30.37 2.39 -21.33
C PRO D 169 -29.12 3.23 -21.16
N MET D 170 -28.24 3.21 -22.17
CA MET D 170 -26.99 3.98 -22.16
C MET D 170 -27.25 5.47 -22.43
N TYR D 171 -28.28 5.75 -23.22
CA TYR D 171 -28.78 7.11 -23.39
C TYR D 171 -29.53 7.52 -22.14
N PHE D 172 -30.27 6.56 -21.57
CA PHE D 172 -30.97 6.77 -20.32
C PHE D 172 -29.97 7.11 -19.22
N SER D 173 -28.92 6.30 -19.11
CA SER D 173 -27.88 6.46 -18.08
C SER D 173 -27.18 7.84 -18.09
N SER D 174 -26.94 8.39 -19.28
CA SER D 174 -26.23 9.67 -19.42
C SER D 174 -26.98 10.86 -18.80
N ARG D 175 -28.31 10.79 -18.78
CA ARG D 175 -29.16 11.83 -18.18
C ARG D 175 -29.53 11.53 -16.72
N GLY D 176 -28.95 10.46 -16.16
CA GLY D 176 -29.21 10.05 -14.79
C GLY D 176 -30.55 9.35 -14.59
N LYS D 177 -31.22 9.03 -15.70
CA LYS D 177 -32.51 8.32 -15.69
C LYS D 177 -32.30 6.81 -15.90
N LEU D 178 -32.77 6.01 -14.93
CA LEU D 178 -32.64 4.56 -15.00
C LEU D 178 -31.22 4.10 -15.36
N THR D 179 -30.31 4.31 -14.40
CA THR D 179 -28.89 3.97 -14.54
C THR D 179 -28.57 2.65 -13.83
N ASN D 180 -29.27 2.38 -12.73
CA ASN D 180 -29.15 1.11 -12.02
C ASN D 180 -29.73 -0.05 -12.83
N THR D 181 -30.61 0.30 -13.77
CA THR D 181 -31.06 -0.63 -14.79
C THR D 181 -29.97 -0.76 -15.85
N ALA D 182 -29.31 0.37 -16.13
CA ALA D 182 -28.19 0.40 -17.07
C ALA D 182 -26.94 -0.26 -16.49
N ASP D 183 -26.77 -0.15 -15.16
CA ASP D 183 -25.65 -0.79 -14.44
C ASP D 183 -25.68 -2.32 -14.58
N LEU D 184 -26.84 -2.84 -14.99
CA LEU D 184 -27.11 -4.26 -15.18
C LEU D 184 -26.80 -4.70 -16.61
N ILE D 185 -27.19 -3.86 -17.57
CA ILE D 185 -26.86 -4.05 -18.97
C ILE D 185 -25.36 -3.76 -19.18
N ARG D 186 -24.75 -3.09 -18.20
CA ARG D 186 -23.29 -2.94 -18.10
C ARG D 186 -22.65 -4.32 -17.94
N LEU D 187 -23.21 -5.12 -17.03
CA LEU D 187 -22.82 -6.51 -16.81
C LEU D 187 -23.13 -7.38 -18.02
N ILE D 188 -24.39 -7.31 -18.49
CA ILE D 188 -24.89 -8.11 -19.62
C ILE D 188 -23.98 -8.02 -20.85
N ILE D 189 -23.75 -6.81 -21.33
CA ILE D 189 -22.87 -6.55 -22.47
C ILE D 189 -21.47 -7.12 -22.23
N ARG D 190 -20.91 -6.84 -21.05
CA ARG D 190 -19.57 -7.28 -20.67
C ARG D 190 -19.41 -8.79 -20.83
N ASP D 191 -20.51 -9.51 -20.61
CA ASP D 191 -20.56 -10.96 -20.87
C ASP D 191 -20.62 -11.26 -22.36
N GLU D 192 -21.55 -10.62 -23.08
CA GLU D 192 -21.67 -10.80 -24.54
C GLU D 192 -20.37 -10.45 -25.25
N ALA D 193 -19.61 -9.52 -24.65
CA ALA D 193 -18.29 -9.12 -25.13
C ALA D 193 -17.36 -10.31 -25.26
N VAL D 194 -17.22 -11.07 -24.17
CA VAL D 194 -16.44 -12.29 -24.15
C VAL D 194 -17.10 -13.41 -24.95
N HIS D 195 -18.44 -13.44 -24.91
CA HIS D 195 -19.22 -14.43 -25.65
C HIS D 195 -18.95 -14.27 -27.13
N GLY D 196 -19.07 -13.03 -27.63
CA GLY D 196 -18.77 -12.72 -29.01
C GLY D 196 -17.31 -12.96 -29.39
N TYR D 197 -16.40 -12.68 -28.46
CA TYR D 197 -14.95 -12.83 -28.70
C TYR D 197 -14.53 -14.30 -28.88
N TYR D 198 -14.96 -15.16 -27.96
CA TYR D 198 -14.60 -16.59 -27.97
C TYR D 198 -15.10 -17.27 -29.23
N ILE D 199 -16.42 -17.21 -29.44
CA ILE D 199 -17.02 -17.60 -30.71
C ILE D 199 -16.15 -17.02 -31.84
N GLY D 200 -15.83 -15.73 -31.72
CA GLY D 200 -15.00 -15.03 -32.67
C GLY D 200 -13.60 -15.60 -32.87
N TYR D 201 -12.91 -15.86 -31.75
CA TYR D 201 -11.56 -16.44 -31.82
C TYR D 201 -11.58 -17.85 -32.40
N LYS D 202 -12.57 -18.65 -31.97
CA LYS D 202 -12.67 -20.05 -32.36
C LYS D 202 -13.26 -20.24 -33.77
N TYR D 203 -13.81 -19.16 -34.33
CA TYR D 203 -14.14 -19.09 -35.75
C TYR D 203 -12.85 -19.08 -36.56
N GLN D 204 -11.87 -18.32 -36.07
CA GLN D 204 -10.59 -18.08 -36.75
C GLN D 204 -9.65 -19.28 -36.71
N ILE D 205 -9.81 -20.13 -35.70
CA ILE D 205 -9.08 -21.39 -35.58
C ILE D 205 -9.59 -22.40 -36.61
N ALA D 206 -10.89 -22.33 -36.89
CA ALA D 206 -11.56 -23.17 -37.87
C ALA D 206 -11.13 -22.88 -39.31
N LEU D 207 -10.76 -21.62 -39.57
CA LEU D 207 -10.31 -21.18 -40.90
C LEU D 207 -8.84 -21.52 -41.22
N GLN D 208 -8.11 -22.03 -40.23
CA GLN D 208 -6.74 -22.52 -40.45
C GLN D 208 -6.72 -23.87 -41.18
N LYS D 209 -7.88 -24.53 -41.23
CA LYS D 209 -8.01 -25.86 -41.88
C LYS D 209 -8.83 -25.85 -43.17
N LEU D 210 -9.58 -24.75 -43.41
CA LEU D 210 -10.39 -24.60 -44.62
C LEU D 210 -9.57 -24.00 -45.76
N SER D 211 -9.73 -24.56 -46.96
CA SER D 211 -8.85 -24.29 -48.11
C SER D 211 -8.97 -22.87 -48.70
N ALA D 212 -8.05 -22.54 -49.60
CA ALA D 212 -7.87 -21.20 -50.16
C ALA D 212 -9.14 -20.52 -50.71
N ILE D 213 -9.86 -21.24 -51.57
CA ILE D 213 -11.12 -20.74 -52.16
C ILE D 213 -12.28 -20.72 -51.15
N GLU D 214 -12.17 -21.56 -50.13
CA GLU D 214 -13.23 -21.74 -49.12
C GLU D 214 -13.28 -20.58 -48.13
N ARG D 215 -12.13 -19.94 -47.93
CA ARG D 215 -12.02 -18.75 -47.08
C ARG D 215 -12.81 -17.57 -47.65
N GLU D 216 -13.08 -17.60 -48.96
CA GLU D 216 -13.90 -16.60 -49.64
C GLU D 216 -15.33 -17.10 -49.91
N GLU D 217 -15.55 -18.41 -49.75
CA GLU D 217 -16.89 -19.00 -49.76
C GLU D 217 -17.66 -18.55 -48.52
N LEU D 218 -16.91 -18.11 -47.52
CA LEU D 218 -17.44 -17.67 -46.24
C LEU D 218 -17.20 -16.19 -46.00
N LYS D 219 -16.09 -15.66 -46.55
CA LYS D 219 -15.79 -14.22 -46.49
C LYS D 219 -16.90 -13.44 -47.20
N LEU D 220 -17.25 -13.88 -48.41
CA LEU D 220 -18.33 -13.29 -49.20
C LEU D 220 -19.69 -13.64 -48.60
N PHE D 221 -19.80 -14.84 -48.03
CA PHE D 221 -21.05 -15.32 -47.43
C PHE D 221 -21.36 -14.60 -46.11
N ALA D 222 -20.32 -14.04 -45.48
CA ALA D 222 -20.48 -13.23 -44.27
C ALA D 222 -21.25 -11.95 -44.56
N LEU D 223 -20.94 -11.35 -45.71
CA LEU D 223 -21.55 -10.09 -46.15
C LEU D 223 -23.02 -10.23 -46.56
N ASP D 224 -23.33 -11.27 -47.34
CA ASP D 224 -24.70 -11.54 -47.78
C ASP D 224 -25.67 -11.61 -46.59
N LEU D 225 -25.18 -12.20 -45.51
CA LEU D 225 -25.97 -12.52 -44.32
C LEU D 225 -26.06 -11.36 -43.33
N LEU D 226 -24.90 -10.79 -42.97
CA LEU D 226 -24.82 -9.69 -42.01
C LEU D 226 -25.57 -8.44 -42.50
N MET D 227 -25.52 -8.20 -43.81
CA MET D 227 -26.26 -7.09 -44.44
C MET D 227 -27.72 -7.47 -44.77
N GLU D 228 -28.00 -8.78 -44.85
CA GLU D 228 -29.36 -9.30 -44.96
C GLU D 228 -30.13 -9.06 -43.66
N LEU D 229 -29.49 -9.38 -42.54
CA LEU D 229 -30.03 -9.11 -41.20
C LEU D 229 -29.71 -7.69 -40.72
N TYR D 230 -28.98 -6.94 -41.56
CA TYR D 230 -28.67 -5.55 -41.32
C TYR D 230 -29.88 -4.68 -41.61
N ASP D 231 -30.53 -4.96 -42.74
CA ASP D 231 -31.70 -4.20 -43.19
C ASP D 231 -32.97 -4.61 -42.46
N ASN D 232 -33.01 -5.85 -41.96
CA ASN D 232 -34.09 -6.29 -41.08
C ASN D 232 -33.98 -5.65 -39.70
N GLU D 233 -32.76 -5.24 -39.35
CA GLU D 233 -32.48 -4.48 -38.13
C GLU D 233 -32.77 -3.00 -38.32
N ILE D 234 -32.53 -2.50 -39.53
CA ILE D 234 -32.92 -1.14 -39.92
C ILE D 234 -34.45 -0.98 -39.77
N ARG D 235 -35.20 -1.96 -40.28
CA ARG D 235 -36.66 -2.00 -40.16
C ARG D 235 -37.07 -1.98 -38.69
N TYR D 236 -36.51 -2.89 -37.91
CA TYR D 236 -36.82 -3.03 -36.47
C TYR D 236 -36.45 -1.75 -35.70
N THR D 237 -35.34 -1.11 -36.08
CA THR D 237 -34.89 0.12 -35.44
C THR D 237 -35.86 1.29 -35.69
N GLU D 238 -36.30 1.45 -36.94
CA GLU D 238 -37.03 2.66 -37.37
C GLU D 238 -38.51 2.77 -36.94
N ALA D 239 -39.17 1.63 -36.74
CA ALA D 239 -40.55 1.60 -36.23
C ALA D 239 -40.61 1.52 -34.70
N LEU D 240 -39.43 1.40 -34.09
CA LEU D 240 -39.26 1.42 -32.63
C LEU D 240 -38.77 2.80 -32.17
N TYR D 241 -37.66 3.26 -32.76
CA TYR D 241 -37.13 4.61 -32.53
C TYR D 241 -37.81 5.65 -33.44
N ALA D 242 -39.12 5.50 -33.64
CA ALA D 242 -39.87 6.29 -34.62
C ALA D 242 -40.01 7.79 -34.27
N GLU D 243 -40.92 8.08 -33.33
CA GLU D 243 -41.25 9.44 -32.94
C GLU D 243 -40.37 9.93 -31.77
N THR D 244 -39.27 9.22 -31.54
CA THR D 244 -38.28 9.59 -30.53
C THR D 244 -37.37 10.70 -31.05
N GLY D 245 -36.73 10.43 -32.19
CA GLY D 245 -35.81 11.37 -32.82
C GLY D 245 -34.39 10.82 -32.92
N TRP D 246 -34.06 9.89 -32.01
CA TRP D 246 -32.72 9.29 -31.98
C TRP D 246 -32.70 7.97 -32.75
N VAL D 247 -33.34 7.98 -33.92
CA VAL D 247 -33.32 6.88 -34.88
C VAL D 247 -31.97 6.85 -35.62
N ASN D 248 -31.34 8.02 -35.69
CA ASN D 248 -30.11 8.21 -36.45
C ASN D 248 -28.82 8.12 -35.60
N ASP D 249 -28.98 8.25 -34.29
CA ASP D 249 -27.88 8.00 -33.36
C ASP D 249 -27.70 6.49 -33.18
N VAL D 250 -28.82 5.75 -33.22
CA VAL D 250 -28.79 4.29 -33.21
C VAL D 250 -28.40 3.76 -34.58
N LYS D 251 -28.59 4.59 -35.62
CA LYS D 251 -28.10 4.32 -36.97
C LYS D 251 -26.57 4.24 -36.96
N ALA D 252 -25.95 5.16 -36.22
CA ALA D 252 -24.49 5.19 -36.04
C ALA D 252 -24.01 4.14 -35.02
N PHE D 253 -24.91 3.68 -34.16
CA PHE D 253 -24.62 2.64 -33.16
C PHE D 253 -24.40 1.27 -33.81
N LEU D 254 -25.30 0.87 -34.72
CA LEU D 254 -25.21 -0.43 -35.39
C LEU D 254 -24.05 -0.53 -36.40
N CYS D 255 -23.59 0.61 -36.88
CA CYS D 255 -22.41 0.66 -37.76
C CYS D 255 -21.11 0.72 -36.95
N TYR D 256 -21.25 0.83 -35.63
CA TYR D 256 -20.13 0.86 -34.69
C TYR D 256 -19.80 -0.55 -34.21
N ASN D 257 -20.82 -1.25 -33.69
CA ASN D 257 -20.65 -2.58 -33.10
C ASN D 257 -20.66 -3.72 -34.13
N ALA D 258 -21.13 -3.42 -35.33
CA ALA D 258 -21.03 -4.36 -36.45
C ALA D 258 -19.67 -4.23 -37.13
N ASN D 259 -18.94 -3.18 -36.76
CA ASN D 259 -17.53 -3.03 -37.09
C ASN D 259 -16.68 -3.70 -36.01
N LYS D 260 -17.29 -3.88 -34.83
CA LYS D 260 -16.74 -4.69 -33.75
C LYS D 260 -17.17 -6.17 -33.88
N ALA D 261 -18.29 -6.39 -34.56
CA ALA D 261 -18.77 -7.75 -34.89
C ALA D 261 -17.90 -8.36 -36.00
N LEU D 262 -17.54 -7.55 -36.98
CA LEU D 262 -16.59 -7.91 -38.01
C LEU D 262 -15.22 -8.15 -37.40
N MET D 263 -14.83 -7.27 -36.48
CA MET D 263 -13.62 -7.43 -35.66
C MET D 263 -13.69 -8.73 -34.86
N ASN D 264 -14.89 -9.11 -34.42
CA ASN D 264 -15.12 -10.35 -33.70
C ASN D 264 -15.26 -11.54 -34.63
N LEU D 265 -14.41 -11.58 -35.66
CA LEU D 265 -14.31 -12.69 -36.58
C LEU D 265 -12.94 -12.68 -37.27
N GLY D 266 -12.27 -11.53 -37.20
CA GLY D 266 -10.97 -11.33 -37.82
C GLY D 266 -10.95 -10.45 -39.06
N TYR D 267 -12.15 -10.19 -39.61
CA TYR D 267 -12.32 -9.42 -40.85
C TYR D 267 -12.04 -7.93 -40.64
N GLU D 268 -12.27 -7.13 -41.67
CA GLU D 268 -12.09 -5.67 -41.58
C GLU D 268 -13.42 -4.91 -41.51
N ALA D 269 -13.42 -3.83 -40.73
CA ALA D 269 -14.59 -2.99 -40.49
C ALA D 269 -15.12 -2.29 -41.76
N LEU D 270 -16.45 -2.28 -41.92
CA LEU D 270 -17.10 -1.88 -43.18
C LEU D 270 -17.46 -0.40 -43.32
N PHE D 271 -17.90 0.23 -42.23
CA PHE D 271 -18.48 1.58 -42.30
C PHE D 271 -17.55 2.71 -41.83
N PRO D 272 -17.42 3.75 -42.67
CA PRO D 272 -16.36 4.76 -42.56
C PRO D 272 -16.42 5.70 -41.33
N PRO D 273 -15.51 6.69 -41.22
CA PRO D 273 -15.53 7.64 -40.10
C PRO D 273 -16.91 8.23 -39.84
N GLU D 274 -17.63 8.58 -40.91
CA GLU D 274 -18.91 9.28 -40.82
C GLU D 274 -20.13 8.41 -40.44
N MET D 275 -19.97 7.09 -40.53
CA MET D 275 -21.08 6.18 -40.22
C MET D 275 -20.91 5.46 -38.87
N ALA D 276 -19.67 5.31 -38.40
CA ALA D 276 -19.39 4.61 -37.15
C ALA D 276 -19.20 5.52 -35.92
N ASP D 277 -19.18 6.84 -36.15
CA ASP D 277 -19.05 7.84 -35.09
C ASP D 277 -20.43 8.26 -34.55
N VAL D 278 -20.62 8.07 -33.24
CA VAL D 278 -21.92 8.27 -32.60
C VAL D 278 -21.89 9.35 -31.51
N ASN D 279 -22.67 9.11 -30.45
CA ASN D 279 -22.70 9.92 -29.23
C ASN D 279 -21.54 9.54 -28.30
N PRO D 280 -20.62 10.49 -28.05
CA PRO D 280 -19.47 10.22 -27.16
C PRO D 280 -19.85 10.16 -25.67
N ALA D 281 -21.07 10.57 -25.32
CA ALA D 281 -21.57 10.48 -23.94
C ALA D 281 -22.28 9.14 -23.64
N ILE D 282 -22.59 8.39 -24.70
CA ILE D 282 -23.12 7.03 -24.60
C ILE D 282 -22.01 6.00 -24.36
N LEU D 283 -20.86 6.20 -25.02
CA LEU D 283 -19.70 5.31 -24.90
C LEU D 283 -18.94 5.52 -23.59
N ALA D 284 -19.03 6.73 -23.05
CA ALA D 284 -18.42 7.06 -21.74
C ALA D 284 -19.14 6.30 -20.64
N ALA D 285 -20.47 6.20 -20.77
CA ALA D 285 -21.28 5.33 -19.90
C ALA D 285 -21.37 3.93 -20.53
N LEU D 286 -20.23 3.23 -20.55
CA LEU D 286 -20.13 1.86 -21.09
C LEU D 286 -19.53 0.90 -20.07
PG DGT E . 4.89 28.64 11.33
O1G DGT E . 5.39 29.67 12.41
O2G DGT E . 3.51 29.15 10.70
O3G DGT E . 4.79 27.23 12.06
O3B DGT E . 5.94 28.54 10.13
PB DGT E . 7.08 27.39 10.20
O1B DGT E . 7.74 27.54 11.66
O2B DGT E . 8.04 27.55 8.95
O3A DGT E . 6.25 25.97 10.15
PA DGT E . 6.68 24.58 10.80
O1A DGT E . 7.86 23.93 9.95
O2A DGT E . 7.14 24.74 12.30
O5' DGT E . 5.46 23.54 10.68
C5' DGT E . 4.18 23.74 11.31
C4' DGT E . 3.17 22.72 10.75
O4' DGT E . 2.84 23.01 9.38
C3' DGT E . 3.78 21.36 10.77
O3' DGT E . 2.84 20.52 11.45
C2' DGT E . 3.80 20.87 9.35
C1' DGT E . 3.23 21.96 8.50
N9 DGT E . 4.20 22.56 7.58
C8 DGT E . 5.12 23.53 7.80
N7 DGT E . 5.86 23.82 6.68
C5 DGT E . 5.38 23.01 5.71
C6 DGT E . 5.61 22.69 4.28
O6 DGT E . 6.49 23.31 3.64
N1 DGT E . 4.89 21.75 3.66
C2 DGT E . 3.92 21.04 4.27
N2 DGT E . 3.24 20.12 3.56
N3 DGT E . 3.61 21.22 5.58
C4 DGT E . 4.34 22.22 6.32
MG MG F . 6.02 26.44 13.42
PG DGT G . 23.13 -5.15 10.97
O1G DGT G . 24.20 -6.29 11.14
O2G DGT G . 21.99 -5.62 9.96
O3G DGT G . 23.86 -3.84 10.47
O3B DGT G . 22.41 -4.84 12.37
PB DGT G . 21.77 -3.38 12.65
O1B DGT G . 23.01 -2.35 12.74
O2B DGT G . 20.82 -3.47 13.94
O3A DGT G . 20.90 -2.99 11.31
PA DGT G . 20.91 -1.55 10.63
O1A DGT G . 20.07 -0.49 11.47
O2A DGT G . 22.38 -0.99 10.50
O5' DGT G . 20.24 -1.72 9.19
C5' DGT G . 21.00 -2.29 8.11
C4' DGT G . 20.19 -2.25 6.80
O4' DGT G . 19.08 -3.17 6.86
C3' DGT G . 19.64 -0.88 6.55
O3' DGT G . 20.08 -0.49 5.24
C2' DGT G . 18.16 -1.04 6.45
C1' DGT G . 17.83 -2.49 6.67
N9 DGT G . 17.05 -2.75 7.89
C8 DGT G . 17.38 -2.56 9.19
N7 DGT G . 16.37 -2.90 10.05
C5 DGT G . 15.35 -3.31 9.26
C6 DGT G . 13.97 -3.82 9.37
O6 DGT G . 13.47 -3.95 10.50
N1 DGT G . 13.25 -4.14 8.27
C2 DGT G . 13.74 -4.02 7.03
N2 DGT G . 12.94 -4.37 5.99
N3 DGT G . 14.99 -3.57 6.78
C4 DGT G . 15.81 -3.20 7.89
MG MG H . 24.05 -1.92 10.89
FE FE I . -21.81 -33.15 -10.17
FE FE J . -25.52 -33.12 -10.41
FE FE K . -26.82 -12.96 -23.23
FE FE L . -24.15 -14.14 -25.29
#